data_4P13
#
_entry.id   4P13
#
_cell.length_a   95.270
_cell.length_b   102.590
_cell.length_c   149.650
_cell.angle_alpha   90.00
_cell.angle_beta   90.00
_cell.angle_gamma   90.00
#
_symmetry.space_group_name_H-M   'P 21 21 21'
#
loop_
_entity.id
_entity.type
_entity.pdbx_description
1 polymer 'Medium-chain specific acyl-CoA dehydrogenase, mitochondrial'
2 non-polymer 'FLAVIN-ADENINE DINUCLEOTIDE'
3 water water
#
_entity_poly.entity_id   1
_entity_poly.type   'polypeptide(L)'
_entity_poly.pdbx_seq_one_letter_code
;LGFSFEFTEQQKEFQATARKFAREEIIPVAAEYDKTGEYPVPLIRRAWELGLMNTHIPENCGGLGLGTFDACLISEELAY
GCTGVQTAIEGNSLGQMPIIIAGNDQQKKKYLGRMTEEPLMCAYCVTEPGAGSDVAGIKTKAEKKGDEYIINGQKMWITN
GGKANWYFLLARSDPDPKAPANKAFTGFIVEADTPGIQIGRKELNMGQRCSDTRGIVFEDVKVPKENVLIGDGAGFKVAM
GAFDKTRPVVAAGAVGLAQRALDEATKYALERKTFGKLLVEHQAISFMLAEMAMEVELARMSYQRAAWEVDSGRRNTYYA
SIAKAFAGDIANQLATDAVQILGGNGFNTEYPVEKLMRDAKIYQIYEGTSQIQRLIVAREHIDKYKN
;
_entity_poly.pdbx_strand_id   A,B,C,D
#
loop_
_chem_comp.id
_chem_comp.type
_chem_comp.name
_chem_comp.formula
FAD non-polymer 'FLAVIN-ADENINE DINUCLEOTIDE' 'C27 H33 N9 O15 P2'
#
# COMPACT_ATOMS: atom_id res chain seq x y z
N LEU A 1 22.28 29.14 -13.27
CA LEU A 1 21.01 29.14 -12.55
C LEU A 1 19.85 28.69 -13.46
N GLY A 2 18.87 28.08 -12.82
CA GLY A 2 17.72 27.49 -13.50
C GLY A 2 17.89 25.99 -13.45
N PHE A 3 16.78 25.24 -13.40
CA PHE A 3 16.88 23.79 -13.32
C PHE A 3 17.43 23.20 -14.59
N SER A 4 18.07 22.04 -14.44
CA SER A 4 18.58 21.28 -15.57
C SER A 4 18.57 19.83 -15.20
N PHE A 5 18.14 18.98 -16.15
CA PHE A 5 18.18 17.52 -15.95
C PHE A 5 19.04 16.90 -17.07
N GLU A 6 20.08 17.64 -17.50
CA GLU A 6 20.98 17.14 -18.53
C GLU A 6 22.37 16.92 -17.98
N PHE A 7 22.95 15.72 -18.19
CA PHE A 7 24.32 15.45 -17.76
C PHE A 7 25.32 16.31 -18.57
N THR A 8 26.53 16.51 -18.03
CA THR A 8 27.59 17.19 -18.78
C THR A 8 28.12 16.15 -19.76
N GLU A 9 28.89 16.57 -20.77
CA GLU A 9 29.48 15.65 -21.73
C GLU A 9 30.40 14.64 -21.05
N GLN A 10 31.20 15.09 -20.06
CA GLN A 10 32.08 14.19 -19.29
C GLN A 10 31.26 13.12 -18.57
N GLN A 11 30.12 13.52 -17.97
CA GLN A 11 29.24 12.58 -17.28
C GLN A 11 28.64 11.54 -18.23
N LYS A 12 28.29 11.96 -19.47
CA LYS A 12 27.77 11.01 -20.47
C LYS A 12 28.85 9.97 -20.84
N GLU A 13 30.12 10.41 -20.89
CA GLU A 13 31.26 9.53 -21.18
C GLU A 13 31.47 8.51 -20.04
N PHE A 14 31.42 8.95 -18.76
CA PHE A 14 31.55 8.04 -17.61
C PHE A 14 30.40 7.03 -17.64
N GLN A 15 29.17 7.53 -17.89
CA GLN A 15 27.98 6.66 -17.92
C GLN A 15 28.15 5.59 -19.00
N ALA A 16 28.60 5.99 -20.20
CA ALA A 16 28.81 5.06 -21.33
C ALA A 16 29.84 3.99 -20.98
N THR A 17 30.96 4.38 -20.33
CA THR A 17 32.01 3.43 -19.92
C THR A 17 31.45 2.44 -18.91
N ALA A 18 30.74 2.95 -17.88
CA ALA A 18 30.19 2.08 -16.83
C ALA A 18 29.11 1.15 -17.41
N ARG A 19 28.28 1.66 -18.33
CA ARG A 19 27.20 0.87 -18.92
C ARG A 19 27.76 -0.27 -19.79
N LYS A 20 28.78 0.04 -20.61
CA LYS A 20 29.42 -0.95 -21.48
C LYS A 20 30.04 -2.04 -20.60
N PHE A 21 30.73 -1.65 -19.53
CA PHE A 21 31.34 -2.59 -18.60
C PHE A 21 30.29 -3.46 -17.92
N ALA A 22 29.19 -2.86 -17.43
CA ALA A 22 28.16 -3.65 -16.76
C ALA A 22 27.49 -4.64 -17.72
N ARG A 23 27.20 -4.20 -18.94
CA ARG A 23 26.46 -5.03 -19.87
C ARG A 23 27.30 -6.12 -20.54
N GLU A 24 28.58 -5.83 -20.82
CA GLU A 24 29.46 -6.80 -21.48
C GLU A 24 30.26 -7.67 -20.54
N GLU A 25 30.59 -7.14 -19.35
CA GLU A 25 31.45 -7.89 -18.42
C GLU A 25 30.77 -8.39 -17.17
N ILE A 26 29.93 -7.56 -16.54
CA ILE A 26 29.26 -7.99 -15.30
C ILE A 26 28.09 -8.94 -15.58
N ILE A 27 27.11 -8.50 -16.40
CA ILE A 27 25.89 -9.28 -16.62
C ILE A 27 26.13 -10.76 -17.00
N PRO A 28 27.06 -11.06 -17.93
CA PRO A 28 27.24 -12.46 -18.33
C PRO A 28 27.80 -13.40 -17.27
N VAL A 29 28.42 -12.85 -16.21
CA VAL A 29 29.01 -13.68 -15.15
C VAL A 29 28.35 -13.52 -13.80
N ALA A 30 27.47 -12.53 -13.62
CA ALA A 30 26.85 -12.28 -12.30
C ALA A 30 26.11 -13.49 -11.72
N ALA A 31 25.39 -14.28 -12.57
CA ALA A 31 24.68 -15.44 -12.01
C ALA A 31 25.66 -16.47 -11.46
N GLU A 32 26.82 -16.65 -12.12
CA GLU A 32 27.82 -17.61 -11.66
C GLU A 32 28.42 -17.14 -10.34
N TYR A 33 28.77 -15.83 -10.21
CA TYR A 33 29.33 -15.34 -8.95
C TYR A 33 28.31 -15.44 -7.81
N ASP A 34 27.01 -15.26 -8.11
CA ASP A 34 25.96 -15.38 -7.10
C ASP A 34 25.84 -16.85 -6.63
N LYS A 35 26.03 -17.81 -7.55
CA LYS A 35 25.94 -19.24 -7.25
C LYS A 35 27.13 -19.69 -6.38
N THR A 36 28.35 -19.25 -6.74
CA THR A 36 29.55 -19.71 -6.05
C THR A 36 29.90 -18.89 -4.83
N GLY A 37 29.48 -17.62 -4.82
CA GLY A 37 29.85 -16.68 -3.75
C GLY A 37 31.32 -16.26 -3.84
N GLU A 38 31.98 -16.54 -4.97
CA GLU A 38 33.39 -16.17 -5.18
C GLU A 38 33.52 -14.63 -5.22
N TYR A 39 34.54 -14.07 -4.53
CA TYR A 39 34.76 -12.61 -4.56
C TYR A 39 35.15 -12.25 -6.01
N PRO A 40 34.47 -11.26 -6.63
CA PRO A 40 34.65 -10.99 -8.07
C PRO A 40 35.90 -10.19 -8.43
N VAL A 41 37.08 -10.71 -8.07
CA VAL A 41 38.36 -10.04 -8.28
C VAL A 41 38.55 -9.54 -9.73
N PRO A 42 38.32 -10.36 -10.80
CA PRO A 42 38.53 -9.85 -12.16
C PRO A 42 37.69 -8.62 -12.50
N LEU A 43 36.44 -8.57 -12.02
CA LEU A 43 35.55 -7.43 -12.29
C LEU A 43 35.99 -6.21 -11.52
N ILE A 44 36.39 -6.41 -10.26
CA ILE A 44 36.87 -5.27 -9.44
C ILE A 44 38.13 -4.69 -10.08
N ARG A 45 39.08 -5.54 -10.46
CA ARG A 45 40.30 -5.05 -11.11
C ARG A 45 40.01 -4.30 -12.41
N ARG A 46 39.05 -4.81 -13.23
CA ARG A 46 38.67 -4.15 -14.48
C ARG A 46 37.99 -2.80 -14.20
N ALA A 47 37.10 -2.73 -13.17
CA ALA A 47 36.44 -1.47 -12.80
C ALA A 47 37.50 -0.45 -12.37
N TRP A 48 38.52 -0.90 -11.62
CA TRP A 48 39.60 -0.02 -11.18
C TRP A 48 40.37 0.53 -12.39
N GLU A 49 40.72 -0.35 -13.33
CA GLU A 49 41.44 0.01 -14.56
C GLU A 49 40.66 1.02 -15.41
N LEU A 50 39.32 0.91 -15.42
CA LEU A 50 38.45 1.79 -16.19
C LEU A 50 38.16 3.13 -15.52
N GLY A 51 38.64 3.31 -14.29
CA GLY A 51 38.43 4.55 -13.55
C GLY A 51 37.06 4.62 -12.91
N LEU A 52 36.45 3.45 -12.60
CA LEU A 52 35.11 3.38 -12.02
C LEU A 52 35.08 3.10 -10.52
N MET A 53 36.26 3.01 -9.87
N MET A 53 36.25 3.16 -9.89
CA MET A 53 36.36 2.73 -8.42
CA MET A 53 36.41 2.87 -8.47
C MET A 53 37.15 3.86 -7.77
C MET A 53 37.06 4.04 -7.80
N ASN A 54 36.88 4.15 -6.47
CA ASN A 54 37.56 5.22 -5.67
C ASN A 54 37.39 6.61 -6.31
N THR A 55 36.23 6.87 -6.94
CA THR A 55 36.06 8.11 -7.71
C THR A 55 36.18 9.39 -6.92
N HIS A 56 35.91 9.35 -5.61
CA HIS A 56 35.95 10.57 -4.79
C HIS A 56 37.37 10.99 -4.37
N ILE A 57 38.38 10.12 -4.57
CA ILE A 57 39.73 10.49 -4.15
C ILE A 57 40.19 11.77 -4.86
N PRO A 58 40.65 12.79 -4.11
CA PRO A 58 41.07 14.05 -4.77
C PRO A 58 42.19 13.88 -5.78
N GLU A 59 42.22 14.76 -6.78
CA GLU A 59 43.26 14.76 -7.81
C GLU A 59 44.67 14.91 -7.22
N ASN A 60 44.81 15.64 -6.09
CA ASN A 60 46.13 15.80 -5.47
C ASN A 60 46.66 14.53 -4.78
N CYS A 61 45.81 13.47 -4.67
CA CYS A 61 46.19 12.14 -4.13
C CYS A 61 46.30 11.12 -5.25
N GLY A 62 46.21 11.61 -6.49
CA GLY A 62 46.30 10.76 -7.68
C GLY A 62 44.96 10.22 -8.12
N GLY A 63 43.88 10.74 -7.54
CA GLY A 63 42.54 10.27 -7.86
C GLY A 63 41.85 11.05 -8.96
N LEU A 64 40.64 10.64 -9.31
CA LEU A 64 39.86 11.32 -10.34
C LEU A 64 39.21 12.62 -9.85
N GLY A 65 39.02 12.75 -8.54
CA GLY A 65 38.42 13.94 -7.94
C GLY A 65 37.00 14.18 -8.42
N LEU A 66 36.23 13.10 -8.60
CA LEU A 66 34.84 13.27 -9.06
C LEU A 66 33.95 13.58 -7.86
N GLY A 67 32.76 14.07 -8.12
CA GLY A 67 31.80 14.37 -7.06
C GLY A 67 30.85 13.23 -6.80
N THR A 68 29.91 13.47 -5.87
CA THR A 68 28.90 12.48 -5.49
C THR A 68 27.98 12.21 -6.67
N PHE A 69 27.62 13.25 -7.45
CA PHE A 69 26.73 13.04 -8.60
C PHE A 69 27.37 12.04 -9.60
N ASP A 70 28.66 12.21 -9.86
CA ASP A 70 29.41 11.33 -10.78
C ASP A 70 29.48 9.91 -10.21
N ALA A 71 29.74 9.77 -8.90
CA ALA A 71 29.80 8.43 -8.27
C ALA A 71 28.44 7.74 -8.38
N CYS A 72 27.32 8.50 -8.22
CA CYS A 72 25.98 7.91 -8.30
C CYS A 72 25.70 7.38 -9.69
N LEU A 73 26.01 8.19 -10.73
CA LEU A 73 25.70 7.74 -12.08
C LEU A 73 26.47 6.48 -12.47
N ILE A 74 27.70 6.35 -11.97
CA ILE A 74 28.52 5.15 -12.19
C ILE A 74 27.92 4.00 -11.44
N SER A 75 27.59 4.22 -10.14
CA SER A 75 27.02 3.21 -9.26
CA SER A 75 27.02 3.19 -9.29
C SER A 75 25.74 2.63 -9.85
N GLU A 76 24.85 3.49 -10.40
CA GLU A 76 23.61 2.96 -10.98
C GLU A 76 23.91 1.97 -12.11
N GLU A 77 24.87 2.31 -12.98
CA GLU A 77 25.20 1.44 -14.11
C GLU A 77 25.80 0.11 -13.63
N LEU A 78 26.68 0.13 -12.62
CA LEU A 78 27.30 -1.12 -12.12
C LEU A 78 26.26 -2.00 -11.47
N ALA A 79 25.38 -1.38 -10.64
CA ALA A 79 24.32 -2.07 -9.90
C ALA A 79 23.33 -2.77 -10.84
N TYR A 80 23.07 -2.15 -12.00
CA TYR A 80 22.19 -2.73 -13.01
C TYR A 80 22.72 -4.11 -13.39
N GLY A 81 24.06 -4.24 -13.50
CA GLY A 81 24.73 -5.50 -13.76
C GLY A 81 24.63 -6.43 -12.57
N CYS A 82 25.10 -5.98 -11.39
CA CYS A 82 25.04 -6.82 -10.17
C CYS A 82 25.33 -5.94 -8.97
N THR A 83 24.43 -5.96 -7.97
CA THR A 83 24.69 -5.17 -6.77
C THR A 83 25.69 -5.86 -5.83
N GLY A 84 25.93 -7.16 -6.03
CA GLY A 84 26.98 -7.84 -5.27
C GLY A 84 28.32 -7.25 -5.68
N VAL A 85 28.55 -7.17 -6.99
CA VAL A 85 29.78 -6.58 -7.53
C VAL A 85 29.84 -5.08 -7.18
N GLN A 86 28.73 -4.35 -7.39
CA GLN A 86 28.69 -2.91 -7.09
C GLN A 86 28.92 -2.62 -5.60
N THR A 87 28.40 -3.48 -4.68
CA THR A 87 28.62 -3.25 -3.24
C THR A 87 30.10 -3.40 -2.86
N ALA A 88 30.80 -4.36 -3.48
CA ALA A 88 32.24 -4.55 -3.21
C ALA A 88 33.00 -3.28 -3.63
N ILE A 89 32.68 -2.76 -4.83
CA ILE A 89 33.30 -1.55 -5.35
C ILE A 89 32.96 -0.33 -4.51
N GLU A 90 31.67 -0.17 -4.17
CA GLU A 90 31.17 0.95 -3.35
C GLU A 90 31.73 0.89 -1.94
N GLY A 91 31.99 -0.32 -1.44
CA GLY A 91 32.58 -0.51 -0.13
C GLY A 91 33.86 0.31 0.03
N ASN A 92 34.64 0.43 -1.07
CA ASN A 92 35.86 1.25 -1.03
C ASN A 92 35.52 2.69 -0.73
N SER A 93 34.46 3.23 -1.38
CA SER A 93 34.07 4.61 -1.12
C SER A 93 33.57 4.83 0.30
N LEU A 94 32.91 3.82 0.89
CA LEU A 94 32.41 3.89 2.29
C LEU A 94 33.57 3.98 3.27
N GLY A 95 34.60 3.17 3.05
CA GLY A 95 35.79 3.20 3.90
C GLY A 95 36.61 4.46 3.73
N GLN A 96 36.70 4.95 2.48
CA GLN A 96 37.50 6.16 2.18
C GLN A 96 36.86 7.45 2.62
N MET A 97 35.51 7.52 2.62
CA MET A 97 34.81 8.78 2.90
C MET A 97 35.24 9.50 4.16
N PRO A 98 35.41 8.83 5.34
CA PRO A 98 35.87 9.57 6.53
C PRO A 98 37.26 10.19 6.32
N ILE A 99 38.15 9.53 5.53
CA ILE A 99 39.47 10.10 5.27
C ILE A 99 39.36 11.27 4.32
N ILE A 100 38.56 11.13 3.27
CA ILE A 100 38.40 12.23 2.30
C ILE A 100 37.87 13.49 3.00
N ILE A 101 36.85 13.35 3.87
CA ILE A 101 36.22 14.50 4.54
C ILE A 101 36.96 15.00 5.79
N ALA A 102 37.67 14.11 6.51
CA ALA A 102 38.27 14.51 7.78
C ALA A 102 39.77 14.20 7.94
N GLY A 103 40.37 13.57 6.94
CA GLY A 103 41.80 13.26 7.00
C GLY A 103 42.66 14.49 6.82
N ASN A 104 43.86 14.46 7.41
CA ASN A 104 44.81 15.57 7.19
C ASN A 104 45.60 15.19 5.92
N ASP A 105 46.51 16.06 5.44
CA ASP A 105 47.27 15.79 4.21
C ASP A 105 48.05 14.50 4.23
N GLN A 106 48.71 14.18 5.36
CA GLN A 106 49.52 12.97 5.51
C GLN A 106 48.65 11.70 5.40
N GLN A 107 47.52 11.69 6.11
CA GLN A 107 46.59 10.55 6.11
C GLN A 107 46.03 10.33 4.71
N LYS A 108 45.67 11.42 4.00
CA LYS A 108 45.11 11.29 2.65
C LYS A 108 46.18 10.80 1.67
N LYS A 109 47.38 11.39 1.68
CA LYS A 109 48.44 10.95 0.78
C LYS A 109 48.77 9.47 1.00
N LYS A 110 48.86 9.03 2.28
CA LYS A 110 49.24 7.65 2.61
C LYS A 110 48.13 6.65 2.26
N TYR A 111 46.92 6.87 2.80
CA TYR A 111 45.84 5.92 2.67
C TYR A 111 44.99 5.99 1.43
N LEU A 112 44.79 7.19 0.89
CA LEU A 112 44.08 7.33 -0.36
C LEU A 112 45.03 7.15 -1.53
N GLY A 113 46.26 7.71 -1.43
CA GLY A 113 47.25 7.60 -2.49
C GLY A 113 47.52 6.15 -2.89
N ARG A 114 47.61 5.24 -1.91
CA ARG A 114 47.85 3.82 -2.24
C ARG A 114 46.74 3.18 -3.09
N MET A 115 45.48 3.68 -2.94
CA MET A 115 44.32 3.14 -3.67
C MET A 115 44.34 3.52 -5.13
N THR A 116 45.04 4.61 -5.47
CA THR A 116 45.11 5.07 -6.87
C THR A 116 46.21 4.35 -7.63
N GLU A 117 47.12 3.68 -6.91
CA GLU A 117 48.27 2.96 -7.46
C GLU A 117 47.98 1.49 -7.73
N GLU A 118 47.14 0.86 -6.91
CA GLU A 118 46.77 -0.55 -7.07
C GLU A 118 45.32 -0.72 -6.67
N PRO A 119 44.63 -1.77 -7.20
CA PRO A 119 43.22 -1.99 -6.84
C PRO A 119 43.06 -2.63 -5.46
N LEU A 120 43.60 -1.98 -4.43
CA LEU A 120 43.43 -2.43 -3.04
C LEU A 120 41.98 -2.16 -2.64
N MET A 121 41.47 -2.89 -1.62
CA MET A 121 40.15 -2.62 -1.11
C MET A 121 40.30 -1.98 0.27
N CYS A 122 39.24 -1.36 0.75
CA CYS A 122 39.20 -0.89 2.12
C CYS A 122 37.77 -1.10 2.63
N ALA A 123 37.55 -0.81 3.89
CA ALA A 123 36.26 -1.13 4.50
C ALA A 123 36.02 -0.18 5.65
N TYR A 124 34.79 -0.14 6.13
CA TYR A 124 34.47 0.70 7.27
C TYR A 124 33.81 -0.14 8.33
N CYS A 125 34.26 0.00 9.57
CA CYS A 125 33.85 -0.81 10.73
C CYS A 125 33.15 0.01 11.77
N VAL A 126 31.84 -0.02 11.78
CA VAL A 126 31.08 0.68 12.80
C VAL A 126 30.22 -0.35 13.53
N THR A 127 29.42 -1.13 12.76
CA THR A 127 28.46 -2.07 13.34
C THR A 127 29.09 -3.15 14.18
N GLU A 128 28.41 -3.50 15.28
CA GLU A 128 28.83 -4.56 16.19
C GLU A 128 27.71 -5.55 16.34
N PRO A 129 27.96 -6.77 16.87
CA PRO A 129 26.84 -7.71 17.07
C PRO A 129 25.72 -7.13 17.92
N GLY A 130 26.08 -6.28 18.89
CA GLY A 130 25.10 -5.70 19.81
C GLY A 130 24.44 -4.41 19.36
N ALA A 131 24.98 -3.76 18.30
CA ALA A 131 24.47 -2.44 17.88
C ALA A 131 24.85 -2.12 16.46
N GLY A 132 23.84 -1.79 15.68
CA GLY A 132 23.99 -1.45 14.27
C GLY A 132 23.31 -0.13 13.98
N SER A 133 21.98 -0.08 14.15
CA SER A 133 21.24 1.17 13.95
C SER A 133 21.66 2.19 15.00
N ASP A 134 21.87 1.72 16.23
CA ASP A 134 22.19 2.58 17.37
C ASP A 134 23.69 2.77 17.49
N VAL A 135 24.23 3.67 16.67
CA VAL A 135 25.69 3.97 16.62
C VAL A 135 26.21 4.41 17.99
N ALA A 136 25.41 5.21 18.70
CA ALA A 136 25.81 5.67 20.04
C ALA A 136 25.89 4.51 21.06
N GLY A 137 25.43 3.32 20.66
CA GLY A 137 25.45 2.13 21.52
C GLY A 137 26.67 1.25 21.29
N ILE A 138 27.60 1.65 20.42
CA ILE A 138 28.78 0.82 20.17
C ILE A 138 29.67 0.71 21.41
N LYS A 139 30.26 -0.50 21.61
CA LYS A 139 31.03 -0.78 22.82
C LYS A 139 32.49 -1.10 22.58
N THR A 140 32.93 -1.20 21.31
CA THR A 140 34.36 -1.42 20.99
C THR A 140 35.10 -0.31 21.70
N LYS A 141 36.12 -0.69 22.48
CA LYS A 141 36.85 0.23 23.33
C LYS A 141 38.15 0.67 22.66
N ALA A 142 38.51 1.95 22.83
CA ALA A 142 39.78 2.50 22.37
C ALA A 142 40.35 3.16 23.63
N GLU A 143 41.42 2.58 24.19
CA GLU A 143 42.05 3.11 25.40
C GLU A 143 43.32 3.84 25.00
N LYS A 144 43.40 5.14 25.30
CA LYS A 144 44.59 5.92 24.95
C LYS A 144 45.71 5.54 25.90
N LYS A 145 46.86 5.14 25.34
CA LYS A 145 48.05 4.75 26.09
C LYS A 145 49.26 5.45 25.46
N GLY A 146 49.47 6.70 25.85
CA GLY A 146 50.54 7.55 25.37
C GLY A 146 50.29 7.93 23.92
N ASP A 147 51.17 7.47 23.02
CA ASP A 147 51.22 7.70 21.57
C ASP A 147 50.33 6.76 20.74
N GLU A 148 49.60 5.90 21.43
CA GLU A 148 48.76 4.96 20.72
C GLU A 148 47.49 4.65 21.46
N TYR A 149 46.55 4.01 20.77
CA TYR A 149 45.29 3.57 21.36
C TYR A 149 45.25 2.09 21.28
N ILE A 150 44.73 1.44 22.30
CA ILE A 150 44.59 -0.02 22.29
C ILE A 150 43.11 -0.28 22.00
N ILE A 151 42.80 -1.04 20.96
CA ILE A 151 41.41 -1.32 20.59
C ILE A 151 41.01 -2.73 20.97
N ASN A 152 39.83 -2.86 21.57
CA ASN A 152 39.28 -4.16 21.92
C ASN A 152 37.79 -4.16 21.61
N GLY A 153 37.38 -5.07 20.74
CA GLY A 153 35.97 -5.22 20.45
C GLY A 153 35.72 -6.03 19.21
N GLN A 154 34.47 -6.25 18.91
CA GLN A 154 34.10 -7.07 17.76
C GLN A 154 33.22 -6.24 16.85
N LYS A 155 33.47 -6.30 15.54
CA LYS A 155 32.66 -5.62 14.53
C LYS A 155 31.98 -6.70 13.71
N MET A 156 30.83 -6.36 13.11
CA MET A 156 30.07 -7.40 12.41
C MET A 156 29.52 -6.84 11.12
N TRP A 157 29.34 -7.72 10.13
CA TRP A 157 28.78 -7.42 8.81
C TRP A 157 29.64 -6.44 8.02
N ILE A 158 30.95 -6.60 8.07
CA ILE A 158 31.85 -5.64 7.39
C ILE A 158 32.02 -5.97 5.90
N THR A 159 31.53 -5.04 5.04
CA THR A 159 31.70 -5.21 3.58
C THR A 159 33.19 -5.11 3.26
N ASN A 160 33.73 -6.08 2.47
CA ASN A 160 35.18 -6.16 2.15
C ASN A 160 36.02 -6.42 3.40
N GLY A 161 35.37 -6.94 4.44
CA GLY A 161 36.01 -7.20 5.73
C GLY A 161 37.25 -8.06 5.63
N GLY A 162 37.22 -9.04 4.73
CA GLY A 162 38.36 -9.93 4.60
C GLY A 162 39.27 -9.63 3.44
N LYS A 163 39.03 -8.50 2.76
CA LYS A 163 39.78 -8.12 1.56
C LYS A 163 40.45 -6.76 1.71
N ALA A 164 40.13 -6.05 2.79
CA ALA A 164 40.60 -4.68 3.02
C ALA A 164 42.09 -4.58 3.32
N ASN A 165 42.72 -3.51 2.80
CA ASN A 165 44.11 -3.19 3.10
C ASN A 165 44.14 -2.39 4.42
N TRP A 166 43.06 -1.65 4.68
CA TRP A 166 42.91 -0.83 5.89
C TRP A 166 41.43 -0.59 6.15
N TYR A 167 41.10 -0.21 7.35
CA TYR A 167 39.73 0.05 7.79
C TYR A 167 39.58 1.42 8.37
N PHE A 168 38.41 2.00 8.21
CA PHE A 168 37.99 3.12 9.02
C PHE A 168 37.34 2.39 10.21
N LEU A 169 37.65 2.78 11.44
CA LEU A 169 37.06 2.10 12.59
C LEU A 169 36.50 3.14 13.56
N LEU A 170 35.29 2.90 14.07
CA LEU A 170 34.72 3.80 15.09
C LEU A 170 34.73 3.03 16.42
N ALA A 171 35.27 3.64 17.48
CA ALA A 171 35.35 3.01 18.79
C ALA A 171 35.02 4.01 19.89
N ARG A 172 34.53 3.49 21.02
CA ARG A 172 34.23 4.31 22.19
C ARG A 172 35.53 4.63 22.93
N SER A 173 35.90 5.91 23.01
CA SER A 173 37.14 6.36 23.66
C SER A 173 36.91 6.96 25.05
N ASP A 174 35.66 7.33 25.37
CA ASP A 174 35.35 7.88 26.69
C ASP A 174 34.65 6.80 27.54
N PRO A 175 35.31 6.31 28.62
CA PRO A 175 34.69 5.25 29.45
C PRO A 175 33.50 5.71 30.30
N ASP A 176 33.36 7.04 30.51
CA ASP A 176 32.26 7.65 31.26
C ASP A 176 30.92 7.33 30.58
N PRO A 177 29.97 6.63 31.25
CA PRO A 177 28.68 6.29 30.59
C PRO A 177 27.78 7.48 30.32
N LYS A 178 28.04 8.63 30.96
CA LYS A 178 27.27 9.85 30.79
C LYS A 178 27.84 10.75 29.68
N ALA A 179 28.96 10.31 29.03
CA ALA A 179 29.57 11.11 27.97
C ALA A 179 28.63 11.19 26.75
N PRO A 180 28.33 12.40 26.26
CA PRO A 180 27.43 12.52 25.09
C PRO A 180 28.08 11.93 23.85
N ALA A 181 27.24 11.50 22.89
CA ALA A 181 27.69 10.88 21.64
C ALA A 181 28.73 11.73 20.89
N ASN A 182 28.59 13.08 20.92
CA ASN A 182 29.52 13.96 20.23
C ASN A 182 30.92 14.08 20.86
N LYS A 183 31.14 13.45 22.03
CA LYS A 183 32.45 13.46 22.67
C LYS A 183 32.98 12.05 22.98
N ALA A 184 32.13 11.02 22.89
CA ALA A 184 32.46 9.67 23.34
C ALA A 184 33.24 8.77 22.41
N PHE A 185 33.27 9.08 21.11
CA PHE A 185 33.86 8.19 20.13
C PHE A 185 35.03 8.76 19.38
N THR A 186 35.89 7.89 18.90
CA THR A 186 37.05 8.30 18.09
C THR A 186 37.09 7.44 16.81
N GLY A 187 37.39 8.09 15.69
CA GLY A 187 37.50 7.42 14.40
C GLY A 187 38.96 7.21 14.05
N PHE A 188 39.31 6.02 13.54
CA PHE A 188 40.71 5.66 13.27
C PHE A 188 40.86 5.10 11.89
N ILE A 189 42.08 5.19 11.36
CA ILE A 189 42.47 4.47 10.15
C ILE A 189 43.30 3.31 10.74
N VAL A 190 42.94 2.07 10.43
CA VAL A 190 43.66 0.93 11.00
C VAL A 190 44.17 0.06 9.86
N GLU A 191 45.50 -0.13 9.77
CA GLU A 191 46.06 -1.04 8.75
C GLU A 191 45.57 -2.47 9.03
N ALA A 192 45.11 -3.19 8.00
CA ALA A 192 44.56 -4.54 8.20
C ALA A 192 45.55 -5.57 8.68
N ASP A 193 46.83 -5.35 8.45
CA ASP A 193 47.90 -6.29 8.85
C ASP A 193 48.35 -6.08 10.30
N THR A 194 47.65 -5.23 11.06
CA THR A 194 48.01 -4.97 12.47
C THR A 194 47.78 -6.24 13.31
N PRO A 195 48.78 -6.68 14.10
CA PRO A 195 48.56 -7.83 15.00
C PRO A 195 47.38 -7.59 15.93
N GLY A 196 46.54 -8.59 16.07
CA GLY A 196 45.36 -8.50 16.93
C GLY A 196 44.06 -8.38 16.17
N ILE A 197 44.11 -8.22 14.85
CA ILE A 197 42.91 -8.19 14.00
C ILE A 197 42.71 -9.60 13.47
N GLN A 198 41.56 -10.21 13.82
CA GLN A 198 41.22 -11.56 13.34
C GLN A 198 39.94 -11.47 12.53
N ILE A 199 40.04 -11.88 11.27
CA ILE A 199 38.91 -11.84 10.35
C ILE A 199 38.13 -13.15 10.46
N GLY A 200 36.80 -13.03 10.59
CA GLY A 200 35.92 -14.19 10.68
C GLY A 200 35.67 -14.82 9.32
N ARG A 201 34.82 -15.84 9.31
CA ARG A 201 34.40 -16.57 8.09
C ARG A 201 33.60 -15.62 7.17
N LYS A 202 33.49 -15.98 5.90
CA LYS A 202 32.61 -15.26 4.98
C LYS A 202 31.18 -15.57 5.44
N GLU A 203 30.40 -14.52 5.67
CA GLU A 203 29.00 -14.72 6.07
C GLU A 203 28.18 -15.08 4.84
N LEU A 204 27.24 -16.00 5.00
CA LEU A 204 26.41 -16.48 3.87
C LEU A 204 25.03 -15.84 4.02
N ASN A 205 24.75 -14.83 3.18
CA ASN A 205 23.51 -14.06 3.27
C ASN A 205 22.56 -14.40 2.14
N MET A 206 21.31 -13.91 2.22
CA MET A 206 20.32 -14.24 1.20
C MET A 206 20.72 -13.70 -0.19
N GLY A 207 21.21 -12.49 -0.21
CA GLY A 207 21.56 -11.77 -1.44
C GLY A 207 22.94 -11.16 -1.41
N GLN A 208 23.31 -10.48 -2.52
CA GLN A 208 24.64 -9.92 -2.79
C GLN A 208 25.70 -10.93 -2.39
N ARG A 209 25.50 -12.19 -2.84
CA ARG A 209 26.29 -13.32 -2.36
C ARG A 209 27.77 -13.30 -2.70
N CYS A 210 28.13 -12.60 -3.79
CA CYS A 210 29.56 -12.54 -4.13
C CYS A 210 30.30 -11.43 -3.37
N SER A 211 29.55 -10.50 -2.71
CA SER A 211 30.18 -9.47 -1.89
C SER A 211 30.78 -10.16 -0.66
N ASP A 212 31.90 -9.64 -0.19
CA ASP A 212 32.56 -10.20 1.00
C ASP A 212 32.02 -9.52 2.23
N THR A 213 31.46 -10.28 3.19
CA THR A 213 30.92 -9.67 4.41
C THR A 213 31.42 -10.51 5.56
N ARG A 214 32.06 -9.87 6.56
CA ARG A 214 32.60 -10.64 7.65
C ARG A 214 32.57 -9.93 8.98
N GLY A 215 32.64 -10.74 10.04
CA GLY A 215 32.85 -10.22 11.38
C GLY A 215 34.35 -10.07 11.58
N ILE A 216 34.74 -9.13 12.42
CA ILE A 216 36.17 -8.89 12.67
C ILE A 216 36.33 -8.67 14.16
N VAL A 217 37.32 -9.31 14.77
CA VAL A 217 37.63 -9.11 16.18
C VAL A 217 38.88 -8.28 16.24
N PHE A 218 38.86 -7.27 17.12
CA PHE A 218 40.05 -6.45 17.41
C PHE A 218 40.42 -6.77 18.84
N GLU A 219 41.58 -7.39 19.04
CA GLU A 219 42.04 -7.81 20.37
C GLU A 219 43.39 -7.20 20.64
N ASP A 220 43.40 -6.21 21.53
CA ASP A 220 44.58 -5.45 21.92
C ASP A 220 45.32 -4.89 20.71
N VAL A 221 44.56 -4.38 19.76
CA VAL A 221 45.09 -3.83 18.52
C VAL A 221 45.66 -2.43 18.80
N LYS A 222 46.95 -2.23 18.51
CA LYS A 222 47.63 -0.95 18.73
C LYS A 222 47.48 -0.06 17.51
N VAL A 223 46.92 1.13 17.68
CA VAL A 223 46.73 2.09 16.57
C VAL A 223 47.48 3.37 16.92
N PRO A 224 48.41 3.83 16.06
CA PRO A 224 49.16 5.06 16.39
C PRO A 224 48.27 6.28 16.41
N LYS A 225 48.58 7.25 17.29
CA LYS A 225 47.77 8.47 17.39
C LYS A 225 47.71 9.25 16.07
N GLU A 226 48.73 9.13 15.20
CA GLU A 226 48.76 9.80 13.88
C GLU A 226 47.62 9.27 12.97
N ASN A 227 47.02 8.12 13.35
CA ASN A 227 45.92 7.54 12.55
C ASN A 227 44.52 7.95 13.03
N VAL A 228 44.45 8.88 13.98
CA VAL A 228 43.18 9.38 14.47
C VAL A 228 42.66 10.43 13.51
N LEU A 229 41.35 10.35 13.18
CA LEU A 229 40.73 11.35 12.33
C LEU A 229 40.25 12.53 13.16
N ILE A 230 40.86 13.71 12.94
CA ILE A 230 40.57 14.99 13.63
C ILE A 230 41.11 15.01 15.05
N GLY A 231 40.60 14.12 15.89
CA GLY A 231 41.06 14.03 17.27
C GLY A 231 40.18 13.15 18.11
N ASP A 232 40.58 12.99 19.39
CA ASP A 232 39.84 12.19 20.36
C ASP A 232 38.44 12.79 20.51
N GLY A 233 37.42 11.96 20.39
CA GLY A 233 36.04 12.41 20.57
C GLY A 233 35.32 12.93 19.35
N ALA A 234 36.03 13.07 18.22
CA ALA A 234 35.41 13.56 16.97
C ALA A 234 34.81 12.46 16.11
N GLY A 235 34.85 11.22 16.58
CA GLY A 235 34.42 10.05 15.80
C GLY A 235 32.99 10.08 15.29
N PHE A 236 32.05 10.43 16.18
CA PHE A 236 30.65 10.42 15.83
C PHE A 236 30.35 11.35 14.66
N LYS A 237 30.87 12.60 14.70
CA LYS A 237 30.64 13.57 13.62
C LYS A 237 31.30 13.15 12.31
N VAL A 238 32.48 12.54 12.39
CA VAL A 238 33.17 12.07 11.19
C VAL A 238 32.33 10.96 10.51
N ALA A 239 31.94 9.94 11.29
CA ALA A 239 31.16 8.82 10.77
C ALA A 239 29.83 9.29 10.21
N MET A 240 29.11 10.17 10.93
CA MET A 240 27.80 10.69 10.50
C MET A 240 27.94 11.58 9.27
N GLY A 241 28.99 12.39 9.21
CA GLY A 241 29.26 13.28 8.09
C GLY A 241 29.51 12.54 6.77
N ALA A 242 30.16 11.37 6.86
CA ALA A 242 30.46 10.56 5.70
C ALA A 242 29.18 10.09 4.96
N PHE A 243 28.07 9.91 5.68
CA PHE A 243 26.80 9.50 5.05
C PHE A 243 26.25 10.46 4.01
N ASP A 244 26.53 11.76 4.15
CA ASP A 244 26.09 12.78 3.19
C ASP A 244 26.59 12.45 1.78
N LYS A 245 27.79 11.94 1.69
CA LYS A 245 28.35 11.61 0.39
C LYS A 245 28.09 10.18 -0.02
N THR A 246 27.91 9.25 0.94
CA THR A 246 27.75 7.84 0.57
C THR A 246 26.30 7.41 0.38
N ARG A 247 25.40 7.95 1.19
CA ARG A 247 23.97 7.58 1.10
C ARG A 247 23.36 7.73 -0.31
N PRO A 248 23.60 8.83 -1.06
CA PRO A 248 23.03 8.91 -2.43
C PRO A 248 23.59 7.81 -3.34
N VAL A 249 24.85 7.36 -3.11
CA VAL A 249 25.46 6.33 -3.92
C VAL A 249 24.78 4.98 -3.65
N VAL A 250 24.46 4.68 -2.38
CA VAL A 250 23.77 3.44 -2.03
C VAL A 250 22.36 3.47 -2.67
N ALA A 251 21.67 4.62 -2.58
CA ALA A 251 20.34 4.78 -3.21
C ALA A 251 20.47 4.53 -4.74
N ALA A 252 21.58 5.01 -5.37
CA ALA A 252 21.77 4.80 -6.83
C ALA A 252 21.92 3.32 -7.17
N GLY A 253 22.52 2.56 -6.25
CA GLY A 253 22.66 1.10 -6.38
C GLY A 253 21.28 0.45 -6.42
N ALA A 254 20.39 0.85 -5.50
CA ALA A 254 19.03 0.33 -5.45
C ALA A 254 18.30 0.67 -6.77
N VAL A 255 18.53 1.86 -7.29
CA VAL A 255 17.90 2.27 -8.56
C VAL A 255 18.37 1.38 -9.73
N GLY A 256 19.67 1.09 -9.78
CA GLY A 256 20.19 0.22 -10.83
C GLY A 256 19.53 -1.16 -10.80
N LEU A 257 19.40 -1.74 -9.61
CA LEU A 257 18.74 -3.04 -9.44
C LEU A 257 17.28 -2.90 -9.92
N ALA A 258 16.60 -1.83 -9.47
CA ALA A 258 15.19 -1.61 -9.84
C ALA A 258 15.05 -1.49 -11.38
N GLN A 259 15.96 -0.77 -12.02
CA GLN A 259 15.91 -0.61 -13.48
C GLN A 259 16.12 -1.97 -14.19
N ARG A 260 17.02 -2.79 -13.65
CA ARG A 260 17.25 -4.13 -14.20
C ARG A 260 15.97 -4.97 -14.09
N ALA A 261 15.31 -4.94 -12.92
CA ALA A 261 14.04 -5.69 -12.73
C ALA A 261 13.00 -5.21 -13.73
N LEU A 262 12.88 -3.89 -13.90
CA LEU A 262 11.90 -3.33 -14.84
C LEU A 262 12.20 -3.77 -16.28
N ASP A 263 13.48 -3.71 -16.68
CA ASP A 263 13.84 -4.13 -18.05
C ASP A 263 13.54 -5.62 -18.28
N GLU A 264 13.90 -6.47 -17.31
CA GLU A 264 13.69 -7.93 -17.47
C GLU A 264 12.19 -8.24 -17.59
N ALA A 265 11.40 -7.58 -16.74
CA ALA A 265 9.94 -7.79 -16.72
C ALA A 265 9.30 -7.29 -18.02
N THR A 266 9.74 -6.14 -18.50
CA THR A 266 9.15 -5.59 -19.75
C THR A 266 9.44 -6.45 -20.95
N LYS A 267 10.72 -6.88 -21.09
CA LYS A 267 11.12 -7.72 -22.23
C LYS A 267 10.31 -9.02 -22.23
N TYR A 268 10.15 -9.63 -21.05
CA TYR A 268 9.37 -10.87 -20.92
C TYR A 268 7.89 -10.65 -21.28
N ALA A 269 7.32 -9.54 -20.81
CA ALA A 269 5.91 -9.21 -21.05
C ALA A 269 5.62 -8.95 -22.54
N LEU A 270 6.66 -8.63 -23.32
CA LEU A 270 6.52 -8.42 -24.76
C LEU A 270 6.64 -9.70 -25.56
N GLU A 271 6.96 -10.81 -24.91
CA GLU A 271 7.15 -12.11 -25.59
C GLU A 271 6.16 -13.18 -25.15
N ARG A 272 5.82 -13.19 -23.86
CA ARG A 272 4.93 -14.20 -23.32
C ARG A 272 3.47 -13.92 -23.66
N LYS A 273 2.73 -14.93 -24.16
CA LYS A 273 1.31 -14.78 -24.46
C LYS A 273 0.48 -15.66 -23.53
N THR A 274 -0.65 -15.12 -23.04
CA THR A 274 -1.62 -15.91 -22.25
C THR A 274 -3.00 -15.43 -22.64
N PHE A 275 -3.99 -16.35 -22.63
CA PHE A 275 -5.38 -15.99 -22.98
C PHE A 275 -5.46 -15.22 -24.32
N GLY A 276 -4.62 -15.64 -25.26
CA GLY A 276 -4.57 -15.12 -26.63
C GLY A 276 -3.88 -13.79 -26.83
N LYS A 277 -3.28 -13.21 -25.78
CA LYS A 277 -2.63 -11.88 -25.87
C LYS A 277 -1.26 -11.86 -25.24
N LEU A 278 -0.40 -10.91 -25.67
CA LEU A 278 0.89 -10.70 -24.99
C LEU A 278 0.61 -10.19 -23.60
N LEU A 279 1.49 -10.46 -22.62
CA LEU A 279 1.23 -9.97 -21.26
C LEU A 279 1.02 -8.47 -21.20
N VAL A 280 1.75 -7.70 -22.03
CA VAL A 280 1.59 -6.24 -22.03
C VAL A 280 0.17 -5.81 -22.38
N GLU A 281 -0.59 -6.67 -23.07
CA GLU A 281 -1.96 -6.35 -23.47
C GLU A 281 -2.98 -6.60 -22.35
N HIS A 282 -2.57 -7.24 -21.26
CA HIS A 282 -3.46 -7.45 -20.11
C HIS A 282 -3.28 -6.21 -19.26
N GLN A 283 -4.36 -5.46 -19.09
CA GLN A 283 -4.29 -4.22 -18.37
C GLN A 283 -3.61 -4.25 -17.02
N ALA A 284 -3.82 -5.32 -16.22
CA ALA A 284 -3.17 -5.43 -14.91
C ALA A 284 -1.65 -5.44 -15.05
N ILE A 285 -1.13 -6.10 -16.09
CA ILE A 285 0.32 -6.16 -16.32
C ILE A 285 0.83 -4.80 -16.81
N SER A 286 0.15 -4.18 -17.79
N SER A 286 0.14 -4.18 -17.78
CA SER A 286 0.57 -2.85 -18.25
CA SER A 286 0.56 -2.84 -18.25
C SER A 286 0.54 -1.82 -17.11
C SER A 286 0.54 -1.81 -17.12
N PHE A 287 -0.47 -1.90 -16.23
CA PHE A 287 -0.56 -0.98 -15.07
C PHE A 287 0.60 -1.22 -14.11
N MET A 288 0.95 -2.47 -13.89
N MET A 288 0.97 -2.46 -13.87
CA MET A 288 2.11 -2.79 -13.08
CA MET A 288 2.15 -2.77 -13.06
C MET A 288 3.40 -2.18 -13.64
C MET A 288 3.41 -2.15 -13.64
N LEU A 289 3.63 -2.41 -14.91
CA LEU A 289 4.82 -1.86 -15.58
C LEU A 289 4.83 -0.33 -15.51
N ALA A 290 3.69 0.31 -15.67
CA ALA A 290 3.60 1.78 -15.61
C ALA A 290 3.98 2.24 -14.20
N GLU A 291 3.44 1.57 -13.17
CA GLU A 291 3.75 1.95 -11.79
C GLU A 291 5.21 1.70 -11.45
N MET A 292 5.77 0.59 -11.96
CA MET A 292 7.20 0.27 -11.78
C MET A 292 8.03 1.38 -12.45
N ALA A 293 7.68 1.79 -13.71
CA ALA A 293 8.44 2.86 -14.39
C ALA A 293 8.35 4.18 -13.58
N MET A 294 7.17 4.50 -13.05
CA MET A 294 7.02 5.72 -12.23
C MET A 294 7.97 5.68 -11.05
N GLU A 295 8.00 4.57 -10.34
CA GLU A 295 8.83 4.43 -9.14
C GLU A 295 10.32 4.54 -9.45
N VAL A 296 10.79 3.88 -10.51
CA VAL A 296 12.20 3.96 -10.86
C VAL A 296 12.59 5.41 -11.21
N GLU A 297 11.75 6.09 -12.02
CA GLU A 297 12.08 7.48 -12.41
C GLU A 297 12.16 8.41 -11.21
N LEU A 298 11.23 8.28 -10.29
CA LEU A 298 11.21 9.11 -9.11
C LEU A 298 12.36 8.79 -8.16
N ALA A 299 12.66 7.51 -7.99
CA ALA A 299 13.80 7.12 -7.14
C ALA A 299 15.12 7.66 -7.74
N ARG A 300 15.26 7.63 -9.08
CA ARG A 300 16.48 8.11 -9.72
C ARG A 300 16.61 9.63 -9.43
N MET A 301 15.51 10.39 -9.63
CA MET A 301 15.60 11.82 -9.34
C MET A 301 15.90 12.10 -7.86
N SER A 302 15.43 11.24 -6.94
CA SER A 302 15.69 11.46 -5.51
C SER A 302 17.21 11.36 -5.24
N TYR A 303 17.91 10.38 -5.82
CA TYR A 303 19.36 10.32 -5.53
C TYR A 303 20.12 11.43 -6.26
N GLN A 304 19.67 11.79 -7.47
CA GLN A 304 20.29 12.87 -8.25
C GLN A 304 20.19 14.18 -7.47
N ARG A 305 19.04 14.41 -6.84
CA ARG A 305 18.87 15.61 -6.03
C ARG A 305 19.82 15.59 -4.84
N ALA A 306 19.84 14.47 -4.09
CA ALA A 306 20.70 14.37 -2.90
C ALA A 306 22.19 14.55 -3.28
N ALA A 307 22.59 13.98 -4.42
CA ALA A 307 23.97 14.11 -4.87
C ALA A 307 24.30 15.54 -5.29
N TRP A 308 23.40 16.19 -6.02
CA TRP A 308 23.61 17.58 -6.42
C TRP A 308 23.69 18.48 -5.20
N GLU A 309 22.86 18.23 -4.17
CA GLU A 309 22.89 19.07 -2.94
C GLU A 309 24.26 19.07 -2.30
N VAL A 310 24.80 17.88 -2.04
CA VAL A 310 26.12 17.81 -1.39
C VAL A 310 27.23 18.36 -2.28
N ASP A 311 27.16 18.10 -3.59
CA ASP A 311 28.15 18.63 -4.55
C ASP A 311 28.13 20.16 -4.63
N SER A 312 26.96 20.78 -4.34
N SER A 312 26.96 20.77 -4.33
CA SER A 312 26.82 22.23 -4.36
CA SER A 312 26.80 22.23 -4.33
C SER A 312 27.29 22.87 -3.04
C SER A 312 27.22 22.87 -3.01
N GLY A 313 27.75 22.05 -2.09
CA GLY A 313 28.24 22.50 -0.80
C GLY A 313 27.20 22.67 0.30
N ARG A 314 26.06 22.00 0.17
CA ARG A 314 25.04 22.06 1.22
C ARG A 314 24.96 20.74 1.97
N ARG A 315 24.51 20.76 3.24
CA ARG A 315 24.25 19.51 3.96
C ARG A 315 23.06 18.88 3.21
N ASN A 316 23.07 17.58 2.97
CA ASN A 316 21.99 16.99 2.17
C ASN A 316 21.25 15.90 2.95
N THR A 317 21.41 15.85 4.29
CA THR A 317 20.84 14.80 5.16
C THR A 317 19.40 14.45 4.83
N TYR A 318 18.54 15.45 4.75
CA TYR A 318 17.11 15.25 4.45
C TYR A 318 16.92 14.60 3.06
N TYR A 319 17.52 15.16 2.00
CA TYR A 319 17.38 14.57 0.67
C TYR A 319 18.01 13.21 0.55
N ALA A 320 19.18 13.00 1.19
CA ALA A 320 19.86 11.71 1.11
C ALA A 320 19.05 10.63 1.77
N SER A 321 18.39 10.94 2.91
CA SER A 321 17.57 9.93 3.61
C SER A 321 16.26 9.67 2.86
N ILE A 322 15.68 10.69 2.20
CA ILE A 322 14.50 10.46 1.37
C ILE A 322 14.92 9.49 0.24
N ALA A 323 16.07 9.76 -0.39
CA ALA A 323 16.52 8.91 -1.52
C ALA A 323 16.76 7.47 -1.08
N LYS A 324 17.47 7.29 0.05
CA LYS A 324 17.78 5.95 0.54
C LYS A 324 16.46 5.21 0.92
N ALA A 325 15.53 5.90 1.58
CA ALA A 325 14.28 5.25 2.01
C ALA A 325 13.46 4.86 0.77
N PHE A 326 13.25 5.82 -0.13
CA PHE A 326 12.40 5.59 -1.30
C PHE A 326 13.04 4.59 -2.25
N ALA A 327 14.33 4.78 -2.62
CA ALA A 327 14.95 3.84 -3.57
C ALA A 327 15.01 2.43 -3.00
N GLY A 328 15.29 2.31 -1.71
CA GLY A 328 15.33 0.99 -1.04
C GLY A 328 13.97 0.31 -1.13
N ASP A 329 12.87 1.04 -0.82
CA ASP A 329 11.54 0.46 -0.90
C ASP A 329 11.19 0.04 -2.32
N ILE A 330 11.42 0.94 -3.26
CA ILE A 330 11.00 0.61 -4.64
C ILE A 330 11.84 -0.50 -5.29
N ALA A 331 13.13 -0.63 -4.90
CA ALA A 331 13.94 -1.74 -5.45
C ALA A 331 13.27 -3.06 -5.01
N ASN A 332 12.77 -3.11 -3.76
CA ASN A 332 12.10 -4.31 -3.26
C ASN A 332 10.78 -4.56 -3.96
N GLN A 333 9.99 -3.51 -4.17
CA GLN A 333 8.71 -3.67 -4.87
C GLN A 333 8.95 -4.11 -6.31
N LEU A 334 9.88 -3.48 -7.00
CA LEU A 334 10.13 -3.83 -8.40
C LEU A 334 10.66 -5.23 -8.58
N ALA A 335 11.51 -5.69 -7.64
CA ALA A 335 12.09 -7.02 -7.79
C ALA A 335 11.01 -8.07 -7.62
N THR A 336 10.08 -7.90 -6.63
CA THR A 336 9.02 -8.90 -6.49
C THR A 336 8.01 -8.82 -7.63
N ASP A 337 7.77 -7.62 -8.17
CA ASP A 337 6.86 -7.48 -9.35
C ASP A 337 7.48 -8.14 -10.56
N ALA A 338 8.82 -8.06 -10.72
CA ALA A 338 9.48 -8.68 -11.88
C ALA A 338 9.38 -10.21 -11.76
N VAL A 339 9.57 -10.75 -10.55
CA VAL A 339 9.41 -12.19 -10.34
C VAL A 339 7.95 -12.56 -10.72
N GLN A 340 7.01 -11.75 -10.25
CA GLN A 340 5.58 -11.99 -10.54
C GLN A 340 5.26 -12.05 -12.03
N ILE A 341 5.76 -11.06 -12.78
CA ILE A 341 5.49 -11.00 -14.22
C ILE A 341 6.05 -12.21 -14.96
N LEU A 342 7.19 -12.73 -14.50
CA LEU A 342 7.76 -13.92 -15.13
C LEU A 342 7.08 -15.23 -14.68
N GLY A 343 6.19 -15.16 -13.69
CA GLY A 343 5.45 -16.35 -13.24
C GLY A 343 6.37 -17.44 -12.70
N GLY A 344 6.08 -18.71 -13.06
CA GLY A 344 6.90 -19.86 -12.62
C GLY A 344 8.36 -19.68 -12.99
N ASN A 345 8.62 -19.17 -14.21
CA ASN A 345 10.01 -18.87 -14.64
C ASN A 345 10.68 -17.85 -13.71
N GLY A 346 9.91 -16.87 -13.22
CA GLY A 346 10.43 -15.84 -12.32
C GLY A 346 10.95 -16.41 -11.01
N PHE A 347 10.32 -17.47 -10.54
CA PHE A 347 10.71 -18.11 -9.26
C PHE A 347 11.94 -18.99 -9.42
N ASN A 348 12.36 -19.21 -10.68
CA ASN A 348 13.42 -20.16 -11.01
C ASN A 348 14.78 -19.50 -11.17
N THR A 349 15.84 -20.21 -10.71
CA THR A 349 17.21 -19.64 -10.74
C THR A 349 17.83 -19.50 -12.13
N GLU A 350 17.22 -20.09 -13.19
CA GLU A 350 17.76 -19.97 -14.55
C GLU A 350 17.36 -18.63 -15.17
N TYR A 351 16.39 -17.95 -14.55
CA TYR A 351 15.96 -16.62 -14.96
C TYR A 351 16.61 -15.60 -14.01
N PRO A 352 16.77 -14.34 -14.43
CA PRO A 352 17.58 -13.40 -13.63
C PRO A 352 16.94 -12.64 -12.49
N VAL A 353 15.63 -12.76 -12.36
CA VAL A 353 14.84 -11.94 -11.44
C VAL A 353 14.83 -12.37 -9.99
N GLU A 354 14.88 -13.69 -9.71
CA GLU A 354 14.87 -14.10 -8.29
C GLU A 354 16.13 -13.60 -7.57
N LYS A 355 17.30 -13.53 -8.28
CA LYS A 355 18.51 -12.97 -7.68
C LYS A 355 18.24 -11.51 -7.28
N LEU A 356 17.54 -10.75 -8.15
CA LEU A 356 17.22 -9.34 -7.83
C LEU A 356 16.36 -9.23 -6.58
N MET A 357 15.41 -10.14 -6.39
CA MET A 357 14.57 -10.11 -5.19
C MET A 357 15.43 -10.38 -3.92
N ARG A 358 16.37 -11.35 -4.01
CA ARG A 358 17.22 -11.66 -2.88
C ARG A 358 18.18 -10.49 -2.60
N ASP A 359 18.75 -9.92 -3.66
CA ASP A 359 19.69 -8.79 -3.50
C ASP A 359 19.01 -7.52 -2.97
N ALA A 360 17.79 -7.23 -3.41
CA ALA A 360 17.09 -5.97 -3.07
C ALA A 360 16.87 -5.75 -1.61
N LYS A 361 16.70 -6.84 -0.84
CA LYS A 361 16.32 -6.69 0.56
C LYS A 361 17.34 -5.93 1.36
N ILE A 362 18.63 -6.03 0.98
CA ILE A 362 19.68 -5.35 1.73
C ILE A 362 19.51 -3.82 1.72
N TYR A 363 18.88 -3.27 0.68
CA TYR A 363 18.68 -1.82 0.59
C TYR A 363 17.72 -1.24 1.62
N GLN A 364 16.95 -2.10 2.30
CA GLN A 364 16.09 -1.63 3.38
C GLN A 364 16.83 -1.80 4.73
N ILE A 365 18.04 -2.37 4.71
CA ILE A 365 18.75 -2.70 5.94
C ILE A 365 20.08 -1.98 6.09
N TYR A 366 21.03 -2.22 5.19
CA TYR A 366 22.36 -1.63 5.39
C TYR A 366 22.44 -0.17 5.08
N GLU A 367 23.51 0.49 5.59
CA GLU A 367 23.70 1.93 5.43
C GLU A 367 22.45 2.70 5.92
N GLY A 368 21.91 2.31 7.08
CA GLY A 368 20.73 2.96 7.66
C GLY A 368 19.45 2.29 7.21
N THR A 369 18.81 1.53 8.10
CA THR A 369 17.57 0.83 7.75
C THR A 369 16.46 1.77 7.30
N SER A 370 15.39 1.19 6.70
CA SER A 370 14.20 1.97 6.31
C SER A 370 13.68 2.79 7.51
N GLN A 371 13.66 2.17 8.71
CA GLN A 371 13.15 2.86 9.91
C GLN A 371 14.06 4.01 10.30
N ILE A 372 15.37 3.77 10.29
CA ILE A 372 16.33 4.83 10.62
C ILE A 372 16.24 6.00 9.63
N GLN A 373 16.02 5.69 8.35
CA GLN A 373 15.90 6.77 7.35
C GLN A 373 14.66 7.61 7.67
N ARG A 374 13.58 6.96 8.13
CA ARG A 374 12.36 7.68 8.50
C ARG A 374 12.58 8.53 9.73
N LEU A 375 13.36 8.03 10.70
CA LEU A 375 13.71 8.81 11.90
C LEU A 375 14.49 10.05 11.52
N ILE A 376 15.44 9.91 10.56
CA ILE A 376 16.24 11.06 10.11
C ILE A 376 15.37 12.06 9.36
N VAL A 377 14.57 11.58 8.40
CA VAL A 377 13.69 12.47 7.62
C VAL A 377 12.73 13.19 8.59
N ALA A 378 12.16 12.45 9.56
CA ALA A 378 11.21 13.06 10.52
C ALA A 378 11.89 14.20 11.29
N ARG A 379 13.09 13.97 11.82
CA ARG A 379 13.82 14.99 12.60
C ARG A 379 14.11 16.21 11.71
N GLU A 380 14.64 15.98 10.50
CA GLU A 380 14.96 17.08 9.56
C GLU A 380 13.70 17.86 9.17
N HIS A 381 12.60 17.17 8.90
CA HIS A 381 11.36 17.83 8.53
C HIS A 381 10.77 18.64 9.72
N ILE A 382 10.56 17.99 10.86
CA ILE A 382 9.89 18.59 12.02
C ILE A 382 10.65 19.78 12.55
N ASP A 383 12.00 19.68 12.61
CA ASP A 383 12.77 20.78 13.18
C ASP A 383 12.60 22.10 12.40
N LYS A 384 12.27 22.05 11.08
CA LYS A 384 12.04 23.25 10.26
C LYS A 384 10.83 24.06 10.77
N TYR A 385 9.91 23.42 11.53
CA TYR A 385 8.68 24.07 12.00
C TYR A 385 8.75 24.60 13.42
N LYS A 386 9.88 24.44 14.09
CA LYS A 386 10.05 24.91 15.46
C LYS A 386 10.50 26.36 15.35
N ASN A 387 9.84 27.24 16.07
CA ASN A 387 10.16 28.68 16.07
C ASN A 387 10.51 29.20 17.47
N LEU B 1 -28.73 -23.31 15.52
CA LEU B 1 -27.40 -23.18 14.90
C LEU B 1 -26.72 -21.83 15.16
N GLY B 2 -26.33 -21.12 14.11
CA GLY B 2 -25.66 -19.83 14.25
C GLY B 2 -24.17 -19.98 13.96
N PHE B 3 -23.46 -18.86 13.95
CA PHE B 3 -22.03 -18.89 13.71
C PHE B 3 -21.29 -19.57 14.84
N SER B 4 -20.13 -20.11 14.52
CA SER B 4 -19.24 -20.72 15.51
C SER B 4 -17.82 -20.62 14.95
N PHE B 5 -16.88 -20.27 15.81
CA PHE B 5 -15.46 -20.25 15.48
C PHE B 5 -14.70 -21.22 16.43
N GLU B 6 -15.37 -22.30 16.82
CA GLU B 6 -14.76 -23.32 17.67
C GLU B 6 -14.58 -24.62 16.90
N PHE B 7 -13.36 -25.18 16.93
CA PHE B 7 -13.11 -26.48 16.29
C PHE B 7 -13.87 -27.60 17.00
N THR B 8 -14.08 -28.74 16.32
CA THR B 8 -14.64 -29.93 16.98
C THR B 8 -13.53 -30.49 17.84
N GLU B 9 -13.86 -31.39 18.75
CA GLU B 9 -12.84 -32.04 19.59
C GLU B 9 -11.82 -32.84 18.76
N GLN B 10 -12.30 -33.55 17.73
CA GLN B 10 -11.44 -34.32 16.84
C GLN B 10 -10.47 -33.38 16.11
N GLN B 11 -10.96 -32.21 15.68
CA GLN B 11 -10.10 -31.22 15.01
C GLN B 11 -9.02 -30.69 15.92
N LYS B 12 -9.35 -30.46 17.21
CA LYS B 12 -8.33 -30.00 18.17
C LYS B 12 -7.24 -31.04 18.36
N GLU B 13 -7.62 -32.34 18.32
CA GLU B 13 -6.66 -33.46 18.44
C GLU B 13 -5.73 -33.52 17.21
N PHE B 14 -6.29 -33.38 15.98
CA PHE B 14 -5.48 -33.34 14.75
C PHE B 14 -4.53 -32.15 14.80
N GLN B 15 -5.03 -30.98 15.23
CA GLN B 15 -4.21 -29.78 15.29
C GLN B 15 -3.04 -30.00 16.24
N ALA B 16 -3.31 -30.59 17.42
CA ALA B 16 -2.27 -30.86 18.41
C ALA B 16 -1.18 -31.80 17.85
N THR B 17 -1.60 -32.87 17.14
CA THR B 17 -0.68 -33.84 16.53
C THR B 17 0.19 -33.15 15.46
N ALA B 18 -0.44 -32.38 14.57
CA ALA B 18 0.31 -31.70 13.50
C ALA B 18 1.26 -30.63 14.08
N ARG B 19 0.81 -29.89 15.12
CA ARG B 19 1.63 -28.86 15.74
C ARG B 19 2.87 -29.46 16.38
N LYS B 20 2.69 -30.57 17.13
CA LYS B 20 3.80 -31.23 17.82
C LYS B 20 4.81 -31.73 16.79
N PHE B 21 4.31 -32.33 15.70
CA PHE B 21 5.16 -32.83 14.62
C PHE B 21 5.94 -31.69 13.96
N ALA B 22 5.26 -30.58 13.64
CA ALA B 22 5.96 -29.46 13.00
C ALA B 22 7.02 -28.85 13.90
N ARG B 23 6.69 -28.65 15.16
CA ARG B 23 7.62 -27.98 16.06
C ARG B 23 8.77 -28.83 16.55
N GLU B 24 8.53 -30.13 16.76
CA GLU B 24 9.56 -31.01 17.27
C GLU B 24 10.35 -31.73 16.19
N GLU B 25 9.74 -31.98 15.03
CA GLU B 25 10.41 -32.77 13.98
C GLU B 25 10.77 -31.98 12.73
N ILE B 26 9.87 -31.10 12.25
CA ILE B 26 10.17 -30.31 11.05
C ILE B 26 11.13 -29.17 11.34
N ILE B 27 10.79 -28.29 12.29
CA ILE B 27 11.60 -27.10 12.57
C ILE B 27 13.10 -27.35 12.75
N PRO B 28 13.51 -28.36 13.56
CA PRO B 28 14.95 -28.56 13.76
C PRO B 28 15.76 -28.95 12.54
N VAL B 29 15.10 -29.47 11.47
CA VAL B 29 15.81 -29.95 10.27
C VAL B 29 15.51 -29.16 9.00
N ALA B 30 14.48 -28.28 9.03
CA ALA B 30 14.08 -27.54 7.83
C ALA B 30 15.19 -26.72 7.19
N ALA B 31 16.06 -26.09 8.00
CA ALA B 31 17.14 -25.26 7.45
C ALA B 31 18.13 -26.14 6.67
N GLU B 32 18.39 -27.36 7.16
CA GLU B 32 19.32 -28.26 6.51
C GLU B 32 18.75 -28.75 5.18
N TYR B 33 17.45 -29.10 5.15
CA TYR B 33 16.80 -29.53 3.89
C TYR B 33 16.76 -28.39 2.86
N ASP B 34 16.59 -27.14 3.32
CA ASP B 34 16.59 -26.00 2.41
C ASP B 34 18.00 -25.79 1.81
N LYS B 35 19.06 -26.02 2.63
CA LYS B 35 20.45 -25.88 2.18
C LYS B 35 20.84 -26.97 1.16
N THR B 36 20.46 -28.23 1.43
CA THR B 36 20.86 -29.34 0.55
C THR B 36 19.90 -29.56 -0.62
N GLY B 37 18.63 -29.20 -0.44
CA GLY B 37 17.59 -29.46 -1.44
C GLY B 37 17.19 -30.93 -1.45
N GLU B 38 17.62 -31.70 -0.43
CA GLU B 38 17.27 -33.13 -0.33
C GLU B 38 15.78 -33.29 -0.15
N TYR B 39 15.17 -34.24 -0.88
CA TYR B 39 13.72 -34.52 -0.72
C TYR B 39 13.52 -35.09 0.70
N PRO B 40 12.59 -34.49 1.49
CA PRO B 40 12.49 -34.84 2.92
C PRO B 40 11.76 -36.14 3.25
N VAL B 41 12.25 -37.25 2.69
CA VAL B 41 11.66 -38.57 2.88
C VAL B 41 11.35 -38.92 4.36
N PRO B 42 12.28 -38.74 5.34
CA PRO B 42 11.94 -39.09 6.75
C PRO B 42 10.75 -38.34 7.31
N LEU B 43 10.61 -37.05 6.96
CA LEU B 43 9.48 -36.25 7.45
C LEU B 43 8.20 -36.66 6.79
N ILE B 44 8.24 -36.92 5.47
CA ILE B 44 7.05 -37.36 4.74
C ILE B 44 6.56 -38.68 5.34
N ARG B 45 7.49 -39.64 5.57
CA ARG B 45 7.11 -40.92 6.13
C ARG B 45 6.50 -40.78 7.53
N ARG B 46 7.04 -39.86 8.36
CA ARG B 46 6.50 -39.61 9.69
C ARG B 46 5.10 -38.96 9.60
N ALA B 47 4.92 -37.99 8.68
CA ALA B 47 3.60 -37.36 8.49
C ALA B 47 2.57 -38.42 8.09
N TRP B 48 2.97 -39.33 7.19
CA TRP B 48 2.09 -40.42 6.74
C TRP B 48 1.70 -41.32 7.93
N GLU B 49 2.68 -41.68 8.76
CA GLU B 49 2.45 -42.50 9.92
C GLU B 49 1.52 -41.87 10.92
N LEU B 50 1.63 -40.56 11.08
CA LEU B 50 0.82 -39.81 12.03
C LEU B 50 -0.60 -39.51 11.54
N GLY B 51 -0.91 -39.90 10.30
CA GLY B 51 -2.21 -39.67 9.70
C GLY B 51 -2.41 -38.24 9.22
N LEU B 52 -1.30 -37.55 8.86
CA LEU B 52 -1.33 -36.16 8.42
C LEU B 52 -1.22 -35.96 6.92
N MET B 53 -1.17 -37.05 6.13
N MET B 53 -1.30 -37.05 6.16
CA MET B 53 -1.03 -36.98 4.66
CA MET B 53 -1.17 -37.05 4.72
C MET B 53 -2.21 -37.73 4.05
C MET B 53 -2.39 -37.65 4.11
N ASN B 54 -2.64 -37.33 2.81
CA ASN B 54 -3.76 -37.95 2.06
C ASN B 54 -5.07 -37.87 2.86
N THR B 55 -5.28 -36.78 3.60
CA THR B 55 -6.44 -36.73 4.51
C THR B 55 -7.82 -36.81 3.86
N HIS B 56 -7.93 -36.43 2.58
CA HIS B 56 -9.21 -36.47 1.89
C HIS B 56 -9.62 -37.83 1.41
N ILE B 57 -8.71 -38.83 1.43
CA ILE B 57 -9.05 -40.17 0.93
C ILE B 57 -10.25 -40.74 1.70
N PRO B 58 -11.35 -41.17 1.03
CA PRO B 58 -12.51 -41.69 1.76
C PRO B 58 -12.23 -42.91 2.62
N GLU B 59 -13.01 -43.08 3.70
CA GLU B 59 -12.84 -44.23 4.61
C GLU B 59 -13.02 -45.56 3.89
N ASN B 60 -13.85 -45.60 2.84
CA ASN B 60 -14.06 -46.84 2.08
C ASN B 60 -12.86 -47.23 1.19
N CYS B 61 -11.84 -46.35 1.08
CA CYS B 61 -10.57 -46.62 0.37
C CYS B 61 -9.42 -46.81 1.36
N GLY B 62 -9.76 -46.90 2.64
CA GLY B 62 -8.79 -47.06 3.72
C GLY B 62 -8.24 -45.77 4.27
N GLY B 63 -8.83 -44.65 3.86
CA GLY B 63 -8.39 -43.33 4.27
C GLY B 63 -9.09 -42.80 5.50
N LEU B 64 -8.69 -41.59 5.92
CA LEU B 64 -9.29 -40.94 7.09
C LEU B 64 -10.65 -40.31 6.81
N GLY B 65 -10.91 -40.00 5.55
CA GLY B 65 -12.18 -39.40 5.15
C GLY B 65 -12.41 -38.03 5.76
N LEU B 66 -11.35 -37.25 5.91
CA LEU B 66 -11.50 -35.91 6.49
C LEU B 66 -11.95 -34.92 5.40
N GLY B 67 -12.45 -33.76 5.82
CA GLY B 67 -12.88 -32.75 4.87
C GLY B 67 -11.79 -31.72 4.61
N THR B 68 -12.15 -30.71 3.83
CA THR B 68 -11.24 -29.62 3.47
C THR B 68 -10.87 -28.81 4.70
N PHE B 69 -11.83 -28.57 5.60
CA PHE B 69 -11.53 -27.80 6.81
C PHE B 69 -10.42 -28.49 7.64
N ASP B 70 -10.52 -29.82 7.77
CA ASP B 70 -9.53 -30.62 8.51
C ASP B 70 -8.18 -30.58 7.80
N ALA B 71 -8.17 -30.70 6.47
CA ALA B 71 -6.92 -30.65 5.70
C ALA B 71 -6.24 -29.30 5.89
N CYS B 72 -7.04 -28.20 5.93
CA CYS B 72 -6.48 -26.86 6.10
C CYS B 72 -5.79 -26.70 7.43
N LEU B 73 -6.46 -27.14 8.50
CA LEU B 73 -5.89 -26.95 9.83
C LEU B 73 -4.58 -27.71 10.00
N ILE B 74 -4.48 -28.89 9.38
CA ILE B 74 -3.24 -29.68 9.40
C ILE B 74 -2.19 -28.97 8.58
N SER B 75 -2.55 -28.52 7.36
N SER B 75 -2.55 -28.53 7.36
CA SER B 75 -1.66 -27.82 6.43
CA SER B 75 -1.64 -27.84 6.45
C SER B 75 -1.05 -26.59 7.02
C SER B 75 -1.02 -26.62 7.09
N GLU B 76 -1.83 -25.81 7.79
CA GLU B 76 -1.30 -24.61 8.44
C GLU B 76 -0.20 -24.97 9.46
N GLU B 77 -0.43 -26.04 10.23
CA GLU B 77 0.57 -26.43 11.24
C GLU B 77 1.85 -26.92 10.57
N LEU B 78 1.75 -27.72 9.51
CA LEU B 78 2.94 -28.24 8.80
C LEU B 78 3.72 -27.12 8.14
N ALA B 79 3.01 -26.20 7.48
CA ALA B 79 3.62 -25.06 6.77
C ALA B 79 4.38 -24.16 7.73
N TYR B 80 3.87 -24.01 8.96
CA TYR B 80 4.57 -23.22 9.99
C TYR B 80 6.00 -23.77 10.19
N GLY B 81 6.14 -25.09 10.11
CA GLY B 81 7.45 -25.73 10.21
C GLY B 81 8.25 -25.49 8.94
N CYS B 82 7.68 -25.84 7.75
CA CYS B 82 8.37 -25.64 6.47
C CYS B 82 7.41 -25.83 5.35
N THR B 83 7.28 -24.83 4.44
CA THR B 83 6.39 -25.00 3.31
C THR B 83 6.99 -25.87 2.21
N GLY B 84 8.30 -26.09 2.24
CA GLY B 84 8.92 -27.01 1.29
C GLY B 84 8.41 -28.42 1.63
N VAL B 85 8.48 -28.79 2.92
CA VAL B 85 7.96 -30.08 3.38
C VAL B 85 6.43 -30.14 3.18
N GLN B 86 5.69 -29.08 3.61
CA GLN B 86 4.24 -29.06 3.46
C GLN B 86 3.80 -29.14 1.97
N THR B 87 4.57 -28.51 1.03
CA THR B 87 4.18 -28.57 -0.39
C THR B 87 4.31 -29.98 -0.95
N ALA B 88 5.36 -30.73 -0.52
CA ALA B 88 5.54 -32.14 -0.94
C ALA B 88 4.33 -32.96 -0.46
N ILE B 89 3.95 -32.78 0.81
CA ILE B 89 2.80 -33.48 1.39
C ILE B 89 1.49 -33.08 0.74
N GLU B 90 1.28 -31.78 0.53
CA GLU B 90 0.08 -31.22 -0.10
C GLU B 90 -0.03 -31.64 -1.55
N GLY B 91 1.11 -31.81 -2.21
CA GLY B 91 1.17 -32.27 -3.58
C GLY B 91 0.39 -33.56 -3.78
N ASN B 92 0.41 -34.45 -2.75
CA ASN B 92 -0.38 -35.68 -2.84
C ASN B 92 -1.87 -35.35 -2.94
N SER B 93 -2.35 -34.40 -2.14
CA SER B 93 -3.77 -34.03 -2.17
C SER B 93 -4.15 -33.39 -3.49
N LEU B 94 -3.23 -32.62 -4.12
CA LEU B 94 -3.48 -32.00 -5.42
C LEU B 94 -3.66 -33.07 -6.52
N GLY B 95 -2.81 -34.10 -6.49
CA GLY B 95 -2.91 -35.19 -7.46
C GLY B 95 -4.13 -36.06 -7.23
N GLN B 96 -4.50 -36.26 -5.95
CA GLN B 96 -5.64 -37.12 -5.60
C GLN B 96 -6.99 -36.45 -5.82
N MET B 97 -7.07 -35.11 -5.65
CA MET B 97 -8.36 -34.42 -5.73
C MET B 97 -9.24 -34.75 -6.94
N PRO B 98 -8.72 -34.76 -8.19
CA PRO B 98 -9.58 -35.11 -9.33
C PRO B 98 -10.16 -36.52 -9.18
N ILE B 99 -9.40 -37.47 -8.59
CA ILE B 99 -9.91 -38.83 -8.39
C ILE B 99 -10.98 -38.84 -7.30
N ILE B 100 -10.73 -38.10 -6.22
CA ILE B 100 -11.71 -38.00 -5.11
C ILE B 100 -13.05 -37.46 -5.59
N ILE B 101 -13.03 -36.40 -6.42
CA ILE B 101 -14.25 -35.74 -6.85
C ILE B 101 -14.90 -36.35 -8.08
N ALA B 102 -14.10 -36.96 -8.98
CA ALA B 102 -14.61 -37.46 -10.26
C ALA B 102 -14.31 -38.92 -10.59
N GLY B 103 -13.57 -39.60 -9.72
CA GLY B 103 -13.26 -41.00 -9.98
C GLY B 103 -14.44 -41.91 -9.74
N ASN B 104 -14.47 -43.03 -10.45
CA ASN B 104 -15.47 -44.07 -10.18
C ASN B 104 -14.87 -44.95 -9.05
N ASP B 105 -15.61 -45.96 -8.57
CA ASP B 105 -15.14 -46.81 -7.46
C ASP B 105 -13.85 -47.53 -7.73
N GLN B 106 -13.66 -48.02 -8.96
CA GLN B 106 -12.45 -48.74 -9.33
C GLN B 106 -11.22 -47.82 -9.29
N GLN B 107 -11.34 -46.62 -9.87
CA GLN B 107 -10.26 -45.66 -9.89
C GLN B 107 -9.86 -45.23 -8.48
N LYS B 108 -10.87 -45.04 -7.60
CA LYS B 108 -10.60 -44.63 -6.23
C LYS B 108 -9.95 -45.75 -5.42
N LYS B 109 -10.48 -46.97 -5.50
CA LYS B 109 -9.87 -48.06 -4.73
C LYS B 109 -8.46 -48.36 -5.21
N LYS B 110 -8.25 -48.35 -6.53
CA LYS B 110 -6.92 -48.65 -7.06
C LYS B 110 -5.90 -47.58 -6.71
N TYR B 111 -6.19 -46.33 -7.08
CA TYR B 111 -5.23 -45.25 -6.95
C TYR B 111 -5.16 -44.56 -5.61
N LEU B 112 -6.29 -44.45 -4.94
CA LEU B 112 -6.28 -43.86 -3.59
C LEU B 112 -5.95 -44.95 -2.57
N GLY B 113 -6.50 -46.15 -2.73
CA GLY B 113 -6.23 -47.26 -1.82
C GLY B 113 -4.75 -47.55 -1.63
N ARG B 114 -3.96 -47.49 -2.70
CA ARG B 114 -2.51 -47.76 -2.58
C ARG B 114 -1.78 -46.73 -1.69
N MET B 115 -2.31 -45.48 -1.65
CA MET B 115 -1.72 -44.41 -0.85
C MET B 115 -1.91 -44.60 0.65
N THR B 116 -2.94 -45.37 1.04
CA THR B 116 -3.23 -45.62 2.45
C THR B 116 -2.39 -46.77 2.98
N GLU B 117 -1.79 -47.56 2.07
CA GLU B 117 -0.98 -48.75 2.42
C GLU B 117 0.49 -48.44 2.58
N GLU B 118 0.99 -47.47 1.81
CA GLU B 118 2.39 -47.06 1.84
C GLU B 118 2.51 -45.58 1.60
N PRO B 119 3.58 -44.93 2.12
CA PRO B 119 3.75 -43.49 1.88
C PRO B 119 4.24 -43.16 0.47
N LEU B 120 3.45 -43.55 -0.53
CA LEU B 120 3.72 -43.24 -1.95
C LEU B 120 3.38 -41.78 -2.17
N MET B 121 3.96 -41.17 -3.23
CA MET B 121 3.63 -39.80 -3.59
C MET B 121 2.85 -39.84 -4.90
N CYS B 122 2.14 -38.75 -5.20
CA CYS B 122 1.49 -38.61 -6.50
C CYS B 122 1.61 -37.14 -6.89
N ALA B 123 1.16 -36.81 -8.09
CA ALA B 123 1.37 -35.48 -8.61
C ALA B 123 0.28 -35.13 -9.59
N TYR B 124 0.13 -33.84 -9.90
CA TYR B 124 -0.84 -33.47 -10.89
C TYR B 124 -0.16 -32.66 -11.98
N CYS B 125 -0.48 -33.00 -13.24
CA CYS B 125 0.19 -32.44 -14.41
C CYS B 125 -0.77 -31.66 -15.26
N VAL B 126 -0.78 -30.35 -15.12
CA VAL B 126 -1.63 -29.51 -15.96
C VAL B 126 -0.72 -28.53 -16.71
N THR B 127 0.09 -27.77 -15.95
CA THR B 127 0.94 -26.73 -16.54
C THR B 127 1.91 -27.24 -17.58
N GLU B 128 2.12 -26.44 -18.63
CA GLU B 128 3.07 -26.73 -19.70
C GLU B 128 3.99 -25.53 -19.83
N PRO B 129 5.15 -25.67 -20.52
CA PRO B 129 6.02 -24.49 -20.71
C PRO B 129 5.30 -23.33 -21.36
N GLY B 130 4.38 -23.61 -22.29
CA GLY B 130 3.68 -22.56 -23.00
C GLY B 130 2.41 -22.03 -22.34
N ALA B 131 1.91 -22.71 -21.31
CA ALA B 131 0.65 -22.29 -20.68
C ALA B 131 0.55 -22.82 -19.25
N GLY B 132 0.35 -21.89 -18.32
CA GLY B 132 0.22 -22.19 -16.90
C GLY B 132 -1.08 -21.62 -16.38
N SER B 133 -1.19 -20.29 -16.39
CA SER B 133 -2.42 -19.62 -15.94
C SER B 133 -3.58 -19.98 -16.90
N ASP B 134 -3.27 -20.06 -18.20
CA ASP B 134 -4.26 -20.28 -19.25
C ASP B 134 -4.42 -21.76 -19.52
N VAL B 135 -5.23 -22.43 -18.66
CA VAL B 135 -5.45 -23.89 -18.77
C VAL B 135 -6.03 -24.27 -20.14
N ALA B 136 -6.92 -23.42 -20.69
CA ALA B 136 -7.51 -23.71 -21.99
C ALA B 136 -6.48 -23.62 -23.14
N GLY B 137 -5.26 -23.17 -22.82
CA GLY B 137 -4.18 -23.07 -23.79
C GLY B 137 -3.28 -24.29 -23.83
N ILE B 138 -3.59 -25.34 -23.03
CA ILE B 138 -2.71 -26.50 -23.00
C ILE B 138 -2.73 -27.28 -24.32
N LYS B 139 -1.58 -27.85 -24.72
CA LYS B 139 -1.43 -28.50 -26.03
C LYS B 139 -1.03 -29.96 -25.97
N THR B 140 -0.71 -30.50 -24.76
CA THR B 140 -0.42 -31.94 -24.63
C THR B 140 -1.59 -32.67 -25.29
N LYS B 141 -1.28 -33.62 -26.17
CA LYS B 141 -2.30 -34.28 -26.99
C LYS B 141 -2.64 -35.65 -26.42
N ALA B 142 -3.94 -36.03 -26.49
CA ALA B 142 -4.42 -37.36 -26.11
C ALA B 142 -5.22 -37.85 -27.31
N GLU B 143 -4.71 -38.86 -28.02
CA GLU B 143 -5.34 -39.41 -29.21
C GLU B 143 -5.97 -40.74 -28.86
N LYS B 144 -7.29 -40.88 -29.10
CA LYS B 144 -7.95 -42.14 -28.79
C LYS B 144 -7.63 -43.16 -29.87
N LYS B 145 -7.09 -44.33 -29.45
CA LYS B 145 -6.73 -45.41 -30.36
C LYS B 145 -7.28 -46.71 -29.78
N GLY B 146 -8.53 -47.02 -30.12
CA GLY B 146 -9.24 -48.19 -29.62
C GLY B 146 -9.56 -48.04 -28.15
N ASP B 147 -9.10 -49.00 -27.33
CA ASP B 147 -9.37 -48.99 -25.89
C ASP B 147 -8.30 -48.21 -25.08
N GLU B 148 -7.46 -47.44 -25.76
CA GLU B 148 -6.46 -46.64 -25.06
C GLU B 148 -6.28 -45.28 -25.70
N TYR B 149 -5.62 -44.40 -24.96
CA TYR B 149 -5.27 -43.08 -25.47
C TYR B 149 -3.76 -43.01 -25.58
N ILE B 150 -3.24 -42.28 -26.58
CA ILE B 150 -1.80 -42.09 -26.71
C ILE B 150 -1.54 -40.63 -26.34
N ILE B 151 -0.69 -40.41 -25.32
CA ILE B 151 -0.40 -39.06 -24.82
C ILE B 151 0.96 -38.57 -25.34
N ASN B 152 1.00 -37.34 -25.84
CA ASN B 152 2.25 -36.71 -26.30
C ASN B 152 2.25 -35.27 -25.84
N GLY B 153 3.21 -34.92 -25.01
CA GLY B 153 3.32 -33.53 -24.58
C GLY B 153 4.26 -33.31 -23.44
N GLN B 154 4.59 -32.05 -23.20
CA GLN B 154 5.52 -31.68 -22.13
C GLN B 154 4.76 -30.94 -21.05
N LYS B 155 4.96 -31.35 -19.80
CA LYS B 155 4.41 -30.69 -18.62
C LYS B 155 5.56 -30.05 -17.87
N MET B 156 5.28 -28.96 -17.13
CA MET B 156 6.36 -28.23 -16.48
C MET B 156 5.98 -27.84 -15.07
N TRP B 157 6.98 -27.75 -14.19
CA TRP B 157 6.84 -27.34 -12.76
C TRP B 157 6.01 -28.31 -11.96
N ILE B 158 6.22 -29.61 -12.15
CA ILE B 158 5.40 -30.58 -11.46
C ILE B 158 5.89 -30.89 -10.06
N THR B 159 5.06 -30.54 -9.04
CA THR B 159 5.41 -30.86 -7.64
C THR B 159 5.37 -32.38 -7.49
N ASN B 160 6.43 -32.99 -6.87
CA ASN B 160 6.60 -34.43 -6.71
C ASN B 160 6.75 -35.11 -8.06
N GLY B 161 7.08 -34.33 -9.09
CA GLY B 161 7.21 -34.87 -10.45
C GLY B 161 8.15 -36.07 -10.54
N GLY B 162 9.28 -36.02 -9.84
CA GLY B 162 10.23 -37.13 -9.93
C GLY B 162 10.08 -38.17 -8.84
N LYS B 163 8.98 -38.07 -8.04
CA LYS B 163 8.78 -38.96 -6.89
C LYS B 163 7.41 -39.66 -6.93
N ALA B 164 6.57 -39.29 -7.89
CA ALA B 164 5.20 -39.80 -7.98
C ALA B 164 5.10 -41.26 -8.44
N ASN B 165 4.15 -41.95 -7.85
CA ASN B 165 3.78 -43.31 -8.22
C ASN B 165 2.81 -43.26 -9.41
N TRP B 166 2.03 -42.18 -9.49
CA TRP B 166 1.07 -41.95 -10.58
C TRP B 166 0.78 -40.47 -10.67
N TYR B 167 0.21 -40.06 -11.81
CA TYR B 167 -0.09 -38.67 -12.06
C TYR B 167 -1.55 -38.49 -12.47
N PHE B 168 -2.10 -37.34 -12.14
CA PHE B 168 -3.33 -36.86 -12.75
C PHE B 168 -2.81 -36.07 -13.91
N LEU B 169 -3.35 -36.25 -15.13
CA LEU B 169 -2.85 -35.50 -16.29
C LEU B 169 -4.02 -34.89 -17.03
N LEU B 170 -3.90 -33.63 -17.42
CA LEU B 170 -4.92 -32.98 -18.25
C LEU B 170 -4.35 -32.83 -19.66
N ALA B 171 -5.06 -33.32 -20.69
CA ALA B 171 -4.58 -33.26 -22.08
C ALA B 171 -5.69 -32.86 -23.01
N ARG B 172 -5.30 -32.26 -24.14
CA ARG B 172 -6.25 -31.86 -25.17
C ARG B 172 -6.61 -33.07 -25.99
N SER B 173 -7.91 -33.46 -25.98
CA SER B 173 -8.40 -34.66 -26.67
C SER B 173 -9.15 -34.34 -27.96
N ASP B 174 -9.55 -33.07 -28.12
CA ASP B 174 -10.27 -32.66 -29.35
C ASP B 174 -9.33 -31.85 -30.22
N PRO B 175 -8.91 -32.38 -31.40
CA PRO B 175 -7.94 -31.64 -32.26
C PRO B 175 -8.53 -30.42 -32.95
N ASP B 176 -9.89 -30.32 -33.02
CA ASP B 176 -10.62 -29.19 -33.61
C ASP B 176 -10.30 -27.90 -32.83
N PRO B 177 -9.70 -26.87 -33.49
CA PRO B 177 -9.34 -25.63 -32.76
C PRO B 177 -10.54 -24.80 -32.27
N LYS B 178 -11.73 -25.08 -32.83
CA LYS B 178 -12.96 -24.38 -32.44
C LYS B 178 -13.68 -25.08 -31.27
N ALA B 179 -13.15 -26.23 -30.80
CA ALA B 179 -13.79 -26.96 -29.71
C ALA B 179 -13.76 -26.12 -28.40
N PRO B 180 -14.92 -25.90 -27.73
CA PRO B 180 -14.90 -25.09 -26.50
C PRO B 180 -14.16 -25.81 -25.39
N ALA B 181 -13.62 -25.06 -24.42
CA ALA B 181 -12.85 -25.59 -23.29
C ALA B 181 -13.57 -26.71 -22.57
N ASN B 182 -14.90 -26.61 -22.40
CA ASN B 182 -15.67 -27.62 -21.68
C ASN B 182 -15.85 -28.96 -22.42
N LYS B 183 -15.35 -29.07 -23.68
CA LYS B 183 -15.43 -30.32 -24.44
C LYS B 183 -14.07 -30.78 -24.99
N ALA B 184 -13.04 -29.90 -24.93
CA ALA B 184 -11.75 -30.15 -25.58
C ALA B 184 -10.73 -30.97 -24.83
N PHE B 185 -10.90 -31.13 -23.50
CA PHE B 185 -9.86 -31.78 -22.69
C PHE B 185 -10.34 -33.03 -21.99
N THR B 186 -9.40 -33.90 -21.66
CA THR B 186 -9.71 -35.14 -20.94
C THR B 186 -8.70 -35.28 -19.80
N GLY B 187 -9.20 -35.70 -18.65
CA GLY B 187 -8.37 -35.93 -17.46
C GLY B 187 -8.08 -37.41 -17.32
N PHE B 188 -6.81 -37.76 -17.03
CA PHE B 188 -6.40 -39.16 -16.92
C PHE B 188 -5.65 -39.44 -15.65
N ILE B 189 -5.65 -40.70 -15.27
CA ILE B 189 -4.77 -41.17 -14.21
C ILE B 189 -3.69 -41.91 -14.98
N VAL B 190 -2.42 -41.60 -14.73
CA VAL B 190 -1.33 -42.23 -15.49
C VAL B 190 -0.32 -42.89 -14.53
N GLU B 191 -0.09 -44.22 -14.62
CA GLU B 191 0.94 -44.89 -13.79
C GLU B 191 2.31 -44.28 -14.15
N ALA B 192 3.15 -43.91 -13.16
CA ALA B 192 4.46 -43.30 -13.45
C ALA B 192 5.44 -44.24 -14.11
N ASP B 193 5.27 -45.56 -13.95
CA ASP B 193 6.16 -46.56 -14.57
C ASP B 193 5.79 -46.86 -16.03
N THR B 194 4.81 -46.12 -16.59
CA THR B 194 4.43 -46.36 -17.98
C THR B 194 5.59 -45.98 -18.91
N PRO B 195 5.97 -46.82 -19.89
CA PRO B 195 7.03 -46.41 -20.84
C PRO B 195 6.66 -45.12 -21.56
N GLY B 196 7.65 -44.25 -21.78
CA GLY B 196 7.43 -43.00 -22.48
C GLY B 196 7.41 -41.78 -21.58
N ILE B 197 7.42 -41.99 -20.24
CA ILE B 197 7.45 -40.88 -19.28
C ILE B 197 8.90 -40.54 -18.98
N GLN B 198 9.33 -39.30 -19.31
CA GLN B 198 10.73 -38.90 -19.12
C GLN B 198 10.73 -37.74 -18.13
N ILE B 199 11.53 -37.87 -17.08
CA ILE B 199 11.60 -36.93 -15.97
C ILE B 199 12.79 -36.01 -16.18
N GLY B 200 12.57 -34.71 -15.95
CA GLY B 200 13.62 -33.71 -16.10
C GLY B 200 14.44 -33.56 -14.84
N ARG B 201 15.36 -32.60 -14.87
CA ARG B 201 16.20 -32.28 -13.71
C ARG B 201 15.31 -31.74 -12.58
N LYS B 202 15.87 -31.76 -11.37
CA LYS B 202 15.18 -31.12 -10.23
C LYS B 202 15.37 -29.64 -10.51
N GLU B 203 14.29 -28.87 -10.60
CA GLU B 203 14.43 -27.44 -10.84
C GLU B 203 14.94 -26.78 -9.57
N LEU B 204 15.83 -25.82 -9.72
CA LEU B 204 16.40 -25.09 -8.57
C LEU B 204 15.71 -23.75 -8.51
N ASN B 205 14.82 -23.61 -7.52
CA ASN B 205 14.03 -22.39 -7.37
C ASN B 205 14.51 -21.56 -6.21
N MET B 206 14.00 -20.33 -6.10
CA MET B 206 14.43 -19.46 -5.02
C MET B 206 14.05 -20.03 -3.65
N GLY B 207 12.83 -20.59 -3.55
CA GLY B 207 12.29 -21.11 -2.29
C GLY B 207 11.71 -22.49 -2.41
N GLN B 208 11.18 -23.00 -1.28
CA GLN B 208 10.67 -24.39 -1.11
C GLN B 208 11.65 -25.36 -1.74
N ARG B 209 12.94 -25.14 -1.42
CA ARG B 209 14.02 -25.87 -2.08
C ARG B 209 14.06 -27.36 -1.89
N CYS B 210 13.49 -27.87 -0.77
CA CYS B 210 13.49 -29.34 -0.60
C CYS B 210 12.32 -30.02 -1.34
N SER B 211 11.33 -29.23 -1.83
CA SER B 211 10.21 -29.79 -2.61
C SER B 211 10.79 -30.23 -3.97
N ASP B 212 10.27 -31.29 -4.56
CA ASP B 212 10.74 -31.80 -5.83
C ASP B 212 9.87 -31.17 -6.91
N THR B 213 10.46 -30.40 -7.82
CA THR B 213 9.68 -29.76 -8.87
C THR B 213 10.36 -30.06 -10.17
N ARG B 214 9.63 -30.66 -11.12
CA ARG B 214 10.30 -31.08 -12.35
C ARG B 214 9.42 -30.99 -13.57
N GLY B 215 10.05 -30.84 -14.72
CA GLY B 215 9.39 -31.00 -16.01
C GLY B 215 9.23 -32.49 -16.27
N ILE B 216 8.14 -32.89 -16.96
CA ILE B 216 7.85 -34.28 -17.30
C ILE B 216 7.35 -34.29 -18.75
N VAL B 217 7.96 -35.16 -19.59
CA VAL B 217 7.50 -35.28 -20.97
C VAL B 217 6.82 -36.65 -21.13
N PHE B 218 5.73 -36.69 -21.89
CA PHE B 218 5.01 -37.92 -22.19
C PHE B 218 5.24 -38.15 -23.68
N GLU B 219 5.95 -39.25 -24.05
CA GLU B 219 6.27 -39.57 -25.44
C GLU B 219 5.58 -40.86 -25.79
N ASP B 220 4.48 -40.76 -26.57
CA ASP B 220 3.65 -41.91 -26.97
C ASP B 220 3.26 -42.77 -25.77
N VAL B 221 2.84 -42.11 -24.70
CA VAL B 221 2.47 -42.81 -23.48
C VAL B 221 1.05 -43.38 -23.63
N LYS B 222 0.92 -44.70 -23.47
CA LYS B 222 -0.34 -45.41 -23.61
C LYS B 222 -1.07 -45.43 -22.29
N VAL B 223 -2.31 -44.93 -22.30
CA VAL B 223 -3.14 -44.87 -21.09
C VAL B 223 -4.44 -45.61 -21.38
N PRO B 224 -4.80 -46.63 -20.56
CA PRO B 224 -6.06 -47.35 -20.82
C PRO B 224 -7.29 -46.47 -20.64
N LYS B 225 -8.36 -46.73 -21.43
CA LYS B 225 -9.59 -45.94 -21.31
C LYS B 225 -10.21 -46.01 -19.91
N GLU B 226 -9.95 -47.10 -19.15
CA GLU B 226 -10.46 -47.22 -17.77
C GLU B 226 -9.86 -46.16 -16.84
N ASN B 227 -8.78 -45.47 -17.29
CA ASN B 227 -8.12 -44.43 -16.50
C ASN B 227 -8.59 -43.02 -16.82
N VAL B 228 -9.65 -42.90 -17.64
CA VAL B 228 -10.23 -41.59 -17.98
C VAL B 228 -11.19 -41.19 -16.85
N LEU B 229 -11.08 -39.93 -16.39
CA LEU B 229 -11.99 -39.44 -15.36
C LEU B 229 -13.27 -38.92 -16.01
N ILE B 230 -14.41 -39.58 -15.69
CA ILE B 230 -15.77 -39.27 -16.20
C ILE B 230 -15.94 -39.70 -17.66
N GLY B 231 -15.16 -39.10 -18.54
CA GLY B 231 -15.23 -39.42 -19.97
C GLY B 231 -14.48 -38.42 -20.82
N ASP B 232 -14.43 -38.72 -22.12
CA ASP B 232 -13.76 -37.86 -23.09
C ASP B 232 -14.40 -36.46 -23.04
N GLY B 233 -13.58 -35.43 -22.92
CA GLY B 233 -14.06 -34.05 -22.91
C GLY B 233 -14.45 -33.47 -21.56
N ALA B 234 -14.48 -34.28 -20.48
CA ALA B 234 -14.84 -33.79 -19.15
C ALA B 234 -13.65 -33.25 -18.34
N GLY B 235 -12.48 -33.19 -18.95
CA GLY B 235 -11.26 -32.80 -18.24
C GLY B 235 -11.25 -31.42 -17.63
N PHE B 236 -11.71 -30.43 -18.38
CA PHE B 236 -11.68 -29.05 -17.89
C PHE B 236 -12.52 -28.91 -16.60
N LYS B 237 -13.73 -29.48 -16.56
CA LYS B 237 -14.57 -29.38 -15.37
C LYS B 237 -13.99 -30.14 -14.18
N VAL B 238 -13.35 -31.29 -14.43
CA VAL B 238 -12.72 -32.08 -13.36
C VAL B 238 -11.55 -31.26 -12.76
N ALA B 239 -10.64 -30.77 -13.61
CA ALA B 239 -9.49 -29.99 -13.15
C ALA B 239 -9.92 -28.72 -12.42
N MET B 240 -10.91 -27.98 -12.97
CA MET B 240 -11.41 -26.74 -12.33
C MET B 240 -12.12 -27.04 -11.03
N GLY B 241 -12.89 -28.12 -11.00
CA GLY B 241 -13.63 -28.55 -9.81
C GLY B 241 -12.73 -28.88 -8.64
N ALA B 242 -11.56 -29.48 -8.92
CA ALA B 242 -10.57 -29.88 -7.91
C ALA B 242 -10.05 -28.67 -7.12
N PHE B 243 -9.99 -27.49 -7.73
CA PHE B 243 -9.55 -26.27 -7.01
C PHE B 243 -10.41 -25.87 -5.81
N ASP B 244 -11.72 -26.17 -5.85
CA ASP B 244 -12.63 -25.88 -4.74
C ASP B 244 -12.13 -26.51 -3.45
N LYS B 245 -11.56 -27.72 -3.55
CA LYS B 245 -11.07 -28.38 -2.37
C LYS B 245 -9.62 -28.14 -2.09
N THR B 246 -8.81 -27.82 -3.11
CA THR B 246 -7.38 -27.66 -2.87
C THR B 246 -6.99 -26.23 -2.56
N ARG B 247 -7.64 -25.24 -3.22
CA ARG B 247 -7.27 -23.84 -3.03
C ARG B 247 -7.28 -23.39 -1.53
N PRO B 248 -8.30 -23.74 -0.70
CA PRO B 248 -8.23 -23.31 0.72
C PRO B 248 -7.01 -23.93 1.43
N VAL B 249 -6.59 -25.14 1.02
CA VAL B 249 -5.43 -25.84 1.65
C VAL B 249 -4.13 -25.10 1.32
N VAL B 250 -4.01 -24.62 0.07
CA VAL B 250 -2.83 -23.85 -0.36
C VAL B 250 -2.79 -22.52 0.42
N ALA B 251 -3.97 -21.88 0.57
CA ALA B 251 -4.06 -20.62 1.36
C ALA B 251 -3.63 -20.90 2.80
N ALA B 252 -4.03 -22.06 3.37
CA ALA B 252 -3.66 -22.40 4.75
C ALA B 252 -2.13 -22.55 4.89
N GLY B 253 -1.48 -23.04 3.84
CA GLY B 253 0.00 -23.16 3.82
C GLY B 253 0.62 -21.75 3.92
N ALA B 254 0.09 -20.81 3.15
CA ALA B 254 0.58 -19.41 3.17
C ALA B 254 0.38 -18.83 4.57
N VAL B 255 -0.76 -19.15 5.21
CA VAL B 255 -1.03 -18.65 6.58
C VAL B 255 -0.01 -19.24 7.58
N GLY B 256 0.33 -20.52 7.44
CA GLY B 256 1.33 -21.13 8.33
C GLY B 256 2.68 -20.44 8.24
N LEU B 257 3.11 -20.16 7.00
CA LEU B 257 4.38 -19.46 6.77
C LEU B 257 4.28 -18.06 7.40
N ALA B 258 3.14 -17.36 7.16
CA ALA B 258 2.95 -16.01 7.70
C ALA B 258 2.99 -16.04 9.23
N GLN B 259 2.35 -17.05 9.83
CA GLN B 259 2.36 -17.16 11.32
C GLN B 259 3.80 -17.38 11.83
N ARG B 260 4.58 -18.21 11.11
CA ARG B 260 5.98 -18.44 11.49
C ARG B 260 6.78 -17.14 11.40
N ALA B 261 6.60 -16.36 10.34
CA ALA B 261 7.29 -15.07 10.20
C ALA B 261 6.92 -14.14 11.35
N LEU B 262 5.63 -14.06 11.67
CA LEU B 262 5.18 -13.22 12.77
C LEU B 262 5.79 -13.69 14.10
N ASP B 263 5.79 -14.99 14.34
CA ASP B 263 6.36 -15.49 15.60
C ASP B 263 7.87 -15.24 15.70
N GLU B 264 8.61 -15.46 14.59
CA GLU B 264 10.07 -15.23 14.64
C GLU B 264 10.38 -13.74 14.87
N ALA B 265 9.61 -12.87 14.22
CA ALA B 265 9.81 -11.43 14.39
C ALA B 265 9.46 -10.98 15.81
N THR B 266 8.34 -11.53 16.38
CA THR B 266 7.93 -11.10 17.72
C THR B 266 8.97 -11.57 18.75
N LYS B 267 9.42 -12.85 18.63
CA LYS B 267 10.42 -13.39 19.59
C LYS B 267 11.65 -12.51 19.56
N TYR B 268 12.12 -12.17 18.36
CA TYR B 268 13.32 -11.32 18.25
C TYR B 268 13.12 -9.94 18.82
N ALA B 269 11.94 -9.33 18.56
CA ALA B 269 11.62 -7.99 19.03
C ALA B 269 11.50 -7.93 20.54
N LEU B 270 11.27 -9.09 21.19
CA LEU B 270 11.20 -9.17 22.67
C LEU B 270 12.55 -9.41 23.31
N GLU B 271 13.60 -9.59 22.50
CA GLU B 271 14.97 -9.85 23.00
C GLU B 271 15.97 -8.77 22.61
N ARG B 272 15.88 -8.27 21.40
CA ARG B 272 16.81 -7.26 20.89
C ARG B 272 16.54 -5.90 21.43
N LYS B 273 17.60 -5.25 21.97
CA LYS B 273 17.48 -3.87 22.43
C LYS B 273 18.22 -2.90 21.51
N THR B 274 17.63 -1.73 21.24
CA THR B 274 18.32 -0.65 20.53
C THR B 274 17.89 0.63 21.20
N PHE B 275 18.82 1.60 21.30
CA PHE B 275 18.50 2.92 21.92
C PHE B 275 17.98 2.76 23.34
N GLY B 276 18.46 1.72 24.04
CA GLY B 276 18.11 1.45 25.44
C GLY B 276 16.77 0.78 25.69
N LYS B 277 16.07 0.36 24.61
CA LYS B 277 14.75 -0.27 24.73
C LYS B 277 14.65 -1.53 23.91
N LEU B 278 13.72 -2.46 24.29
CA LEU B 278 13.44 -3.62 23.45
C LEU B 278 12.80 -3.13 22.17
N LEU B 279 12.99 -3.83 21.04
CA LEU B 279 12.38 -3.38 19.79
C LEU B 279 10.89 -3.18 19.90
N VAL B 280 10.20 -4.03 20.69
CA VAL B 280 8.72 -3.88 20.85
C VAL B 280 8.34 -2.52 21.41
N GLU B 281 9.27 -1.86 22.11
CA GLU B 281 9.01 -0.56 22.73
C GLU B 281 9.12 0.60 21.76
N HIS B 282 9.61 0.35 20.53
CA HIS B 282 9.68 1.40 19.50
C HIS B 282 8.35 1.30 18.76
N GLN B 283 7.56 2.37 18.83
CA GLN B 283 6.21 2.34 18.28
C GLN B 283 6.11 1.85 16.85
N ALA B 284 7.06 2.21 15.97
CA ALA B 284 7.04 1.73 14.57
C ALA B 284 7.10 0.20 14.50
N ILE B 285 7.89 -0.43 15.39
CA ILE B 285 8.00 -1.90 15.41
C ILE B 285 6.69 -2.49 15.95
N SER B 286 6.15 -1.97 17.06
N SER B 286 6.15 -1.96 17.05
CA SER B 286 4.89 -2.47 17.61
CA SER B 286 4.89 -2.48 17.61
C SER B 286 3.75 -2.34 16.59
C SER B 286 3.75 -2.33 16.60
N PHE B 287 3.72 -1.20 15.82
CA PHE B 287 2.70 -1.00 14.78
C PHE B 287 2.84 -2.02 13.66
N MET B 288 4.08 -2.18 13.27
CA MET B 288 4.32 -3.31 12.40
CA MET B 288 4.30 -3.33 12.39
C MET B 288 3.71 -4.79 12.73
N LEU B 289 4.16 -5.10 13.97
CA LEU B 289 3.70 -6.38 14.52
C LEU B 289 2.16 -6.41 14.61
N ALA B 290 1.51 -5.30 14.98
CA ALA B 290 0.04 -5.22 15.07
C ALA B 290 -0.56 -5.46 13.71
N GLU B 291 -0.01 -4.80 12.67
CA GLU B 291 -0.53 -4.98 11.31
C GLU B 291 -0.32 -6.39 10.79
N MET B 292 0.84 -6.97 11.11
CA MET B 292 1.18 -8.35 10.74
C MET B 292 0.17 -9.30 11.41
N ALA B 293 -0.11 -9.12 12.73
CA ALA B 293 -1.10 -9.95 13.44
C ALA B 293 -2.49 -9.80 12.81
N MET B 294 -2.91 -8.56 12.46
CA MET B 294 -4.21 -8.33 11.81
C MET B 294 -4.29 -9.19 10.53
N GLU B 295 -3.27 -9.08 9.67
CA GLU B 295 -3.22 -9.80 8.40
C GLU B 295 -3.29 -11.32 8.57
N VAL B 296 -2.53 -11.89 9.53
CA VAL B 296 -2.55 -13.36 9.74
C VAL B 296 -3.96 -13.80 10.16
N GLU B 297 -4.56 -13.07 11.10
CA GLU B 297 -5.88 -13.46 11.60
C GLU B 297 -6.94 -13.44 10.50
N LEU B 298 -6.93 -12.39 9.68
CA LEU B 298 -7.92 -12.25 8.60
C LEU B 298 -7.66 -13.32 7.52
N ALA B 299 -6.39 -13.58 7.21
CA ALA B 299 -6.08 -14.61 6.19
C ALA B 299 -6.52 -15.99 6.69
N ARG B 300 -6.33 -16.28 7.99
CA ARG B 300 -6.74 -17.58 8.54
C ARG B 300 -8.28 -17.71 8.41
N MET B 301 -9.03 -16.69 8.82
CA MET B 301 -10.48 -16.78 8.69
C MET B 301 -10.92 -16.92 7.23
N SER B 302 -10.17 -16.32 6.29
N SER B 302 -10.17 -16.32 6.29
CA SER B 302 -10.54 -16.44 4.88
CA SER B 302 -10.48 -16.41 4.86
C SER B 302 -10.46 -17.89 4.41
C SER B 302 -10.42 -17.85 4.36
N TYR B 303 -9.40 -18.63 4.78
CA TYR B 303 -9.34 -20.03 4.31
C TYR B 303 -10.36 -20.91 5.07
N GLN B 304 -10.59 -20.61 6.34
CA GLN B 304 -11.56 -21.34 7.16
C GLN B 304 -12.94 -21.20 6.55
N ARG B 305 -13.27 -20.00 6.06
CA ARG B 305 -14.57 -19.77 5.42
C ARG B 305 -14.66 -20.59 4.14
N ALA B 306 -13.62 -20.52 3.29
CA ALA B 306 -13.63 -21.24 2.01
C ALA B 306 -13.74 -22.74 2.24
N ALA B 307 -13.06 -23.26 3.25
CA ALA B 307 -13.07 -24.70 3.55
C ALA B 307 -14.44 -25.13 4.08
N TRP B 308 -15.05 -24.30 4.96
CA TRP B 308 -16.38 -24.61 5.47
C TRP B 308 -17.42 -24.61 4.35
N GLU B 309 -17.35 -23.66 3.42
CA GLU B 309 -18.32 -23.58 2.30
C GLU B 309 -18.33 -24.88 1.50
N VAL B 310 -17.13 -25.35 1.10
CA VAL B 310 -17.09 -26.58 0.28
C VAL B 310 -17.49 -27.81 1.08
N ASP B 311 -17.09 -27.87 2.37
CA ASP B 311 -17.47 -28.98 3.26
C ASP B 311 -18.99 -29.03 3.49
N SER B 312 -19.67 -27.87 3.37
CA SER B 312 -21.12 -27.77 3.56
CA SER B 312 -21.11 -27.78 3.56
C SER B 312 -21.90 -28.10 2.28
N GLY B 313 -21.18 -28.47 1.23
CA GLY B 313 -21.76 -28.83 -0.05
C GLY B 313 -22.07 -27.67 -0.99
N ARG B 314 -21.43 -26.51 -0.78
CA ARG B 314 -21.64 -25.35 -1.66
C ARG B 314 -20.42 -25.13 -2.53
N ARG B 315 -20.62 -24.55 -3.75
CA ARG B 315 -19.46 -24.18 -4.59
C ARG B 315 -18.78 -23.06 -3.78
N ASN B 316 -17.46 -23.07 -3.67
CA ASN B 316 -16.78 -22.06 -2.83
C ASN B 316 -15.81 -21.21 -3.64
N THR B 317 -15.93 -21.21 -4.97
CA THR B 317 -14.99 -20.54 -5.87
C THR B 317 -14.61 -19.11 -5.42
N TYR B 318 -15.63 -18.30 -5.13
CA TYR B 318 -15.43 -16.91 -4.70
C TYR B 318 -14.61 -16.85 -3.38
N TYR B 319 -15.04 -17.59 -2.34
CA TYR B 319 -14.32 -17.55 -1.07
C TYR B 319 -12.92 -18.14 -1.18
N ALA B 320 -12.76 -19.22 -1.97
CA ALA B 320 -11.46 -19.87 -2.12
C ALA B 320 -10.45 -18.95 -2.81
N SER B 321 -10.91 -18.18 -3.81
CA SER B 321 -10.01 -17.27 -4.50
C SER B 321 -9.71 -16.05 -3.64
N ILE B 322 -10.68 -15.58 -2.84
CA ILE B 322 -10.36 -14.48 -1.89
C ILE B 322 -9.25 -14.97 -0.96
N ALA B 323 -9.41 -16.18 -0.41
CA ALA B 323 -8.42 -16.73 0.54
C ALA B 323 -7.04 -16.88 -0.08
N LYS B 324 -6.96 -17.42 -1.31
CA LYS B 324 -5.67 -17.63 -1.93
C LYS B 324 -4.99 -16.30 -2.27
N ALA B 325 -5.79 -15.34 -2.76
CA ALA B 325 -5.24 -14.02 -3.08
C ALA B 325 -4.72 -13.31 -1.82
N PHE B 326 -5.56 -13.24 -0.81
CA PHE B 326 -5.20 -12.49 0.42
C PHE B 326 -4.09 -13.21 1.19
N ALA B 327 -4.20 -14.53 1.42
CA ALA B 327 -3.15 -15.23 2.19
C ALA B 327 -1.81 -15.19 1.45
N GLY B 328 -1.85 -15.32 0.12
CA GLY B 328 -0.61 -15.27 -0.68
C GLY B 328 0.07 -13.91 -0.53
N ASP B 329 -0.72 -12.82 -0.61
CA ASP B 329 -0.16 -11.48 -0.44
C ASP B 329 0.41 -11.25 0.93
N ILE B 330 -0.34 -11.61 1.95
CA ILE B 330 0.15 -11.34 3.31
C ILE B 330 1.31 -12.21 3.72
N ALA B 331 1.43 -13.48 3.19
CA ALA B 331 2.61 -14.29 3.52
C ALA B 331 3.86 -13.53 3.03
N ASN B 332 3.76 -12.90 1.85
CA ASN B 332 4.88 -12.15 1.29
C ASN B 332 5.19 -10.89 2.09
N GLN B 333 4.17 -10.15 2.51
CA GLN B 333 4.39 -8.94 3.30
C GLN B 333 5.00 -9.31 4.66
N LEU B 334 4.46 -10.33 5.29
CA LEU B 334 4.97 -10.73 6.61
C LEU B 334 6.38 -11.24 6.59
N ALA B 335 6.73 -11.99 5.54
CA ALA B 335 8.09 -12.54 5.47
C ALA B 335 9.11 -11.44 5.31
N THR B 336 8.83 -10.42 4.47
CA THR B 336 9.81 -9.33 4.32
C THR B 336 9.86 -8.46 5.57
N ASP B 337 8.71 -8.28 6.26
CA ASP B 337 8.68 -7.52 7.54
C ASP B 337 9.49 -8.28 8.61
N ALA B 338 9.43 -9.62 8.62
CA ALA B 338 10.20 -10.41 9.60
C ALA B 338 11.70 -10.28 9.35
N VAL B 339 12.11 -10.31 8.07
CA VAL B 339 13.52 -10.09 7.73
C VAL B 339 13.92 -8.69 8.23
N GLN B 340 13.03 -7.71 8.00
CA GLN B 340 13.27 -6.33 8.41
C GLN B 340 13.50 -6.18 9.90
N ILE B 341 12.61 -6.77 10.69
CA ILE B 341 12.70 -6.67 12.15
C ILE B 341 14.01 -7.28 12.67
N LEU B 342 14.49 -8.35 12.02
CA LEU B 342 15.77 -8.94 12.47
C LEU B 342 17.01 -8.15 11.97
N GLY B 343 16.81 -7.17 11.08
CA GLY B 343 17.92 -6.35 10.59
C GLY B 343 18.96 -7.17 9.84
N GLY B 344 20.24 -6.89 10.10
CA GLY B 344 21.34 -7.61 9.47
C GLY B 344 21.24 -9.12 9.68
N ASN B 345 20.88 -9.53 10.91
CA ASN B 345 20.67 -10.96 11.20
C ASN B 345 19.58 -11.55 10.32
N GLY B 346 18.53 -10.78 10.03
CA GLY B 346 17.42 -11.23 9.19
C GLY B 346 17.86 -11.58 7.79
N PHE B 347 18.85 -10.88 7.27
CA PHE B 347 19.36 -11.11 5.90
C PHE B 347 20.30 -12.32 5.83
N ASN B 348 20.64 -12.84 7.00
CA ASN B 348 21.62 -13.92 7.11
C ASN B 348 21.01 -15.31 7.19
N THR B 349 21.67 -16.31 6.56
CA THR B 349 21.15 -17.69 6.49
C THR B 349 21.16 -18.48 7.80
N GLU B 350 21.83 -17.98 8.84
CA GLU B 350 21.86 -18.68 10.15
C GLU B 350 20.58 -18.37 10.95
N TYR B 351 19.85 -17.35 10.52
CA TYR B 351 18.57 -16.99 11.11
C TYR B 351 17.47 -17.55 10.20
N PRO B 352 16.25 -17.76 10.72
CA PRO B 352 15.25 -18.51 9.94
C PRO B 352 14.37 -17.73 8.99
N VAL B 353 14.46 -16.40 9.02
CA VAL B 353 13.53 -15.57 8.29
C VAL B 353 13.77 -15.39 6.81
N GLU B 354 15.04 -15.38 6.37
CA GLU B 354 15.30 -15.20 4.92
C GLU B 354 14.72 -16.39 4.13
N LYS B 355 14.74 -17.61 4.73
CA LYS B 355 14.13 -18.74 4.03
C LYS B 355 12.62 -18.46 3.84
N LEU B 356 11.96 -17.88 4.86
CA LEU B 356 10.52 -17.58 4.76
C LEU B 356 10.24 -16.60 3.64
N MET B 357 11.10 -15.61 3.46
CA MET B 357 10.93 -14.66 2.36
C MET B 357 11.06 -15.36 0.99
N ARG B 358 12.07 -16.24 0.86
CA ARG B 358 12.24 -16.96 -0.41
C ARG B 358 11.07 -17.91 -0.65
N ASP B 359 10.62 -18.63 0.40
CA ASP B 359 9.51 -19.60 0.24
C ASP B 359 8.19 -18.88 -0.08
N ALA B 360 7.94 -17.71 0.52
CA ALA B 360 6.62 -17.05 0.40
C ALA B 360 6.23 -16.68 -0.99
N LYS B 361 7.21 -16.35 -1.81
CA LYS B 361 6.89 -15.83 -3.15
C LYS B 361 6.05 -16.80 -4.00
N ILE B 362 6.22 -18.11 -3.79
CA ILE B 362 5.48 -19.10 -4.57
C ILE B 362 3.96 -18.97 -4.36
N TYR B 363 3.53 -18.48 -3.20
CA TYR B 363 2.09 -18.35 -2.92
C TYR B 363 1.38 -17.30 -3.77
N GLN B 364 2.13 -16.43 -4.44
CA GLN B 364 1.52 -15.47 -5.37
C GLN B 364 1.52 -16.06 -6.78
N ILE B 365 2.13 -17.24 -6.98
CA ILE B 365 2.30 -17.78 -8.32
C ILE B 365 1.64 -19.13 -8.52
N TYR B 366 2.01 -20.16 -7.73
CA TYR B 366 1.42 -21.47 -8.02
C TYR B 366 0.00 -21.62 -7.58
N GLU B 367 -0.70 -22.63 -8.15
CA GLU B 367 -2.12 -22.88 -7.85
C GLU B 367 -2.99 -21.66 -8.12
N GLY B 368 -2.69 -20.96 -9.21
CA GLY B 368 -3.44 -19.77 -9.61
C GLY B 368 -2.77 -18.53 -9.08
N THR B 369 -2.15 -17.78 -9.97
CA THR B 369 -1.43 -16.56 -9.55
C THR B 369 -2.35 -15.53 -8.88
N SER B 370 -1.76 -14.55 -8.20
CA SER B 370 -2.50 -13.41 -7.60
C SER B 370 -3.43 -12.76 -8.64
N GLN B 371 -2.96 -12.62 -9.88
CA GLN B 371 -3.78 -11.97 -10.93
C GLN B 371 -4.95 -12.86 -11.31
N ILE B 372 -4.68 -14.17 -11.45
CA ILE B 372 -5.76 -15.10 -11.82
C ILE B 372 -6.81 -15.15 -10.70
N GLN B 373 -6.37 -15.09 -9.44
CA GLN B 373 -7.33 -15.11 -8.33
C GLN B 373 -8.23 -13.88 -8.41
N ARG B 374 -7.65 -12.71 -8.78
CA ARG B 374 -8.47 -11.50 -8.93
C ARG B 374 -9.44 -11.60 -10.10
N LEU B 375 -9.01 -12.25 -11.20
CA LEU B 375 -9.92 -12.48 -12.34
C LEU B 375 -11.10 -13.36 -11.90
N ILE B 376 -10.84 -14.40 -11.07
CA ILE B 376 -11.89 -15.29 -10.61
C ILE B 376 -12.85 -14.55 -9.67
N VAL B 377 -12.29 -13.86 -8.67
CA VAL B 377 -13.11 -13.08 -7.74
C VAL B 377 -13.97 -12.08 -8.51
N ALA B 378 -13.40 -11.36 -9.46
CA ALA B 378 -14.16 -10.37 -10.24
C ALA B 378 -15.34 -11.04 -10.96
N ARG B 379 -15.09 -12.19 -11.61
CA ARG B 379 -16.16 -12.89 -12.36
C ARG B 379 -17.27 -13.33 -11.39
N GLU B 380 -16.88 -13.95 -10.26
CA GLU B 380 -17.87 -14.41 -9.27
C GLU B 380 -18.64 -13.25 -8.62
N HIS B 381 -17.94 -12.14 -8.31
CA HIS B 381 -18.57 -10.95 -7.76
C HIS B 381 -19.59 -10.36 -8.73
N ILE B 382 -19.17 -10.10 -9.97
CA ILE B 382 -20.02 -9.46 -10.97
C ILE B 382 -21.26 -10.32 -11.27
N ASP B 383 -21.11 -11.66 -11.28
CA ASP B 383 -22.22 -12.59 -11.53
C ASP B 383 -23.42 -12.40 -10.55
N LYS B 384 -23.17 -11.90 -9.34
CA LYS B 384 -24.22 -11.64 -8.33
C LYS B 384 -25.13 -10.46 -8.72
N TYR B 385 -24.68 -9.57 -9.62
CA TYR B 385 -25.39 -8.36 -10.02
C TYR B 385 -26.19 -8.45 -11.31
N LYS B 386 -26.38 -9.68 -11.84
CA LYS B 386 -27.20 -9.92 -13.03
C LYS B 386 -27.78 -11.34 -13.07
N LEU C 1 -19.33 -30.31 17.05
CA LEU C 1 -19.95 -29.06 16.57
C LEU C 1 -19.14 -28.53 15.38
N GLY C 2 -18.16 -27.66 15.64
CA GLY C 2 -17.29 -27.14 14.61
C GLY C 2 -17.69 -25.76 14.14
N PHE C 3 -16.94 -25.24 13.18
CA PHE C 3 -17.21 -23.92 12.65
C PHE C 3 -18.51 -23.90 11.88
N SER C 4 -19.10 -22.71 11.82
CA SER C 4 -20.31 -22.45 11.08
C SER C 4 -20.33 -21.01 10.65
N PHE C 5 -20.73 -20.77 9.41
CA PHE C 5 -20.88 -19.40 8.90
C PHE C 5 -22.33 -19.18 8.46
N GLU C 6 -23.26 -19.86 9.11
CA GLU C 6 -24.68 -19.74 8.78
C GLU C 6 -25.43 -19.11 9.94
N PHE C 7 -26.21 -18.05 9.66
CA PHE C 7 -27.04 -17.41 10.69
C PHE C 7 -28.12 -18.35 11.19
N THR C 8 -28.68 -18.06 12.39
CA THR C 8 -29.84 -18.80 12.88
C THR C 8 -31.03 -18.24 12.10
N GLU C 9 -32.18 -18.95 12.14
CA GLU C 9 -33.39 -18.47 11.47
C GLU C 9 -33.85 -17.11 12.00
N GLN C 10 -33.78 -16.89 13.34
CA GLN C 10 -34.13 -15.60 13.95
C GLN C 10 -33.21 -14.50 13.42
N GLN C 11 -31.90 -14.79 13.28
CA GLN C 11 -30.97 -13.80 12.75
C GLN C 11 -31.29 -13.43 11.31
N LYS C 12 -31.70 -14.42 10.48
CA LYS C 12 -32.07 -14.14 9.07
C LYS C 12 -33.30 -13.22 9.03
N GLU C 13 -34.24 -13.41 9.98
CA GLU C 13 -35.44 -12.56 10.09
C GLU C 13 -35.06 -11.13 10.49
N PHE C 14 -34.17 -10.95 11.50
CA PHE C 14 -33.71 -9.60 11.90
C PHE C 14 -33.00 -8.93 10.73
N GLN C 15 -32.14 -9.69 10.03
CA GLN C 15 -31.40 -9.14 8.88
C GLN C 15 -32.37 -8.66 7.82
N ALA C 16 -33.40 -9.48 7.49
CA ALA C 16 -34.41 -9.13 6.49
C ALA C 16 -35.16 -7.84 6.89
N THR C 17 -35.55 -7.70 8.15
CA THR C 17 -36.25 -6.51 8.63
C THR C 17 -35.36 -5.28 8.51
N ALA C 18 -34.09 -5.39 8.95
CA ALA C 18 -33.16 -4.24 8.89
C ALA C 18 -32.84 -3.88 7.43
N ARG C 19 -32.68 -4.91 6.55
CA ARG C 19 -32.37 -4.64 5.14
C ARG C 19 -33.54 -3.95 4.43
N LYS C 20 -34.76 -4.40 4.67
CA LYS C 20 -35.97 -3.81 4.08
C LYS C 20 -36.10 -2.37 4.54
N PHE C 21 -35.89 -2.12 5.84
CA PHE C 21 -35.96 -0.76 6.40
C PHE C 21 -34.88 0.13 5.75
N ALA C 22 -33.64 -0.36 5.66
CA ALA C 22 -32.56 0.45 5.08
C ALA C 22 -32.85 0.75 3.59
N ARG C 23 -33.36 -0.23 2.86
CA ARG C 23 -33.62 -0.03 1.42
C ARG C 23 -34.84 0.79 1.08
N GLU C 24 -35.91 0.58 1.82
CA GLU C 24 -37.16 1.29 1.52
C GLU C 24 -37.30 2.63 2.21
N GLU C 25 -36.66 2.78 3.37
CA GLU C 25 -36.84 4.00 4.17
C GLU C 25 -35.61 4.86 4.29
N ILE C 26 -34.44 4.27 4.54
CA ILE C 26 -33.23 5.09 4.71
C ILE C 26 -32.67 5.58 3.39
N ILE C 27 -32.39 4.65 2.45
CA ILE C 27 -31.72 5.01 1.20
C ILE C 27 -32.38 6.17 0.45
N PRO C 28 -33.72 6.16 0.28
CA PRO C 28 -34.34 7.22 -0.53
C PRO C 28 -34.27 8.62 0.05
N VAL C 29 -33.94 8.76 1.37
CA VAL C 29 -33.90 10.08 2.02
C VAL C 29 -32.54 10.45 2.57
N ALA C 30 -31.59 9.53 2.60
CA ALA C 30 -30.27 9.81 3.20
C ALA C 30 -29.53 11.00 2.56
N ALA C 31 -29.64 11.17 1.22
CA ALA C 31 -28.94 12.29 0.58
C ALA C 31 -29.52 13.63 1.05
N GLU C 32 -30.84 13.69 1.26
CA GLU C 32 -31.50 14.90 1.73
C GLU C 32 -31.09 15.23 3.17
N TYR C 33 -31.05 14.20 4.07
CA TYR C 33 -30.59 14.43 5.45
C TYR C 33 -29.14 14.88 5.52
N ASP C 34 -28.29 14.34 4.60
CA ASP C 34 -26.89 14.74 4.56
C ASP C 34 -26.76 16.21 4.12
N LYS C 35 -27.62 16.65 3.16
CA LYS C 35 -27.64 18.03 2.67
C LYS C 35 -28.12 19.02 3.74
N THR C 36 -29.18 18.66 4.47
CA THR C 36 -29.78 19.59 5.45
C THR C 36 -29.13 19.53 6.82
N GLY C 37 -28.59 18.36 7.17
CA GLY C 37 -28.05 18.13 8.51
C GLY C 37 -29.15 17.94 9.54
N GLU C 38 -30.41 17.74 9.08
CA GLU C 38 -31.54 17.56 9.98
C GLU C 38 -31.39 16.25 10.75
N TYR C 39 -31.66 16.24 12.06
CA TYR C 39 -31.58 15.01 12.86
C TYR C 39 -32.72 14.07 12.35
N PRO C 40 -32.40 12.81 12.01
CA PRO C 40 -33.39 11.96 11.31
C PRO C 40 -34.44 11.31 12.21
N VAL C 41 -35.19 12.14 12.92
CA VAL C 41 -36.21 11.70 13.87
C VAL C 41 -37.18 10.64 13.29
N PRO C 42 -37.80 10.83 12.09
CA PRO C 42 -38.73 9.79 11.58
C PRO C 42 -38.07 8.43 11.40
N LEU C 43 -36.80 8.39 10.96
CA LEU C 43 -36.12 7.11 10.76
C LEU C 43 -35.78 6.47 12.07
N ILE C 44 -35.31 7.26 13.04
CA ILE C 44 -35.00 6.74 14.38
C ILE C 44 -36.26 6.16 14.99
N ARG C 45 -37.37 6.90 14.95
CA ARG C 45 -38.64 6.38 15.52
C ARG C 45 -39.10 5.09 14.83
N ARG C 46 -38.94 5.00 13.51
CA ARG C 46 -39.32 3.77 12.78
C ARG C 46 -38.38 2.60 13.16
N ALA C 47 -37.06 2.86 13.27
CA ALA C 47 -36.10 1.82 13.68
C ALA C 47 -36.48 1.30 15.08
N TRP C 48 -36.86 2.20 15.97
CA TRP C 48 -37.26 1.83 17.32
C TRP C 48 -38.52 0.93 17.28
N GLU C 49 -39.52 1.33 16.48
CA GLU C 49 -40.77 0.57 16.32
C GLU C 49 -40.51 -0.84 15.74
N LEU C 50 -39.52 -0.95 14.85
CA LEU C 50 -39.17 -2.24 14.22
C LEU C 50 -38.30 -3.15 15.07
N GLY C 51 -37.88 -2.67 16.24
CA GLY C 51 -37.03 -3.42 17.15
C GLY C 51 -35.58 -3.43 16.76
N LEU C 52 -35.12 -2.39 16.03
CA LEU C 52 -33.77 -2.31 15.53
C LEU C 52 -32.86 -1.36 16.33
N MET C 53 -33.35 -0.78 17.43
N MET C 53 -33.33 -0.91 17.47
CA MET C 53 -32.58 0.16 18.28
CA MET C 53 -32.62 0.02 18.34
C MET C 53 -32.60 -0.39 19.70
C MET C 53 -32.52 -0.58 19.71
N ASN C 54 -31.55 -0.11 20.50
CA ASN C 54 -31.40 -0.56 21.91
C ASN C 54 -31.40 -2.10 22.02
N THR C 55 -30.83 -2.80 21.03
CA THR C 55 -30.97 -4.26 20.99
C THR C 55 -30.35 -5.02 22.14
N HIS C 56 -29.34 -4.42 22.83
CA HIS C 56 -28.69 -5.10 23.95
C HIS C 56 -29.46 -5.03 25.26
N ILE C 57 -30.51 -4.18 25.33
CA ILE C 57 -31.25 -4.07 26.59
C ILE C 57 -31.82 -5.42 27.01
N PRO C 58 -31.54 -5.90 28.24
CA PRO C 58 -32.06 -7.22 28.66
C PRO C 58 -33.58 -7.31 28.64
N GLU C 59 -34.07 -8.55 28.43
CA GLU C 59 -35.51 -8.82 28.40
C GLU C 59 -36.19 -8.42 29.71
N ASN C 60 -35.48 -8.51 30.85
CA ASN C 60 -36.10 -8.13 32.14
C ASN C 60 -36.29 -6.62 32.31
N CYS C 61 -35.74 -5.80 31.37
CA CYS C 61 -35.94 -4.34 31.33
C CYS C 61 -36.89 -3.95 30.20
N GLY C 62 -37.50 -4.96 29.58
CA GLY C 62 -38.43 -4.74 28.47
C GLY C 62 -37.77 -4.71 27.12
N GLY C 63 -36.49 -5.09 27.06
CA GLY C 63 -35.72 -5.07 25.82
C GLY C 63 -35.75 -6.39 25.08
N LEU C 64 -35.07 -6.43 23.93
CA LEU C 64 -35.00 -7.66 23.13
C LEU C 64 -33.99 -8.66 23.63
N GLY C 65 -33.01 -8.20 24.41
CA GLY C 65 -31.98 -9.05 24.99
C GLY C 65 -31.14 -9.73 23.93
N LEU C 66 -30.84 -9.02 22.84
CA LEU C 66 -30.02 -9.61 21.78
C LEU C 66 -28.54 -9.49 22.14
N GLY C 67 -27.71 -10.27 21.48
CA GLY C 67 -26.27 -10.23 21.72
C GLY C 67 -25.58 -9.28 20.75
N THR C 68 -24.25 -9.23 20.87
CA THR C 68 -23.43 -8.38 20.03
C THR C 68 -23.48 -8.85 18.58
N PHE C 69 -23.52 -10.18 18.34
CA PHE C 69 -23.57 -10.68 16.95
C PHE C 69 -24.84 -10.16 16.26
N ASP C 70 -25.98 -10.20 16.97
CA ASP C 70 -27.26 -9.70 16.45
C ASP C 70 -27.20 -8.20 16.21
N ALA C 71 -26.63 -7.43 17.17
CA ALA C 71 -26.51 -5.96 17.00
C ALA C 71 -25.67 -5.64 15.77
N CYS C 72 -24.58 -6.39 15.52
CA CYS C 72 -23.71 -6.16 14.36
C CYS C 72 -24.43 -6.38 13.07
N LEU C 73 -25.19 -7.49 12.97
CA LEU C 73 -25.83 -7.78 11.69
C LEU C 73 -26.89 -6.72 11.35
N ILE C 74 -27.56 -6.18 12.38
CA ILE C 74 -28.52 -5.09 12.19
C ILE C 74 -27.79 -3.84 11.80
N SER C 75 -26.70 -3.52 12.53
CA SER C 75 -25.89 -2.32 12.30
C SER C 75 -25.33 -2.28 10.87
N GLU C 76 -24.86 -3.41 10.36
CA GLU C 76 -24.35 -3.43 8.97
C GLU C 76 -25.44 -3.04 7.98
N GLU C 77 -26.66 -3.56 8.18
CA GLU C 77 -27.76 -3.25 7.25
C GLU C 77 -28.15 -1.78 7.33
N LEU C 78 -28.21 -1.19 8.54
CA LEU C 78 -28.58 0.23 8.67
C LEU C 78 -27.52 1.13 8.07
N ALA C 79 -26.24 0.81 8.34
CA ALA C 79 -25.10 1.58 7.83
C ALA C 79 -25.05 1.59 6.31
N TYR C 80 -25.44 0.46 5.66
CA TYR C 80 -25.51 0.37 4.21
C TYR C 80 -26.40 1.50 3.68
N GLY C 81 -27.49 1.79 4.39
CA GLY C 81 -28.38 2.89 4.04
C GLY C 81 -27.73 4.22 4.32
N CYS C 82 -27.29 4.46 5.57
CA CYS C 82 -26.63 5.71 5.93
C CYS C 82 -25.94 5.55 7.28
N THR C 83 -24.64 5.88 7.35
CA THR C 83 -23.96 5.81 8.64
C THR C 83 -24.26 7.02 9.52
N GLY C 84 -24.80 8.09 8.95
CA GLY C 84 -25.24 9.21 9.77
C GLY C 84 -26.42 8.75 10.61
N VAL C 85 -27.41 8.09 9.95
CA VAL C 85 -28.57 7.54 10.63
C VAL C 85 -28.14 6.41 11.58
N GLN C 86 -27.30 5.47 11.11
CA GLN C 86 -26.84 4.37 11.92
C GLN C 86 -26.04 4.85 13.16
N THR C 87 -25.23 5.93 13.04
CA THR C 87 -24.46 6.43 14.17
C THR C 87 -25.36 6.99 15.26
N ALA C 88 -26.46 7.67 14.88
CA ALA C 88 -27.44 8.19 15.85
C ALA C 88 -28.07 7.03 16.62
N ILE C 89 -28.47 5.98 15.87
CA ILE C 89 -29.07 4.79 16.48
C ILE C 89 -28.07 4.05 17.35
N GLU C 90 -26.85 3.86 16.86
CA GLU C 90 -25.76 3.16 17.58
C GLU C 90 -25.35 3.93 18.81
N GLY C 91 -25.42 5.26 18.74
CA GLY C 91 -25.09 6.14 19.86
C GLY C 91 -25.85 5.73 21.11
N ASN C 92 -27.10 5.25 20.95
CA ASN C 92 -27.89 4.74 22.10
C ASN C 92 -27.20 3.56 22.73
N SER C 93 -26.70 2.62 21.90
CA SER C 93 -26.03 1.44 22.44
C SER C 93 -24.72 1.80 23.14
N LEU C 94 -24.00 2.83 22.65
CA LEU C 94 -22.75 3.31 23.28
C LEU C 94 -23.02 3.88 24.66
N GLY C 95 -24.09 4.67 24.80
CA GLY C 95 -24.46 5.23 26.09
C GLY C 95 -24.98 4.19 27.06
N GLN C 96 -25.74 3.22 26.54
CA GLN C 96 -26.33 2.16 27.36
C GLN C 96 -25.37 1.11 27.83
N MET C 97 -24.32 0.81 27.02
CA MET C 97 -23.42 -0.31 27.35
C MET C 97 -22.83 -0.30 28.76
N PRO C 98 -22.32 0.83 29.30
CA PRO C 98 -21.84 0.81 30.68
C PRO C 98 -22.91 0.41 31.69
N ILE C 99 -24.19 0.80 31.46
CA ILE C 99 -25.26 0.42 32.36
C ILE C 99 -25.58 -1.06 32.20
N ILE C 100 -25.60 -1.54 30.96
CA ILE C 100 -25.90 -2.94 30.69
C ILE C 100 -24.89 -3.84 31.38
N ILE C 101 -23.59 -3.51 31.28
CA ILE C 101 -22.52 -4.36 31.84
C ILE C 101 -22.21 -4.10 33.32
N ALA C 102 -22.46 -2.89 33.82
CA ALA C 102 -22.08 -2.55 35.20
C ALA C 102 -23.19 -1.97 36.10
N GLY C 103 -24.37 -1.76 35.54
CA GLY C 103 -25.47 -1.21 36.33
C GLY C 103 -26.06 -2.23 37.28
N ASN C 104 -26.62 -1.75 38.39
CA ASN C 104 -27.33 -2.64 39.31
C ASN C 104 -28.79 -2.72 38.80
N ASP C 105 -29.64 -3.52 39.43
CA ASP C 105 -31.02 -3.71 38.97
C ASP C 105 -31.82 -2.40 38.89
N GLN C 106 -31.68 -1.53 39.89
CA GLN C 106 -32.41 -0.24 39.94
C GLN C 106 -32.00 0.66 38.79
N GLN C 107 -30.67 0.78 38.54
CA GLN C 107 -30.16 1.64 37.46
C GLN C 107 -30.62 1.13 36.11
N LYS C 108 -30.62 -0.20 35.92
CA LYS C 108 -31.03 -0.78 34.63
C LYS C 108 -32.52 -0.61 34.41
N LYS C 109 -33.35 -0.92 35.43
CA LYS C 109 -34.80 -0.75 35.31
C LYS C 109 -35.16 0.69 35.00
N LYS C 110 -34.53 1.65 35.70
CA LYS C 110 -34.83 3.08 35.52
C LYS C 110 -34.36 3.63 34.16
N TYR C 111 -33.08 3.46 33.87
CA TYR C 111 -32.48 4.07 32.67
C TYR C 111 -32.57 3.29 31.39
N LEU C 112 -32.54 1.96 31.47
CA LEU C 112 -32.75 1.16 30.27
C LEU C 112 -34.23 0.94 30.03
N GLY C 113 -35.01 0.72 31.09
CA GLY C 113 -36.44 0.51 30.99
C GLY C 113 -37.14 1.63 30.25
N ARG C 114 -36.74 2.90 30.52
CA ARG C 114 -37.40 4.02 29.84
C ARG C 114 -37.18 4.00 28.31
N MET C 115 -36.05 3.45 27.86
CA MET C 115 -35.70 3.39 26.44
C MET C 115 -36.55 2.39 25.68
N THR C 116 -37.10 1.40 26.36
CA THR C 116 -37.95 0.38 25.72
C THR C 116 -39.39 0.83 25.61
N GLU C 117 -39.76 1.89 26.35
CA GLU C 117 -41.11 2.45 26.37
C GLU C 117 -41.32 3.56 25.37
N GLU C 118 -40.26 4.35 25.09
CA GLU C 118 -40.34 5.45 24.13
C GLU C 118 -39.00 5.55 23.40
N PRO C 119 -38.98 6.08 22.16
CA PRO C 119 -37.73 6.20 21.41
C PRO C 119 -36.86 7.36 21.89
N LEU C 120 -36.50 7.36 23.17
CA LEU C 120 -35.57 8.34 23.74
C LEU C 120 -34.17 8.05 23.24
N MET C 121 -33.30 9.06 23.27
CA MET C 121 -31.92 8.84 22.91
C MET C 121 -31.06 8.93 24.17
N CYS C 122 -29.84 8.42 24.09
CA CYS C 122 -28.88 8.61 25.17
C CYS C 122 -27.52 8.78 24.55
N ALA C 123 -26.51 9.07 25.37
CA ALA C 123 -25.19 9.40 24.81
C ALA C 123 -24.14 9.03 25.82
N TYR C 124 -22.88 8.97 25.38
CA TYR C 124 -21.82 8.70 26.31
C TYR C 124 -20.78 9.81 26.20
N CYS C 125 -20.32 10.31 27.36
CA CYS C 125 -19.43 11.46 27.49
C CYS C 125 -18.13 11.08 28.08
N VAL C 126 -17.12 10.91 27.25
CA VAL C 126 -15.79 10.59 27.74
C VAL C 126 -14.83 11.68 27.22
N THR C 127 -14.82 11.87 25.90
CA THR C 127 -13.87 12.79 25.25
C THR C 127 -14.02 14.23 25.71
N GLU C 128 -12.88 14.91 25.82
CA GLU C 128 -12.80 16.31 26.19
C GLU C 128 -12.01 17.06 25.13
N PRO C 129 -12.08 18.41 25.08
CA PRO C 129 -11.27 19.12 24.07
C PRO C 129 -9.79 18.80 24.20
N GLY C 130 -9.31 18.60 25.42
CA GLY C 130 -7.90 18.31 25.62
C GLY C 130 -7.45 16.85 25.51
N ALA C 131 -8.40 15.91 25.49
CA ALA C 131 -8.05 14.47 25.48
C ALA C 131 -9.17 13.62 24.93
N GLY C 132 -8.81 12.81 23.96
CA GLY C 132 -9.75 11.91 23.28
C GLY C 132 -9.19 10.51 23.27
N SER C 133 -8.07 10.32 22.59
CA SER C 133 -7.41 9.00 22.56
C SER C 133 -6.91 8.64 23.97
N ASP C 134 -6.38 9.64 24.68
CA ASP C 134 -5.79 9.47 26.00
C ASP C 134 -6.86 9.60 27.09
N VAL C 135 -7.64 8.52 27.30
CA VAL C 135 -8.74 8.52 28.27
C VAL C 135 -8.22 8.81 29.69
N ALA C 136 -7.03 8.29 30.03
CA ALA C 136 -6.44 8.56 31.33
C ALA C 136 -6.03 10.04 31.52
N GLY C 137 -6.14 10.83 30.46
CA GLY C 137 -5.83 12.25 30.52
C GLY C 137 -7.04 13.15 30.74
N ILE C 138 -8.23 12.55 30.94
CA ILE C 138 -9.42 13.36 31.12
C ILE C 138 -9.36 14.16 32.43
N LYS C 139 -9.87 15.40 32.40
CA LYS C 139 -9.79 16.31 33.56
C LYS C 139 -11.13 16.70 34.17
N THR C 140 -12.27 16.30 33.55
CA THR C 140 -13.59 16.57 34.16
C THR C 140 -13.54 16.02 35.57
N LYS C 141 -13.93 16.83 36.55
CA LYS C 141 -13.82 16.49 37.97
C LYS C 141 -15.14 16.05 38.56
N ALA C 142 -15.12 15.06 39.45
CA ALA C 142 -16.27 14.59 40.20
C ALA C 142 -15.85 14.63 41.69
N GLU C 143 -16.60 15.36 42.52
CA GLU C 143 -16.24 15.49 43.93
C GLU C 143 -17.41 15.07 44.76
N LYS C 144 -17.18 14.16 45.71
CA LYS C 144 -18.23 13.63 46.57
C LYS C 144 -18.57 14.66 47.64
N LYS C 145 -19.85 15.03 47.75
CA LYS C 145 -20.35 15.99 48.74
C LYS C 145 -21.61 15.41 49.34
N GLY C 146 -21.45 14.66 50.42
CA GLY C 146 -22.55 13.98 51.08
C GLY C 146 -23.09 12.82 50.25
N ASP C 147 -24.39 12.83 49.94
CA ASP C 147 -25.02 11.78 49.15
C ASP C 147 -25.02 12.07 47.65
N GLU C 148 -24.23 13.07 47.24
CA GLU C 148 -24.16 13.40 45.82
C GLU C 148 -22.75 13.73 45.37
N TYR C 149 -22.56 13.73 44.05
CA TYR C 149 -21.28 14.10 43.46
C TYR C 149 -21.52 15.37 42.68
N ILE C 150 -20.51 16.25 42.67
CA ILE C 150 -20.54 17.51 41.91
C ILE C 150 -19.60 17.34 40.72
N ILE C 151 -20.11 17.48 39.50
CA ILE C 151 -19.32 17.33 38.28
C ILE C 151 -19.00 18.69 37.68
N ASN C 152 -17.72 18.90 37.30
CA ASN C 152 -17.27 20.12 36.63
C ASN C 152 -16.33 19.74 35.50
N GLY C 153 -16.66 20.10 34.27
CA GLY C 153 -15.77 19.84 33.15
C GLY C 153 -16.44 20.13 31.82
N GLN C 154 -15.70 19.93 30.74
CA GLN C 154 -16.25 20.12 29.39
C GLN C 154 -16.01 18.83 28.61
N LYS C 155 -17.04 18.35 27.90
CA LYS C 155 -16.95 17.17 27.06
C LYS C 155 -17.10 17.63 25.63
N MET C 156 -16.53 16.88 24.67
CA MET C 156 -16.56 17.34 23.28
C MET C 156 -16.85 16.18 22.36
N TRP C 157 -17.49 16.48 21.21
CA TRP C 157 -17.82 15.52 20.13
C TRP C 157 -18.80 14.48 20.60
N ILE C 158 -19.81 14.87 21.39
CA ILE C 158 -20.76 13.90 21.92
C ILE C 158 -21.87 13.55 20.93
N THR C 159 -21.89 12.29 20.47
CA THR C 159 -22.95 11.82 19.56
C THR C 159 -24.27 11.83 20.34
N ASN C 160 -25.33 12.38 19.72
CA ASN C 160 -26.66 12.55 20.36
C ASN C 160 -26.58 13.51 21.57
N GLY C 161 -25.52 14.31 21.64
CA GLY C 161 -25.26 15.23 22.75
C GLY C 161 -26.39 16.18 23.05
N GLY C 162 -27.08 16.64 21.99
CA GLY C 162 -28.21 17.55 22.16
C GLY C 162 -29.57 16.90 22.15
N LYS C 163 -29.60 15.57 22.03
CA LYS C 163 -30.86 14.82 21.89
C LYS C 163 -31.06 13.82 23.05
N ALA C 164 -30.03 13.60 23.85
CA ALA C 164 -30.03 12.59 24.90
C ALA C 164 -30.94 12.90 26.08
N ASN C 165 -31.59 11.84 26.58
CA ASN C 165 -32.42 11.94 27.78
C ASN C 165 -31.49 11.82 29.01
N TRP C 166 -30.36 11.12 28.84
CA TRP C 166 -29.38 10.93 29.90
C TRP C 166 -28.04 10.57 29.27
N TYR C 167 -26.98 10.71 30.06
CA TYR C 167 -25.62 10.47 29.60
C TYR C 167 -24.92 9.50 30.50
N PHE C 168 -24.02 8.72 29.93
CA PHE C 168 -23.04 7.99 30.71
C PHE C 168 -21.90 9.03 30.74
N LEU C 169 -21.32 9.29 31.92
CA LEU C 169 -20.25 10.27 31.97
C LEU C 169 -19.05 9.70 32.73
N LEU C 170 -17.84 9.91 32.20
CA LEU C 170 -16.62 9.48 32.89
C LEU C 170 -15.93 10.73 33.43
N ALA C 171 -15.61 10.72 34.73
CA ALA C 171 -14.96 11.87 35.36
C ALA C 171 -13.86 11.43 36.30
N ARG C 172 -12.86 12.30 36.49
CA ARG C 172 -11.76 12.02 37.40
C ARG C 172 -12.23 12.28 38.85
N SER C 173 -12.21 11.23 39.69
CA SER C 173 -12.65 11.30 41.10
C SER C 173 -11.48 11.31 42.08
N ASP C 174 -10.28 10.92 41.64
CA ASP C 174 -9.11 10.92 42.53
C ASP C 174 -8.22 12.13 42.17
N PRO C 175 -8.10 13.13 43.07
CA PRO C 175 -7.29 14.33 42.75
C PRO C 175 -5.77 14.09 42.72
N ASP C 176 -5.30 12.96 43.32
CA ASP C 176 -3.90 12.57 43.36
C ASP C 176 -3.40 12.32 41.92
N PRO C 177 -2.38 13.09 41.43
CA PRO C 177 -1.89 12.88 40.05
C PRO C 177 -1.18 11.54 39.80
N LYS C 178 -0.78 10.86 40.88
CA LYS C 178 -0.09 9.56 40.81
C LYS C 178 -1.09 8.38 40.86
N ALA C 179 -2.40 8.67 40.99
CA ALA C 179 -3.42 7.61 41.04
C ALA C 179 -3.47 6.86 39.71
N PRO C 180 -3.36 5.50 39.74
CA PRO C 180 -3.39 4.75 38.46
C PRO C 180 -4.75 4.87 37.81
N ALA C 181 -4.78 4.76 36.47
CA ALA C 181 -6.02 4.91 35.71
C ALA C 181 -7.14 4.02 36.22
N ASN C 182 -6.84 2.76 36.56
CA ASN C 182 -7.88 1.87 37.06
C ASN C 182 -8.50 2.21 38.42
N LYS C 183 -8.00 3.26 39.14
CA LYS C 183 -8.56 3.72 40.43
C LYS C 183 -8.99 5.22 40.42
N ALA C 184 -8.60 5.98 39.38
CA ALA C 184 -8.76 7.44 39.33
C ALA C 184 -10.10 7.98 38.83
N PHE C 185 -10.91 7.16 38.16
CA PHE C 185 -12.14 7.65 37.54
C PHE C 185 -13.41 7.01 38.05
N THR C 186 -14.52 7.72 37.90
CA THR C 186 -15.83 7.22 38.29
C THR C 186 -16.79 7.42 37.12
N GLY C 187 -17.61 6.41 36.86
CA GLY C 187 -18.63 6.44 35.80
C GLY C 187 -19.99 6.75 36.41
N PHE C 188 -20.72 7.64 35.75
CA PHE C 188 -22.04 8.07 36.29
C PHE C 188 -23.11 8.02 35.23
N ILE C 189 -24.35 7.94 35.69
CA ILE C 189 -25.51 8.12 34.82
C ILE C 189 -25.96 9.55 35.18
N VAL C 190 -26.09 10.42 34.19
CA VAL C 190 -26.48 11.81 34.45
C VAL C 190 -27.74 12.15 33.65
N GLU C 191 -28.83 12.53 34.32
CA GLU C 191 -30.05 12.96 33.61
C GLU C 191 -29.73 14.26 32.81
N ALA C 192 -30.14 14.34 31.56
CA ALA C 192 -29.83 15.50 30.72
C ALA C 192 -30.47 16.81 31.16
N ASP C 193 -31.59 16.74 31.92
CA ASP C 193 -32.31 17.91 32.39
C ASP C 193 -31.72 18.47 33.72
N THR C 194 -30.56 17.94 34.15
CA THR C 194 -29.95 18.41 35.40
C THR C 194 -29.46 19.85 35.25
N PRO C 195 -29.80 20.76 36.21
CA PRO C 195 -29.27 22.13 36.12
C PRO C 195 -27.73 22.11 36.12
N GLY C 196 -27.17 22.98 35.30
CA GLY C 196 -25.73 23.12 35.19
C GLY C 196 -25.17 22.54 33.91
N ILE C 197 -25.99 21.71 33.20
CA ILE C 197 -25.58 21.10 31.92
C ILE C 197 -25.83 22.16 30.84
N GLN C 198 -24.79 22.52 30.07
CA GLN C 198 -24.93 23.53 29.02
C GLN C 198 -24.54 22.88 27.70
N ILE C 199 -25.52 22.57 26.87
CA ILE C 199 -25.25 21.91 25.59
C ILE C 199 -24.87 22.96 24.56
N GLY C 200 -23.77 22.70 23.81
CA GLY C 200 -23.29 23.61 22.79
C GLY C 200 -24.03 23.47 21.48
N ARG C 201 -23.56 24.21 20.45
CA ARG C 201 -24.11 24.20 19.07
C ARG C 201 -23.91 22.84 18.41
N LYS C 202 -24.69 22.56 17.33
CA LYS C 202 -24.46 21.36 16.53
C LYS C 202 -23.13 21.59 15.82
N GLU C 203 -22.21 20.65 15.96
CA GLU C 203 -20.92 20.76 15.25
C GLU C 203 -21.11 20.39 13.78
N LEU C 204 -20.42 21.09 12.88
CA LEU C 204 -20.54 20.86 11.44
C LEU C 204 -19.32 20.12 10.96
N ASN C 205 -19.47 18.81 10.70
CA ASN C 205 -18.35 17.94 10.31
C ASN C 205 -18.38 17.59 8.83
N MET C 206 -17.30 16.97 8.35
CA MET C 206 -17.23 16.61 6.92
C MET C 206 -18.30 15.58 6.53
N GLY C 207 -18.51 14.59 7.38
CA GLY C 207 -19.39 13.45 7.12
C GLY C 207 -20.33 13.18 8.27
N GLN C 208 -21.21 12.15 8.07
CA GLN C 208 -22.29 11.76 8.99
C GLN C 208 -23.03 13.00 9.43
N ARG C 209 -23.36 13.87 8.45
CA ARG C 209 -23.88 15.20 8.75
C ARG C 209 -25.22 15.27 9.44
N CYS C 210 -26.04 14.22 9.31
CA CYS C 210 -27.34 14.27 9.99
C CYS C 210 -27.22 13.80 11.46
N SER C 211 -26.11 13.15 11.84
CA SER C 211 -25.86 12.73 13.23
C SER C 211 -25.67 14.01 14.06
N ASP C 212 -26.13 13.98 15.30
CA ASP C 212 -26.03 15.17 16.16
C ASP C 212 -24.75 15.02 16.96
N THR C 213 -23.82 16.02 16.87
CA THR C 213 -22.55 15.92 17.60
C THR C 213 -22.32 17.26 18.30
N ARG C 214 -22.13 17.26 19.62
CA ARG C 214 -21.99 18.55 20.32
C ARG C 214 -20.99 18.52 21.44
N GLY C 215 -20.51 19.70 21.82
CA GLY C 215 -19.77 19.90 23.05
C GLY C 215 -20.78 20.13 24.19
N ILE C 216 -20.45 19.73 25.41
CA ILE C 216 -21.34 19.92 26.56
C ILE C 216 -20.47 20.38 27.72
N VAL C 217 -20.90 21.45 28.41
CA VAL C 217 -20.20 21.92 29.60
C VAL C 217 -21.02 21.49 30.84
N PHE C 218 -20.34 20.96 31.86
CA PHE C 218 -20.97 20.55 33.12
C PHE C 218 -20.46 21.52 34.20
N GLU C 219 -21.34 22.39 34.71
CA GLU C 219 -20.98 23.39 35.70
C GLU C 219 -21.67 23.07 37.01
N ASP C 220 -20.91 22.54 38.00
CA ASP C 220 -21.45 22.19 39.33
C ASP C 220 -22.71 21.32 39.20
N VAL C 221 -22.63 20.33 38.32
CA VAL C 221 -23.75 19.43 38.08
C VAL C 221 -23.85 18.40 39.20
N LYS C 222 -24.99 18.36 39.88
CA LYS C 222 -25.22 17.44 41.00
C LYS C 222 -25.72 16.10 40.51
N VAL C 223 -25.05 15.03 40.93
CA VAL C 223 -25.42 13.65 40.51
C VAL C 223 -25.61 12.81 41.80
N PRO C 224 -26.77 12.17 42.01
CA PRO C 224 -26.93 11.36 43.23
C PRO C 224 -25.99 10.17 43.27
N LYS C 225 -25.55 9.76 44.48
CA LYS C 225 -24.63 8.62 44.60
C LYS C 225 -25.23 7.31 44.04
N GLU C 226 -26.58 7.21 43.99
CA GLU C 226 -27.25 6.03 43.44
C GLU C 226 -26.99 5.90 41.93
N ASN C 227 -26.51 6.98 41.29
CA ASN C 227 -26.21 6.99 39.85
C ASN C 227 -24.75 6.62 39.51
N VAL C 228 -23.97 6.20 40.50
CA VAL C 228 -22.59 5.78 40.28
C VAL C 228 -22.59 4.32 39.81
N LEU C 229 -21.80 4.02 38.77
CA LEU C 229 -21.69 2.66 38.28
C LEU C 229 -20.61 1.91 39.06
N ILE C 230 -21.03 0.87 39.80
CA ILE C 230 -20.19 0.00 40.66
C ILE C 230 -19.74 0.73 41.93
N GLY C 231 -18.95 1.78 41.75
CA GLY C 231 -18.45 2.57 42.86
C GLY C 231 -17.36 3.53 42.44
N ASP C 232 -16.90 4.31 43.42
CA ASP C 232 -15.82 5.27 43.24
C ASP C 232 -14.58 4.56 42.71
N GLY C 233 -14.01 5.06 41.61
CA GLY C 233 -12.79 4.51 41.05
C GLY C 233 -12.93 3.39 40.04
N ALA C 234 -14.17 2.88 39.84
CA ALA C 234 -14.41 1.79 38.89
C ALA C 234 -14.66 2.28 37.45
N GLY C 235 -14.63 3.57 37.23
CA GLY C 235 -14.97 4.18 35.94
C GLY C 235 -14.17 3.73 34.74
N PHE C 236 -12.84 3.65 34.88
CA PHE C 236 -12.00 3.29 33.76
C PHE C 236 -12.32 1.89 33.25
N LYS C 237 -12.45 0.89 34.17
CA LYS C 237 -12.77 -0.48 33.77
C LYS C 237 -14.16 -0.59 33.14
N VAL C 238 -15.14 0.18 33.65
CA VAL C 238 -16.50 0.18 33.09
C VAL C 238 -16.44 0.72 31.64
N ALA C 239 -15.84 1.89 31.45
CA ALA C 239 -15.74 2.53 30.13
C ALA C 239 -14.97 1.65 29.15
N MET C 240 -13.82 1.06 29.58
CA MET C 240 -13.02 0.20 28.71
C MET C 240 -13.72 -1.11 28.41
N GLY C 241 -14.44 -1.67 29.39
CA GLY C 241 -15.19 -2.92 29.24
C GLY C 241 -16.30 -2.79 28.23
N ALA C 242 -16.94 -1.61 28.17
CA ALA C 242 -18.05 -1.38 27.23
C ALA C 242 -17.58 -1.50 25.75
N PHE C 243 -16.32 -1.20 25.45
CA PHE C 243 -15.79 -1.36 24.07
C PHE C 243 -15.85 -2.78 23.52
N ASP C 244 -15.77 -3.79 24.37
CA ASP C 244 -15.86 -5.20 23.95
C ASP C 244 -17.16 -5.46 23.22
N LYS C 245 -18.25 -4.84 23.67
CA LYS C 245 -19.53 -5.03 23.04
C LYS C 245 -19.82 -4.01 21.98
N THR C 246 -19.23 -2.81 22.05
CA THR C 246 -19.57 -1.77 21.06
C THR C 246 -18.64 -1.74 19.86
N ARG C 247 -17.35 -2.01 20.08
CA ARG C 247 -16.39 -1.96 18.98
C ARG C 247 -16.78 -2.85 17.77
N PRO C 248 -17.23 -4.12 17.94
CA PRO C 248 -17.62 -4.90 16.75
C PRO C 248 -18.79 -4.24 16.01
N VAL C 249 -19.71 -3.55 16.74
CA VAL C 249 -20.88 -2.87 16.12
C VAL C 249 -20.41 -1.70 15.27
N VAL C 250 -19.43 -0.95 15.76
CA VAL C 250 -18.85 0.18 14.99
C VAL C 250 -18.16 -0.37 13.73
N ALA C 251 -17.39 -1.46 13.86
CA ALA C 251 -16.75 -2.11 12.72
C ALA C 251 -17.81 -2.55 11.70
N ALA C 252 -18.96 -3.05 12.19
CA ALA C 252 -20.06 -3.48 11.29
C ALA C 252 -20.62 -2.30 10.49
N GLY C 253 -20.65 -1.12 11.10
CA GLY C 253 -21.09 0.11 10.45
C GLY C 253 -20.17 0.43 9.29
N ALA C 254 -18.86 0.33 9.51
CA ALA C 254 -17.86 0.58 8.46
C ALA C 254 -18.06 -0.42 7.31
N VAL C 255 -18.34 -1.68 7.66
CA VAL C 255 -18.59 -2.73 6.64
C VAL C 255 -19.83 -2.40 5.79
N GLY C 256 -20.91 -1.91 6.44
CA GLY C 256 -22.12 -1.55 5.71
C GLY C 256 -21.84 -0.45 4.70
N LEU C 257 -21.08 0.58 5.11
CA LEU C 257 -20.72 1.68 4.21
C LEU C 257 -19.87 1.10 3.07
N ALA C 258 -18.89 0.24 3.40
CA ALA C 258 -18.01 -0.37 2.40
C ALA C 258 -18.84 -1.18 1.39
N GLN C 259 -19.81 -1.97 1.90
CA GLN C 259 -20.66 -2.79 0.99
C GLN C 259 -21.46 -1.86 0.06
N ARG C 260 -22.00 -0.75 0.59
CA ARG C 260 -22.73 0.23 -0.23
C ARG C 260 -21.83 0.79 -1.33
N ALA C 261 -20.58 1.19 -0.99
CA ALA C 261 -19.62 1.72 -1.98
C ALA C 261 -19.37 0.66 -3.06
N LEU C 262 -19.17 -0.59 -2.65
CA LEU C 262 -18.92 -1.67 -3.60
C LEU C 262 -20.13 -1.88 -4.52
N ASP C 263 -21.33 -1.90 -3.96
CA ASP C 263 -22.53 -2.08 -4.79
C ASP C 263 -22.71 -0.93 -5.77
N GLU C 264 -22.51 0.30 -5.34
CA GLU C 264 -22.71 1.47 -6.21
C GLU C 264 -21.69 1.44 -7.36
N ALA C 265 -20.45 1.08 -7.03
CA ALA C 265 -19.38 1.02 -8.04
C ALA C 265 -19.64 -0.10 -9.02
N THR C 266 -20.08 -1.28 -8.55
CA THR C 266 -20.31 -2.41 -9.44
C THR C 266 -21.45 -2.12 -10.39
N LYS C 267 -22.57 -1.60 -9.85
CA LYS C 267 -23.73 -1.28 -10.70
C LYS C 267 -23.33 -0.28 -11.77
N TYR C 268 -22.56 0.73 -11.40
CA TYR C 268 -22.12 1.74 -12.39
C TYR C 268 -21.22 1.15 -13.45
N ALA C 269 -20.29 0.26 -13.03
CA ALA C 269 -19.33 -0.38 -13.93
C ALA C 269 -20.03 -1.32 -14.92
N LEU C 270 -21.24 -1.77 -14.59
CA LEU C 270 -22.05 -2.62 -15.49
C LEU C 270 -22.90 -1.82 -16.46
N GLU C 271 -22.85 -0.48 -16.34
CA GLU C 271 -23.69 0.39 -17.23
C GLU C 271 -22.86 1.34 -18.06
N ARG C 272 -21.77 1.86 -17.48
CA ARG C 272 -20.94 2.83 -18.18
C ARG C 272 -20.01 2.16 -19.17
N LYS C 273 -19.97 2.68 -20.41
CA LYS C 273 -19.08 2.18 -21.46
C LYS C 273 -18.03 3.20 -21.79
N THR C 274 -16.75 2.75 -21.94
CA THR C 274 -15.66 3.62 -22.45
C THR C 274 -14.84 2.76 -23.37
N PHE C 275 -14.30 3.36 -24.45
CA PHE C 275 -13.44 2.65 -25.41
C PHE C 275 -14.12 1.39 -25.97
N GLY C 276 -15.43 1.48 -26.12
CA GLY C 276 -16.32 0.46 -26.71
C GLY C 276 -16.69 -0.70 -25.79
N LYS C 277 -16.31 -0.62 -24.50
CA LYS C 277 -16.59 -1.72 -23.57
C LYS C 277 -17.20 -1.21 -22.26
N LEU C 278 -17.96 -2.07 -21.56
CA LEU C 278 -18.42 -1.72 -20.21
C LEU C 278 -17.21 -1.61 -19.31
N LEU C 279 -17.26 -0.76 -18.26
CA LEU C 279 -16.11 -0.62 -17.38
C LEU C 279 -15.64 -1.94 -16.80
N VAL C 280 -16.57 -2.86 -16.48
CA VAL C 280 -16.19 -4.18 -15.92
C VAL C 280 -15.26 -4.95 -16.86
N GLU C 281 -15.30 -4.64 -18.16
CA GLU C 281 -14.47 -5.32 -19.16
C GLU C 281 -13.04 -4.80 -19.23
N HIS C 282 -12.75 -3.66 -18.54
CA HIS C 282 -11.38 -3.14 -18.46
C HIS C 282 -10.78 -3.79 -17.25
N GLN C 283 -9.74 -4.59 -17.47
CA GLN C 283 -9.13 -5.37 -16.41
C GLN C 283 -8.76 -4.57 -15.17
N ALA C 284 -8.28 -3.31 -15.31
CA ALA C 284 -7.94 -2.51 -14.12
C ALA C 284 -9.18 -2.29 -13.22
N ILE C 285 -10.35 -2.08 -13.85
CA ILE C 285 -11.60 -1.88 -13.10
C ILE C 285 -12.04 -3.20 -12.47
N SER C 286 -12.01 -4.32 -13.23
CA SER C 286 -12.41 -5.61 -12.65
CA SER C 286 -12.42 -5.61 -12.64
C SER C 286 -11.50 -5.96 -11.48
N PHE C 287 -10.18 -5.70 -11.60
CA PHE C 287 -9.23 -5.98 -10.51
C PHE C 287 -9.55 -5.14 -9.28
N MET C 288 -9.88 -3.88 -9.46
N MET C 288 -9.89 -3.89 -9.48
CA MET C 288 -10.32 -3.06 -8.34
CA MET C 288 -10.31 -3.04 -8.38
C MET C 288 -11.53 -3.65 -7.67
C MET C 288 -11.54 -3.59 -7.68
N LEU C 289 -12.56 -3.96 -8.43
CA LEU C 289 -13.78 -4.55 -7.85
C LEU C 289 -13.48 -5.83 -7.10
N ALA C 290 -12.57 -6.68 -7.63
CA ALA C 290 -12.20 -7.96 -6.99
C ALA C 290 -11.54 -7.65 -5.65
N GLU C 291 -10.63 -6.66 -5.62
CA GLU C 291 -9.92 -6.31 -4.38
C GLU C 291 -10.86 -5.70 -3.36
N MET C 292 -11.81 -4.89 -3.83
CA MET C 292 -12.85 -4.28 -2.97
C MET C 292 -13.72 -5.40 -2.37
N ALA C 293 -14.15 -6.39 -3.19
CA ALA C 293 -14.95 -7.52 -2.68
C ALA C 293 -14.16 -8.32 -1.65
N MET C 294 -12.86 -8.55 -1.87
CA MET C 294 -12.01 -9.29 -0.92
C MET C 294 -12.01 -8.55 0.41
N GLU C 295 -11.76 -7.23 0.37
CA GLU C 295 -11.69 -6.43 1.60
C GLU C 295 -12.99 -6.42 2.38
N VAL C 296 -14.14 -6.24 1.71
CA VAL C 296 -15.45 -6.24 2.39
C VAL C 296 -15.69 -7.58 3.08
N GLU C 297 -15.41 -8.69 2.37
CA GLU C 297 -15.67 -10.01 2.93
C GLU C 297 -14.83 -10.28 4.16
N LEU C 298 -13.54 -9.92 4.10
CA LEU C 298 -12.62 -10.16 5.23
C LEU C 298 -13.00 -9.24 6.41
N ALA C 299 -13.37 -7.97 6.11
CA ALA C 299 -13.77 -7.04 7.19
C ALA C 299 -15.06 -7.58 7.86
N ARG C 300 -16.01 -8.08 7.08
CA ARG C 300 -17.25 -8.60 7.67
C ARG C 300 -16.92 -9.79 8.61
N MET C 301 -16.07 -10.72 8.15
CA MET C 301 -15.74 -11.86 9.02
C MET C 301 -15.02 -11.38 10.28
N SER C 302 -14.22 -10.29 10.17
N SER C 302 -14.21 -10.30 10.17
CA SER C 302 -13.49 -9.80 11.36
CA SER C 302 -13.47 -9.75 11.31
C SER C 302 -14.47 -9.35 12.44
C SER C 302 -14.42 -9.29 12.41
N TYR C 303 -15.53 -8.62 12.07
CA TYR C 303 -16.48 -8.18 13.12
C TYR C 303 -17.33 -9.34 13.62
N GLN C 304 -17.65 -10.31 12.73
CA GLN C 304 -18.44 -11.47 13.12
C GLN C 304 -17.67 -12.29 14.15
N ARG C 305 -16.35 -12.42 13.96
CA ARG C 305 -15.51 -13.13 14.92
C ARG C 305 -15.49 -12.40 16.26
N ALA C 306 -15.25 -11.09 16.22
CA ALA C 306 -15.19 -10.30 17.47
C ALA C 306 -16.52 -10.37 18.22
N ALA C 307 -17.64 -10.33 17.49
CA ALA C 307 -18.98 -10.39 18.11
C ALA C 307 -19.25 -11.77 18.71
N TRP C 308 -18.88 -12.83 17.99
CA TRP C 308 -19.07 -14.19 18.49
C TRP C 308 -18.22 -14.42 19.74
N GLU C 309 -16.98 -13.86 19.77
CA GLU C 309 -16.11 -14.05 20.95
C GLU C 309 -16.76 -13.50 22.22
N VAL C 310 -17.21 -12.26 22.16
CA VAL C 310 -17.82 -11.66 23.35
C VAL C 310 -19.16 -12.33 23.72
N ASP C 311 -19.95 -12.74 22.70
CA ASP C 311 -21.21 -13.46 22.97
C ASP C 311 -20.95 -14.84 23.60
N SER C 312 -19.75 -15.41 23.35
CA SER C 312 -19.32 -16.71 23.91
C SER C 312 -18.81 -16.59 25.34
N GLY C 313 -18.78 -15.38 25.87
CA GLY C 313 -18.33 -15.07 27.22
C GLY C 313 -16.84 -14.85 27.38
N ARG C 314 -16.13 -14.57 26.28
CA ARG C 314 -14.69 -14.31 26.34
C ARG C 314 -14.38 -12.84 26.12
N ARG C 315 -13.25 -12.35 26.68
CA ARG C 315 -12.79 -10.98 26.39
C ARG C 315 -12.44 -11.03 24.90
N ASN C 316 -12.83 -10.01 24.12
CA ASN C 316 -12.59 -10.05 22.68
C ASN C 316 -11.72 -8.88 22.21
N THR C 317 -11.03 -8.20 23.12
CA THR C 317 -10.24 -6.99 22.84
C THR C 317 -9.39 -7.09 21.58
N TYR C 318 -8.60 -8.17 21.45
CA TYR C 318 -7.74 -8.37 20.27
C TYR C 318 -8.58 -8.45 18.98
N TYR C 319 -9.60 -9.32 18.95
CA TYR C 319 -10.40 -9.44 17.73
C TYR C 319 -11.19 -8.17 17.43
N ALA C 320 -11.73 -7.50 18.47
CA ALA C 320 -12.54 -6.28 18.26
C ALA C 320 -11.67 -5.17 17.69
N SER C 321 -10.39 -5.04 18.15
CA SER C 321 -9.51 -4.00 17.62
C SER C 321 -9.01 -4.32 16.22
N ILE C 322 -8.82 -5.62 15.92
CA ILE C 322 -8.46 -5.99 14.54
C ILE C 322 -9.63 -5.59 13.62
N ALA C 323 -10.87 -5.91 14.05
CA ALA C 323 -12.05 -5.59 13.22
C ALA C 323 -12.21 -4.09 13.01
N LYS C 324 -12.06 -3.31 14.08
CA LYS C 324 -12.21 -1.84 13.98
C LYS C 324 -11.12 -1.27 13.11
N ALA C 325 -9.86 -1.72 13.28
CA ALA C 325 -8.76 -1.20 12.47
C ALA C 325 -8.95 -1.53 11.00
N PHE C 326 -9.21 -2.80 10.69
CA PHE C 326 -9.32 -3.27 9.31
C PHE C 326 -10.57 -2.74 8.65
N ALA C 327 -11.74 -2.84 9.32
CA ALA C 327 -12.98 -2.33 8.68
C ALA C 327 -12.91 -0.82 8.45
N GLY C 328 -12.36 -0.07 9.41
CA GLY C 328 -12.20 1.38 9.26
C GLY C 328 -11.33 1.71 8.04
N ASP C 329 -10.19 1.01 7.87
CA ASP C 329 -9.31 1.24 6.72
C ASP C 329 -9.98 0.89 5.40
N ILE C 330 -10.62 -0.28 5.36
CA ILE C 330 -11.23 -0.66 4.08
C ILE C 330 -12.46 0.15 3.70
N ALA C 331 -13.22 0.68 4.70
CA ALA C 331 -14.35 1.55 4.33
C ALA C 331 -13.81 2.79 3.60
N ASN C 332 -12.66 3.31 4.08
CA ASN C 332 -12.04 4.46 3.43
C ASN C 332 -11.50 4.12 2.05
N GLN C 333 -10.85 2.96 1.88
CA GLN C 333 -10.32 2.58 0.57
C GLN C 333 -11.48 2.37 -0.38
N LEU C 334 -12.54 1.68 0.05
CA LEU C 334 -13.66 1.39 -0.86
C LEU C 334 -14.41 2.63 -1.27
N ALA C 335 -14.55 3.59 -0.35
CA ALA C 335 -15.29 4.80 -0.68
C ALA C 335 -14.53 5.61 -1.74
N THR C 336 -13.19 5.73 -1.60
CA THR C 336 -12.45 6.49 -2.62
C THR C 336 -12.39 5.72 -3.96
N ASP C 337 -12.32 4.37 -3.91
CA ASP C 337 -12.35 3.57 -5.15
C ASP C 337 -13.72 3.71 -5.83
N ALA C 338 -14.82 3.78 -5.06
CA ALA C 338 -16.16 3.94 -5.66
C ALA C 338 -16.27 5.31 -6.33
N VAL C 339 -15.74 6.36 -5.68
CA VAL C 339 -15.75 7.70 -6.31
C VAL C 339 -14.93 7.59 -7.63
N GLN C 340 -13.78 6.91 -7.57
CA GLN C 340 -12.91 6.73 -8.74
C GLN C 340 -13.61 6.06 -9.90
N ILE C 341 -14.30 4.95 -9.61
CA ILE C 341 -14.99 4.19 -10.68
C ILE C 341 -16.07 5.03 -11.35
N LEU C 342 -16.75 5.90 -10.57
CA LEU C 342 -17.78 6.76 -11.18
C LEU C 342 -17.20 7.99 -11.90
N GLY C 343 -15.90 8.22 -11.81
CA GLY C 343 -15.24 9.34 -12.51
C GLY C 343 -15.78 10.69 -12.10
N GLY C 344 -15.96 11.59 -13.07
CA GLY C 344 -16.52 12.92 -12.81
C GLY C 344 -17.83 12.86 -12.03
N ASN C 345 -18.71 11.90 -12.41
CA ASN C 345 -19.98 11.71 -11.70
C ASN C 345 -19.75 11.35 -10.23
N GLY C 346 -18.69 10.59 -9.96
CA GLY C 346 -18.36 10.19 -8.58
C GLY C 346 -18.02 11.35 -7.69
N PHE C 347 -17.42 12.40 -8.25
CA PHE C 347 -17.03 13.59 -7.48
C PHE C 347 -18.23 14.51 -7.22
N ASN C 348 -19.35 14.21 -7.87
CA ASN C 348 -20.53 15.06 -7.85
C ASN C 348 -21.58 14.65 -6.81
N THR C 349 -22.20 15.63 -6.17
CA THR C 349 -23.20 15.40 -5.10
C THR C 349 -24.52 14.79 -5.54
N GLU C 350 -24.80 14.70 -6.87
CA GLU C 350 -26.05 14.09 -7.34
C GLU C 350 -25.90 12.57 -7.35
N TYR C 351 -24.65 12.08 -7.26
CA TYR C 351 -24.38 10.65 -7.18
C TYR C 351 -24.11 10.31 -5.72
N PRO C 352 -24.27 9.03 -5.31
CA PRO C 352 -24.24 8.71 -3.88
C PRO C 352 -22.89 8.45 -3.25
N VAL C 353 -21.82 8.40 -4.06
CA VAL C 353 -20.53 7.96 -3.56
C VAL C 353 -19.68 8.96 -2.82
N GLU C 354 -19.76 10.25 -3.19
CA GLU C 354 -18.94 11.24 -2.47
C GLU C 354 -19.38 11.34 -1.00
N LYS C 355 -20.68 11.14 -0.71
CA LYS C 355 -21.13 11.14 0.69
C LYS C 355 -20.44 10.00 1.44
N LEU C 356 -20.30 8.83 0.79
CA LEU C 356 -19.64 7.68 1.42
C LEU C 356 -18.20 8.00 1.75
N MET C 357 -17.50 8.74 0.87
CA MET C 357 -16.12 9.11 1.12
C MET C 357 -16.02 10.06 2.34
N ARG C 358 -16.94 11.01 2.43
CA ARG C 358 -16.96 11.95 3.56
C ARG C 358 -17.31 11.23 4.86
N ASP C 359 -18.32 10.34 4.81
CA ASP C 359 -18.75 9.58 5.99
C ASP C 359 -17.69 8.62 6.47
N ALA C 360 -16.96 7.93 5.55
CA ALA C 360 -16.03 6.86 5.92
C ALA C 360 -14.91 7.29 6.81
N LYS C 361 -14.47 8.55 6.65
CA LYS C 361 -13.28 8.98 7.39
C LYS C 361 -13.43 8.89 8.91
N ILE C 362 -14.67 9.04 9.43
CA ILE C 362 -14.90 8.96 10.87
C ILE C 362 -14.50 7.58 11.44
N TYR C 363 -14.58 6.52 10.64
CA TYR C 363 -14.24 5.18 11.10
C TYR C 363 -12.78 4.98 11.43
N GLN C 364 -11.91 5.90 10.99
CA GLN C 364 -10.49 5.82 11.36
C GLN C 364 -10.23 6.69 12.60
N ILE C 365 -11.28 7.38 13.09
CA ILE C 365 -11.11 8.35 14.18
C ILE C 365 -11.90 8.03 15.42
N TYR C 366 -13.25 8.00 15.31
CA TYR C 366 -14.04 7.80 16.53
C TYR C 366 -14.03 6.40 17.05
N GLU C 367 -14.37 6.24 18.35
CA GLU C 367 -14.39 4.93 18.97
C GLU C 367 -13.02 4.23 18.92
N GLY C 368 -11.95 5.02 19.12
CA GLY C 368 -10.58 4.49 19.07
C GLY C 368 -10.00 4.67 17.67
N THR C 369 -9.10 5.62 17.50
CA THR C 369 -8.49 5.86 16.19
C THR C 369 -7.74 4.64 15.65
N SER C 370 -7.43 4.65 14.34
CA SER C 370 -6.60 3.63 13.68
C SER C 370 -5.31 3.37 14.48
N GLN C 371 -4.66 4.44 14.98
CA GLN C 371 -3.40 4.28 15.72
C GLN C 371 -3.66 3.61 17.05
N ILE C 372 -4.71 4.06 17.77
CA ILE C 372 -5.05 3.43 19.05
C ILE C 372 -5.39 1.95 18.87
N GLN C 373 -6.07 1.60 17.76
CA GLN C 373 -6.41 0.18 17.54
C GLN C 373 -5.12 -0.62 17.37
N ARG C 374 -4.13 -0.04 16.67
CA ARG C 374 -2.85 -0.72 16.49
C ARG C 374 -2.10 -0.87 17.80
N LEU C 375 -2.16 0.15 18.68
CA LEU C 375 -1.56 0.08 20.01
C LEU C 375 -2.18 -1.08 20.80
N ILE C 376 -3.52 -1.23 20.71
CA ILE C 376 -4.22 -2.32 21.40
C ILE C 376 -3.85 -3.67 20.85
N VAL C 377 -3.92 -3.83 19.51
CA VAL C 377 -3.57 -5.10 18.86
C VAL C 377 -2.12 -5.46 19.20
N ALA C 378 -1.22 -4.46 19.16
CA ALA C 378 0.20 -4.74 19.48
C ALA C 378 0.32 -5.31 20.91
N ARG C 379 -0.29 -4.67 21.88
CA ARG C 379 -0.23 -5.08 23.28
C ARG C 379 -0.82 -6.49 23.46
N GLU C 380 -1.99 -6.74 22.86
CA GLU C 380 -2.63 -8.06 22.96
C GLU C 380 -1.80 -9.16 22.25
N HIS C 381 -1.22 -8.86 21.06
CA HIS C 381 -0.41 -9.83 20.33
C HIS C 381 0.86 -10.17 21.10
N ILE C 382 1.56 -9.12 21.60
CA ILE C 382 2.80 -9.31 22.36
C ILE C 382 2.49 -10.08 23.64
N ASP C 383 1.36 -9.77 24.30
CA ASP C 383 1.02 -10.53 25.51
C ASP C 383 0.75 -12.01 25.25
N LYS C 384 0.17 -12.34 24.06
CA LYS C 384 -0.16 -13.70 23.65
C LYS C 384 1.04 -14.51 23.27
N TYR C 385 2.14 -13.85 22.87
CA TYR C 385 3.31 -14.57 22.37
C TYR C 385 3.96 -15.51 23.37
N LYS C 386 4.26 -16.74 22.93
CA LYS C 386 5.05 -17.70 23.68
C LYS C 386 5.89 -18.51 22.70
N ASN C 387 7.07 -18.96 23.15
CA ASN C 387 8.00 -19.76 22.34
C ASN C 387 7.43 -21.15 22.01
N LEU D 1 25.52 22.80 -19.34
CA LEU D 1 25.24 21.40 -19.06
C LEU D 1 25.49 21.06 -17.58
N GLY D 2 24.93 19.95 -17.14
CA GLY D 2 25.03 19.49 -15.77
C GLY D 2 23.71 19.74 -15.07
N PHE D 3 23.38 18.88 -14.11
CA PHE D 3 22.12 19.04 -13.38
C PHE D 3 22.17 20.25 -12.49
N SER D 4 20.98 20.80 -12.23
CA SER D 4 20.82 21.91 -11.31
C SER D 4 19.40 21.84 -10.73
N PHE D 5 19.29 22.09 -9.43
CA PHE D 5 17.98 22.15 -8.77
C PHE D 5 17.83 23.53 -8.11
N GLU D 6 18.38 24.56 -8.75
CA GLU D 6 18.25 25.93 -8.25
C GLU D 6 17.46 26.79 -9.23
N PHE D 7 16.43 27.50 -8.76
CA PHE D 7 15.67 28.43 -9.60
C PHE D 7 16.52 29.61 -10.05
N THR D 8 16.11 30.29 -11.13
CA THR D 8 16.76 31.53 -11.57
C THR D 8 16.26 32.61 -10.60
N GLU D 9 16.94 33.77 -10.55
CA GLU D 9 16.52 34.88 -9.71
C GLU D 9 15.10 35.35 -10.04
N GLN D 10 14.74 35.40 -11.34
CA GLN D 10 13.40 35.79 -11.77
C GLN D 10 12.37 34.80 -11.24
N GLN D 11 12.69 33.50 -11.30
CA GLN D 11 11.79 32.46 -10.78
C GLN D 11 11.57 32.59 -9.28
N LYS D 12 12.64 32.95 -8.52
CA LYS D 12 12.51 33.15 -7.06
C LYS D 12 11.59 34.34 -6.78
N GLU D 13 11.64 35.39 -7.60
CA GLU D 13 10.76 36.56 -7.49
C GLU D 13 9.31 36.19 -7.76
N PHE D 14 9.02 35.43 -8.84
CA PHE D 14 7.65 34.97 -9.15
C PHE D 14 7.13 34.11 -7.99
N GLN D 15 7.98 33.21 -7.47
CA GLN D 15 7.58 32.32 -6.38
C GLN D 15 7.21 33.16 -5.15
N ALA D 16 8.04 34.16 -4.82
CA ALA D 16 7.80 35.03 -3.67
C ALA D 16 6.48 35.79 -3.81
N THR D 17 6.20 36.33 -5.00
CA THR D 17 4.93 37.05 -5.27
C THR D 17 3.72 36.12 -5.12
N ALA D 18 3.79 34.94 -5.74
CA ALA D 18 2.69 33.97 -5.66
C ALA D 18 2.51 33.46 -4.21
N ARG D 19 3.61 33.21 -3.48
CA ARG D 19 3.54 32.73 -2.10
C ARG D 19 2.89 33.76 -1.20
N LYS D 20 3.30 35.03 -1.31
CA LYS D 20 2.76 36.11 -0.51
C LYS D 20 1.28 36.28 -0.78
N PHE D 21 0.88 36.22 -2.04
CA PHE D 21 -0.51 36.32 -2.44
C PHE D 21 -1.33 35.15 -1.85
N ALA D 22 -0.82 33.91 -1.99
CA ALA D 22 -1.56 32.77 -1.46
C ALA D 22 -1.72 32.81 0.06
N ARG D 23 -0.64 33.18 0.75
CA ARG D 23 -0.68 33.15 2.20
C ARG D 23 -1.41 34.30 2.85
N GLU D 24 -1.35 35.48 2.24
CA GLU D 24 -1.97 36.68 2.81
C GLU D 24 -3.33 36.98 2.26
N GLU D 25 -3.63 36.56 1.02
CA GLU D 25 -4.92 36.88 0.39
C GLU D 25 -5.84 35.67 0.19
N ILE D 26 -5.30 34.54 -0.28
CA ILE D 26 -6.13 33.35 -0.50
C ILE D 26 -6.49 32.65 0.81
N ILE D 27 -5.49 32.27 1.61
CA ILE D 27 -5.74 31.49 2.84
C ILE D 27 -6.81 32.06 3.76
N PRO D 28 -6.80 33.37 4.06
CA PRO D 28 -7.77 33.91 5.01
C PRO D 28 -9.24 33.87 4.57
N VAL D 29 -9.50 33.69 3.26
CA VAL D 29 -10.87 33.68 2.73
C VAL D 29 -11.28 32.36 2.08
N ALA D 30 -10.32 31.42 1.85
CA ALA D 30 -10.63 30.15 1.16
C ALA D 30 -11.75 29.34 1.82
N ALA D 31 -11.80 29.32 3.18
CA ALA D 31 -12.86 28.54 3.86
C ALA D 31 -14.22 29.12 3.58
N GLU D 32 -14.31 30.45 3.50
CA GLU D 32 -15.60 31.11 3.23
C GLU D 32 -16.05 30.84 1.81
N TYR D 33 -15.14 30.92 0.81
CA TYR D 33 -15.49 30.59 -0.58
C TYR D 33 -15.88 29.13 -0.74
N ASP D 34 -15.27 28.21 0.03
CA ASP D 34 -15.63 26.78 -0.02
C ASP D 34 -17.05 26.58 0.55
N LYS D 35 -17.40 27.35 1.60
CA LYS D 35 -18.73 27.26 2.24
C LYS D 35 -19.83 27.80 1.32
N THR D 36 -19.58 28.95 0.67
CA THR D 36 -20.60 29.58 -0.17
C THR D 36 -20.64 29.07 -1.59
N GLY D 37 -19.49 28.64 -2.09
CA GLY D 37 -19.33 28.22 -3.48
C GLY D 37 -19.31 29.43 -4.43
N GLU D 38 -19.12 30.63 -3.87
CA GLU D 38 -19.08 31.87 -4.67
C GLU D 38 -17.82 31.85 -5.55
N TYR D 39 -17.96 32.26 -6.83
CA TYR D 39 -16.78 32.31 -7.72
C TYR D 39 -15.86 33.44 -7.19
N PRO D 40 -14.56 33.13 -6.99
CA PRO D 40 -13.67 34.08 -6.27
C PRO D 40 -13.13 35.23 -7.12
N VAL D 41 -14.04 36.02 -7.68
CA VAL D 41 -13.71 37.15 -8.55
C VAL D 41 -12.62 38.07 -7.97
N PRO D 42 -12.71 38.55 -6.71
CA PRO D 42 -11.65 39.46 -6.20
C PRO D 42 -10.24 38.85 -6.22
N LEU D 43 -10.13 37.55 -5.91
CA LEU D 43 -8.83 36.87 -5.91
C LEU D 43 -8.31 36.69 -7.31
N ILE D 44 -9.21 36.29 -8.25
CA ILE D 44 -8.81 36.13 -9.66
C ILE D 44 -8.31 37.47 -10.19
N ARG D 45 -9.05 38.57 -9.94
CA ARG D 45 -8.62 39.90 -10.40
C ARG D 45 -7.27 40.30 -9.81
N ARG D 46 -7.03 39.97 -8.52
CA ARG D 46 -5.74 40.30 -7.87
C ARG D 46 -4.61 39.45 -8.49
N ALA D 47 -4.84 38.15 -8.74
CA ALA D 47 -3.85 37.28 -9.39
C ALA D 47 -3.49 37.84 -10.77
N TRP D 48 -4.51 38.31 -11.50
CA TRP D 48 -4.31 38.87 -12.85
C TRP D 48 -3.44 40.12 -12.76
N GLU D 49 -3.76 41.03 -11.82
CA GLU D 49 -3.01 42.27 -11.60
C GLU D 49 -1.54 42.00 -11.21
N LEU D 50 -1.28 40.93 -10.46
CA LEU D 50 0.06 40.54 -10.01
C LEU D 50 0.88 39.80 -11.06
N GLY D 51 0.28 39.52 -12.22
CA GLY D 51 0.93 38.81 -13.33
C GLY D 51 1.03 37.31 -13.11
N LEU D 52 0.08 36.75 -12.32
CA LEU D 52 0.09 35.32 -11.95
C LEU D 52 -0.87 34.47 -12.76
N MET D 53 -1.49 35.06 -13.77
CA MET D 53 -2.44 34.34 -14.62
C MET D 53 -2.00 34.45 -16.05
N ASN D 54 -2.48 33.49 -16.90
CA ASN D 54 -2.21 33.53 -18.34
C ASN D 54 -0.70 33.58 -18.62
N THR D 55 0.13 32.93 -17.77
CA THR D 55 1.58 33.11 -17.91
C THR D 55 2.22 32.63 -19.20
N HIS D 56 1.57 31.67 -19.93
CA HIS D 56 2.14 31.15 -21.19
C HIS D 56 1.88 32.03 -22.39
N ILE D 57 1.04 33.07 -22.24
CA ILE D 57 0.76 33.96 -23.38
C ILE D 57 2.05 34.61 -23.89
N PRO D 58 2.38 34.47 -25.18
CA PRO D 58 3.64 35.05 -25.69
C PRO D 58 3.74 36.55 -25.52
N GLU D 59 4.98 37.06 -25.40
CA GLU D 59 5.22 38.49 -25.25
C GLU D 59 4.67 39.30 -26.41
N ASN D 60 4.64 38.72 -27.63
CA ASN D 60 4.09 39.44 -28.80
C ASN D 60 2.56 39.59 -28.77
N CYS D 61 1.88 38.94 -27.81
CA CYS D 61 0.43 39.08 -27.59
C CYS D 61 0.16 39.91 -26.33
N GLY D 62 1.20 40.49 -25.76
CA GLY D 62 1.10 41.29 -24.55
C GLY D 62 1.25 40.51 -23.26
N GLY D 63 1.64 39.24 -23.40
CA GLY D 63 1.80 38.36 -22.25
C GLY D 63 3.19 38.33 -21.67
N LEU D 64 3.37 37.54 -20.61
CA LEU D 64 4.67 37.42 -19.95
C LEU D 64 5.62 36.49 -20.68
N GLY D 65 5.08 35.59 -21.49
CA GLY D 65 5.90 34.65 -22.27
C GLY D 65 6.71 33.72 -21.41
N LEU D 66 6.13 33.29 -20.29
CA LEU D 66 6.82 32.37 -19.37
C LEU D 66 6.67 30.95 -19.88
N GLY D 67 7.49 30.04 -19.36
CA GLY D 67 7.38 28.65 -19.77
C GLY D 67 6.55 27.84 -18.79
N THR D 68 6.48 26.53 -19.04
CA THR D 68 5.74 25.59 -18.22
C THR D 68 6.37 25.52 -16.83
N PHE D 69 7.72 25.55 -16.72
CA PHE D 69 8.36 25.46 -15.41
C PHE D 69 7.89 26.63 -14.53
N ASP D 70 7.84 27.86 -15.10
CA ASP D 70 7.39 29.07 -14.40
C ASP D 70 5.92 28.94 -14.00
N ALA D 71 5.07 28.44 -14.90
CA ALA D 71 3.63 28.26 -14.61
C ALA D 71 3.45 27.29 -13.46
N CYS D 72 4.25 26.20 -13.42
CA CYS D 72 4.15 25.20 -12.35
C CYS D 72 4.51 25.80 -11.00
N LEU D 73 5.61 26.56 -10.92
CA LEU D 73 6.03 27.09 -9.62
C LEU D 73 5.00 28.06 -9.07
N ILE D 74 4.34 28.82 -9.94
CA ILE D 74 3.27 29.73 -9.53
C ILE D 74 2.07 28.92 -9.07
N SER D 75 1.66 27.91 -9.89
CA SER D 75 0.52 27.04 -9.61
CA SER D 75 0.53 27.06 -9.57
C SER D 75 0.68 26.36 -8.24
N GLU D 76 1.89 25.86 -7.93
CA GLU D 76 2.06 25.20 -6.63
C GLU D 76 1.76 26.17 -5.47
N GLU D 77 2.22 27.41 -5.59
CA GLU D 77 2.01 28.37 -4.53
C GLU D 77 0.55 28.73 -4.37
N LEU D 78 -0.18 28.95 -5.49
CA LEU D 78 -1.60 29.29 -5.43
C LEU D 78 -2.41 28.13 -4.84
N ALA D 79 -2.12 26.90 -5.29
CA ALA D 79 -2.82 25.69 -4.85
C ALA D 79 -2.65 25.47 -3.36
N TYR D 80 -1.50 25.84 -2.81
CA TYR D 80 -1.25 25.72 -1.37
C TYR D 80 -2.34 26.52 -0.62
N GLY D 81 -2.71 27.68 -1.16
CA GLY D 81 -3.78 28.51 -0.61
C GLY D 81 -5.13 27.85 -0.80
N CYS D 82 -5.50 27.54 -2.06
CA CYS D 82 -6.77 26.90 -2.36
C CYS D 82 -6.74 26.39 -3.78
N THR D 83 -7.06 25.09 -3.97
CA THR D 83 -7.07 24.55 -5.35
C THR D 83 -8.36 24.91 -6.06
N GLY D 84 -9.38 25.36 -5.32
CA GLY D 84 -10.59 25.86 -5.97
C GLY D 84 -10.21 27.15 -6.71
N VAL D 85 -9.54 28.07 -5.99
CA VAL D 85 -9.06 29.32 -6.63
C VAL D 85 -8.02 29.02 -7.73
N GLN D 86 -7.04 28.16 -7.43
CA GLN D 86 -6.02 27.82 -8.42
C GLN D 86 -6.60 27.13 -9.67
N THR D 87 -7.65 26.31 -9.52
CA THR D 87 -8.24 25.64 -10.68
C THR D 87 -8.92 26.64 -11.61
N ALA D 88 -9.56 27.65 -11.04
CA ALA D 88 -10.22 28.73 -11.83
C ALA D 88 -9.14 29.47 -12.66
N ILE D 89 -8.02 29.80 -12.02
CA ILE D 89 -6.90 30.48 -12.68
C ILE D 89 -6.23 29.59 -13.72
N GLU D 90 -5.97 28.31 -13.39
CA GLU D 90 -5.37 27.33 -14.29
C GLU D 90 -6.28 27.01 -15.47
N GLY D 91 -7.60 27.08 -15.25
CA GLY D 91 -8.59 26.87 -16.30
C GLY D 91 -8.29 27.76 -17.51
N ASN D 92 -7.81 28.98 -17.26
CA ASN D 92 -7.45 29.89 -18.35
C ASN D 92 -6.33 29.30 -19.18
N SER D 93 -5.32 28.73 -18.53
CA SER D 93 -4.18 28.14 -19.26
C SER D 93 -4.61 26.91 -20.05
N LEU D 94 -5.60 26.14 -19.55
CA LEU D 94 -6.13 24.95 -20.24
C LEU D 94 -6.84 25.35 -21.54
N GLY D 95 -7.65 26.41 -21.47
CA GLY D 95 -8.35 26.92 -22.64
C GLY D 95 -7.43 27.56 -23.65
N GLN D 96 -6.40 28.27 -23.16
CA GLN D 96 -5.44 28.98 -24.03
C GLN D 96 -4.45 28.06 -24.71
N MET D 97 -4.05 26.95 -24.05
CA MET D 97 -3.00 26.08 -24.61
C MET D 97 -3.18 25.63 -26.07
N PRO D 98 -4.37 25.17 -26.53
CA PRO D 98 -4.51 24.81 -27.96
C PRO D 98 -4.22 26.00 -28.87
N ILE D 99 -4.59 27.22 -28.44
CA ILE D 99 -4.31 28.40 -29.27
C ILE D 99 -2.81 28.70 -29.25
N ILE D 100 -2.17 28.59 -28.09
CA ILE D 100 -0.73 28.87 -28.01
C ILE D 100 0.07 27.91 -28.90
N ILE D 101 -0.27 26.62 -28.88
CA ILE D 101 0.49 25.63 -29.65
C ILE D 101 0.04 25.48 -31.11
N ALA D 102 -1.22 25.77 -31.43
CA ALA D 102 -1.75 25.55 -32.78
C ALA D 102 -2.42 26.72 -33.46
N GLY D 103 -2.55 27.85 -32.76
CA GLY D 103 -3.20 29.00 -33.35
C GLY D 103 -2.35 29.70 -34.38
N ASN D 104 -3.00 30.36 -35.31
CA ASN D 104 -2.25 31.16 -36.29
C ASN D 104 -2.06 32.55 -35.64
N ASP D 105 -1.38 33.48 -36.33
CA ASP D 105 -1.07 34.78 -35.78
C ASP D 105 -2.30 35.58 -35.34
N GLN D 106 -3.35 35.55 -36.20
CA GLN D 106 -4.59 36.26 -35.92
C GLN D 106 -5.30 35.70 -34.71
N GLN D 107 -5.43 34.35 -34.63
CA GLN D 107 -6.13 33.70 -33.53
C GLN D 107 -5.43 34.00 -32.21
N LYS D 108 -4.09 34.01 -32.21
CA LYS D 108 -3.34 34.28 -30.97
C LYS D 108 -3.51 35.75 -30.55
N LYS D 109 -3.33 36.67 -31.49
CA LYS D 109 -3.45 38.07 -31.16
C LYS D 109 -4.85 38.42 -30.67
N LYS D 110 -5.88 37.89 -31.34
CA LYS D 110 -7.27 38.18 -30.97
C LYS D 110 -7.66 37.56 -29.65
N TYR D 111 -7.48 36.24 -29.51
CA TYR D 111 -7.96 35.53 -28.33
C TYR D 111 -7.06 35.50 -27.13
N LEU D 112 -5.76 35.50 -27.35
CA LEU D 112 -4.82 35.60 -26.22
C LEU D 112 -4.61 37.06 -25.84
N GLY D 113 -4.50 37.94 -26.84
CA GLY D 113 -4.28 39.36 -26.57
C GLY D 113 -5.33 39.98 -25.67
N ARG D 114 -6.59 39.60 -25.85
CA ARG D 114 -7.65 40.16 -25.02
C ARG D 114 -7.49 39.80 -23.53
N MET D 115 -6.87 38.61 -23.26
CA MET D 115 -6.67 38.16 -21.88
C MET D 115 -5.63 38.98 -21.13
N THR D 116 -4.73 39.65 -21.86
CA THR D 116 -3.67 40.44 -21.23
C THR D 116 -4.19 41.87 -20.92
N GLU D 117 -5.31 42.25 -21.54
CA GLU D 117 -5.90 43.58 -21.39
C GLU D 117 -6.93 43.67 -20.26
N GLU D 118 -7.64 42.57 -20.00
CA GLU D 118 -8.66 42.51 -18.96
C GLU D 118 -8.64 41.11 -18.32
N PRO D 119 -9.06 40.99 -17.03
CA PRO D 119 -9.09 39.65 -16.40
C PRO D 119 -10.27 38.80 -16.84
N LEU D 120 -10.32 38.51 -18.15
CA LEU D 120 -11.32 37.62 -18.72
C LEU D 120 -10.93 36.20 -18.38
N MET D 121 -11.89 35.29 -18.43
CA MET D 121 -11.62 33.87 -18.23
C MET D 121 -11.86 33.17 -19.57
N CYS D 122 -11.33 31.97 -19.70
CA CYS D 122 -11.62 31.11 -20.85
C CYS D 122 -11.72 29.68 -20.37
N ALA D 123 -12.08 28.76 -21.26
CA ALA D 123 -12.33 27.41 -20.84
C ALA D 123 -12.08 26.46 -21.99
N TYR D 124 -11.97 25.18 -21.68
CA TYR D 124 -11.80 24.23 -22.76
C TYR D 124 -12.86 23.16 -22.65
N CYS D 125 -13.48 22.82 -23.78
CA CYS D 125 -14.64 21.94 -23.85
C CYS D 125 -14.35 20.72 -24.64
N VAL D 126 -14.04 19.64 -23.97
CA VAL D 126 -13.81 18.38 -24.65
C VAL D 126 -14.85 17.37 -24.12
N THR D 127 -14.85 17.17 -22.80
CA THR D 127 -15.70 16.16 -22.15
C THR D 127 -17.18 16.35 -22.41
N GLU D 128 -17.87 15.22 -22.58
CA GLU D 128 -19.32 15.17 -22.79
C GLU D 128 -19.90 14.24 -21.73
N PRO D 129 -21.23 14.28 -21.52
CA PRO D 129 -21.82 13.35 -20.52
C PRO D 129 -21.48 11.90 -20.82
N GLY D 130 -21.39 11.56 -22.11
CA GLY D 130 -21.17 10.18 -22.52
C GLY D 130 -19.72 9.77 -22.67
N ALA D 131 -18.78 10.73 -22.67
CA ALA D 131 -17.37 10.40 -22.86
C ALA D 131 -16.46 11.46 -22.26
N GLY D 132 -15.54 10.99 -21.43
CA GLY D 132 -14.59 11.86 -20.76
C GLY D 132 -13.20 11.35 -21.00
N SER D 133 -12.90 10.14 -20.47
CA SER D 133 -11.57 9.53 -20.65
C SER D 133 -11.39 9.19 -22.15
N ASP D 134 -12.48 8.77 -22.80
CA ASP D 134 -12.45 8.32 -24.19
C ASP D 134 -12.74 9.47 -25.13
N VAL D 135 -11.71 10.27 -25.40
CA VAL D 135 -11.85 11.47 -26.25
C VAL D 135 -12.34 11.10 -27.64
N ALA D 136 -11.86 9.97 -28.18
CA ALA D 136 -12.31 9.51 -29.52
C ALA D 136 -13.81 9.11 -29.54
N GLY D 137 -14.46 9.08 -28.38
CA GLY D 137 -15.87 8.77 -28.26
C GLY D 137 -16.77 10.00 -28.25
N ILE D 138 -16.21 11.20 -28.40
CA ILE D 138 -17.04 12.41 -28.37
C ILE D 138 -17.99 12.50 -29.57
N LYS D 139 -19.21 13.02 -29.34
CA LYS D 139 -20.26 13.05 -30.37
C LYS D 139 -20.75 14.43 -30.76
N THR D 140 -20.29 15.50 -30.07
CA THR D 140 -20.65 16.88 -30.48
C THR D 140 -20.29 17.00 -31.95
N LYS D 141 -21.24 17.51 -32.75
CA LYS D 141 -21.08 17.53 -34.21
C LYS D 141 -20.69 18.92 -34.69
N ALA D 142 -19.81 18.98 -35.71
CA ALA D 142 -19.45 20.22 -36.40
C ALA D 142 -19.68 19.96 -37.88
N GLU D 143 -20.65 20.67 -38.48
CA GLU D 143 -21.01 20.52 -39.90
C GLU D 143 -20.60 21.76 -40.66
N LYS D 144 -19.77 21.61 -41.71
CA LYS D 144 -19.32 22.75 -42.48
C LYS D 144 -20.45 23.23 -43.40
N LYS D 145 -20.82 24.51 -43.31
CA LYS D 145 -21.87 25.11 -44.12
C LYS D 145 -21.37 26.46 -44.64
N GLY D 146 -20.73 26.43 -45.81
CA GLY D 146 -20.14 27.63 -46.40
C GLY D 146 -18.90 28.06 -45.65
N ASP D 147 -18.87 29.33 -45.21
CA ASP D 147 -17.73 29.88 -44.47
C ASP D 147 -17.86 29.67 -42.96
N GLU D 148 -18.80 28.83 -42.52
CA GLU D 148 -18.98 28.58 -41.11
C GLU D 148 -19.28 27.14 -40.80
N TYR D 149 -19.12 26.74 -39.53
CA TYR D 149 -19.42 25.41 -39.06
C TYR D 149 -20.58 25.55 -38.08
N ILE D 150 -21.51 24.60 -38.14
CA ILE D 150 -22.65 24.57 -37.25
C ILE D 150 -22.35 23.51 -36.20
N ILE D 151 -22.34 23.91 -34.93
CA ILE D 151 -22.02 23.01 -33.83
C ILE D 151 -23.29 22.60 -33.10
N ASN D 152 -23.42 21.29 -32.83
CA ASN D 152 -24.55 20.76 -32.06
C ASN D 152 -24.03 19.72 -31.09
N GLY D 153 -24.25 19.97 -29.80
CA GLY D 153 -23.89 18.98 -28.80
C GLY D 153 -23.88 19.54 -27.39
N GLN D 154 -23.53 18.66 -26.46
CA GLN D 154 -23.50 19.00 -25.05
C GLN D 154 -22.13 18.64 -24.48
N LYS D 155 -21.54 19.58 -23.75
CA LYS D 155 -20.26 19.39 -23.08
C LYS D 155 -20.54 19.37 -21.59
N MET D 156 -19.69 18.72 -20.82
CA MET D 156 -19.96 18.56 -19.38
C MET D 156 -18.72 18.77 -18.57
N TRP D 157 -18.90 19.24 -17.32
CA TRP D 157 -17.82 19.45 -16.36
C TRP D 157 -16.82 20.53 -16.80
N ILE D 158 -17.28 21.59 -17.47
CA ILE D 158 -16.31 22.55 -17.96
C ILE D 158 -15.89 23.57 -16.89
N THR D 159 -14.59 23.60 -16.58
CA THR D 159 -14.03 24.56 -15.61
C THR D 159 -14.18 25.94 -16.22
N ASN D 160 -14.67 26.93 -15.44
CA ASN D 160 -14.94 28.30 -15.91
C ASN D 160 -16.04 28.31 -16.99
N GLY D 161 -16.82 27.23 -17.11
CA GLY D 161 -17.84 27.12 -18.14
C GLY D 161 -18.83 28.26 -18.16
N GLY D 162 -19.19 28.80 -16.99
CA GLY D 162 -20.15 29.91 -16.97
C GLY D 162 -19.52 31.27 -16.86
N LYS D 163 -18.19 31.32 -16.92
CA LYS D 163 -17.47 32.58 -16.72
C LYS D 163 -16.58 32.94 -17.91
N ALA D 164 -16.45 32.03 -18.86
CA ALA D 164 -15.56 32.16 -20.01
C ALA D 164 -16.00 33.19 -21.02
N ASN D 165 -15.02 33.91 -21.57
CA ASN D 165 -15.28 34.86 -22.66
C ASN D 165 -15.28 34.06 -23.99
N TRP D 166 -14.55 32.94 -24.02
CA TRP D 166 -14.48 32.07 -25.21
C TRP D 166 -14.05 30.70 -24.77
N TYR D 167 -14.27 29.72 -25.66
CA TYR D 167 -13.96 28.32 -25.40
C TYR D 167 -13.10 27.74 -26.46
N PHE D 168 -12.26 26.80 -26.08
CA PHE D 168 -11.65 25.93 -27.06
C PHE D 168 -12.70 24.80 -27.09
N LEU D 169 -13.10 24.33 -28.27
CA LEU D 169 -14.09 23.26 -28.34
C LEU D 169 -13.61 22.18 -29.28
N LEU D 170 -13.75 20.91 -28.86
CA LEU D 170 -13.43 19.79 -29.76
C LEU D 170 -14.72 19.14 -30.21
N ALA D 171 -14.92 18.99 -31.55
CA ALA D 171 -16.13 18.39 -32.08
C ALA D 171 -15.81 17.40 -33.19
N ARG D 172 -16.70 16.43 -33.39
CA ARG D 172 -16.55 15.45 -34.45
C ARG D 172 -17.00 16.09 -35.77
N SER D 173 -16.08 16.18 -36.74
CA SER D 173 -16.34 16.80 -38.04
C SER D 173 -16.50 15.79 -39.17
N ASP D 174 -16.10 14.52 -38.94
CA ASP D 174 -16.25 13.47 -39.96
C ASP D 174 -17.39 12.54 -39.54
N PRO D 175 -18.52 12.53 -40.27
CA PRO D 175 -19.66 11.68 -39.89
C PRO D 175 -19.44 10.16 -40.11
N ASP D 176 -18.45 9.79 -40.93
CA ASP D 176 -18.07 8.41 -41.22
C ASP D 176 -17.63 7.71 -39.91
N PRO D 177 -18.32 6.63 -39.48
CA PRO D 177 -17.93 5.95 -38.22
C PRO D 177 -16.59 5.24 -38.26
N LYS D 178 -16.05 4.98 -39.47
CA LYS D 178 -14.76 4.33 -39.65
C LYS D 178 -13.59 5.34 -39.71
N ALA D 179 -13.89 6.65 -39.62
CA ALA D 179 -12.84 7.67 -39.67
C ALA D 179 -11.92 7.56 -38.45
N PRO D 180 -10.59 7.47 -38.65
CA PRO D 180 -9.68 7.35 -37.49
C PRO D 180 -9.68 8.62 -36.66
N ALA D 181 -9.35 8.49 -35.37
CA ALA D 181 -9.32 9.62 -34.43
C ALA D 181 -8.48 10.81 -34.93
N ASN D 182 -7.34 10.53 -35.61
CA ASN D 182 -6.47 11.59 -36.12
C ASN D 182 -7.03 12.38 -37.32
N LYS D 183 -8.21 11.99 -37.84
CA LYS D 183 -8.84 12.70 -38.95
C LYS D 183 -10.30 13.12 -38.66
N ALA D 184 -10.90 12.59 -37.56
CA ALA D 184 -12.34 12.75 -37.31
C ALA D 184 -12.79 14.01 -36.60
N PHE D 185 -11.87 14.72 -35.94
CA PHE D 185 -12.23 15.86 -35.09
C PHE D 185 -11.66 17.16 -35.51
N THR D 186 -12.32 18.26 -35.15
CA THR D 186 -11.84 19.60 -35.46
C THR D 186 -11.90 20.42 -34.16
N GLY D 187 -10.87 21.21 -33.91
CA GLY D 187 -10.79 22.10 -32.75
C GLY D 187 -11.16 23.50 -33.15
N PHE D 188 -12.00 24.18 -32.34
CA PHE D 188 -12.47 25.52 -32.65
C PHE D 188 -12.26 26.46 -31.50
N ILE D 189 -12.20 27.75 -31.82
CA ILE D 189 -12.28 28.80 -30.81
C ILE D 189 -13.75 29.28 -30.94
N VAL D 190 -14.50 29.29 -29.85
CA VAL D 190 -15.93 29.69 -29.93
C VAL D 190 -16.17 30.83 -28.92
N GLU D 191 -16.67 31.96 -29.38
CA GLU D 191 -16.97 33.05 -28.45
C GLU D 191 -18.20 32.72 -27.65
N ALA D 192 -18.11 32.96 -26.33
CA ALA D 192 -19.19 32.58 -25.42
C ALA D 192 -20.54 33.28 -25.67
N ASP D 193 -20.52 34.45 -26.27
CA ASP D 193 -21.71 35.24 -26.56
C ASP D 193 -22.43 34.83 -27.86
N THR D 194 -21.99 33.74 -28.49
CA THR D 194 -22.59 33.27 -29.73
C THR D 194 -24.01 32.76 -29.48
N PRO D 195 -25.01 33.19 -30.28
CA PRO D 195 -26.37 32.65 -30.12
C PRO D 195 -26.37 31.12 -30.23
N GLY D 196 -27.18 30.47 -29.40
CA GLY D 196 -27.30 29.03 -29.39
C GLY D 196 -26.55 28.35 -28.26
N ILE D 197 -25.73 29.10 -27.52
CA ILE D 197 -24.99 28.51 -26.39
C ILE D 197 -25.87 28.67 -25.13
N GLN D 198 -26.09 27.57 -24.40
CA GLN D 198 -26.83 27.64 -23.16
C GLN D 198 -25.93 27.11 -22.07
N ILE D 199 -25.58 27.98 -21.16
CA ILE D 199 -24.76 27.65 -20.01
C ILE D 199 -25.64 26.97 -18.93
N GLY D 200 -25.21 25.79 -18.47
CA GLY D 200 -25.98 25.01 -17.52
C GLY D 200 -25.77 25.43 -16.08
N ARG D 201 -26.23 24.60 -15.16
CA ARG D 201 -26.13 24.90 -13.74
C ARG D 201 -24.70 24.81 -13.25
N LYS D 202 -24.43 25.44 -12.10
CA LYS D 202 -23.13 25.26 -11.45
C LYS D 202 -23.21 23.87 -10.85
N GLU D 203 -22.26 23.00 -11.20
CA GLU D 203 -22.30 21.66 -10.62
C GLU D 203 -21.82 21.74 -9.16
N LEU D 204 -22.45 20.96 -8.27
CA LEU D 204 -22.13 20.96 -6.86
C LEU D 204 -21.33 19.71 -6.55
N ASN D 205 -20.00 19.88 -6.43
CA ASN D 205 -19.08 18.77 -6.24
C ASN D 205 -18.62 18.66 -4.82
N MET D 206 -17.94 17.54 -4.52
CA MET D 206 -17.47 17.35 -3.15
C MET D 206 -16.43 18.42 -2.76
N GLY D 207 -15.53 18.73 -3.69
CA GLY D 207 -14.41 19.64 -3.45
C GLY D 207 -14.26 20.70 -4.52
N GLN D 208 -13.24 21.58 -4.35
CA GLN D 208 -12.97 22.74 -5.21
C GLN D 208 -14.27 23.48 -5.46
N ARG D 209 -15.04 23.67 -4.36
CA ARG D 209 -16.39 24.20 -4.46
C ARG D 209 -16.54 25.59 -5.00
N CYS D 210 -15.51 26.44 -4.86
CA CYS D 210 -15.64 27.80 -5.40
C CYS D 210 -15.30 27.88 -6.91
N SER D 211 -14.69 26.81 -7.46
CA SER D 211 -14.40 26.74 -8.90
C SER D 211 -15.74 26.64 -9.62
N ASP D 212 -15.83 27.28 -10.78
CA ASP D 212 -17.06 27.23 -11.58
C ASP D 212 -16.93 26.01 -12.51
N THR D 213 -17.83 25.01 -12.43
CA THR D 213 -17.81 23.81 -13.28
C THR D 213 -19.22 23.66 -13.84
N ARG D 214 -19.37 23.70 -15.16
CA ARG D 214 -20.71 23.67 -15.73
C ARG D 214 -20.77 22.88 -17.00
N GLY D 215 -21.95 22.30 -17.25
CA GLY D 215 -22.29 21.73 -18.55
C GLY D 215 -22.66 22.88 -19.49
N ILE D 216 -22.39 22.74 -20.79
CA ILE D 216 -22.69 23.81 -21.75
C ILE D 216 -23.35 23.15 -22.94
N VAL D 217 -24.42 23.74 -23.42
CA VAL D 217 -25.10 23.19 -24.56
C VAL D 217 -24.89 24.06 -25.75
N PHE D 218 -24.62 23.45 -26.92
CA PHE D 218 -24.46 24.14 -28.20
C PHE D 218 -25.59 23.72 -29.13
N GLU D 219 -26.52 24.64 -29.45
CA GLU D 219 -27.63 24.34 -30.33
C GLU D 219 -27.52 25.19 -31.58
N ASP D 220 -27.12 24.55 -32.72
CA ASP D 220 -26.96 25.22 -34.01
C ASP D 220 -26.09 26.48 -33.86
N VAL D 221 -24.98 26.32 -33.13
CA VAL D 221 -24.03 27.40 -32.89
C VAL D 221 -23.15 27.60 -34.11
N LYS D 222 -23.18 28.81 -34.68
CA LYS D 222 -22.41 29.13 -35.88
C LYS D 222 -21.01 29.62 -35.51
N VAL D 223 -19.98 28.95 -36.05
CA VAL D 223 -18.57 29.27 -35.78
C VAL D 223 -17.88 29.59 -37.11
N PRO D 224 -17.25 30.77 -37.26
CA PRO D 224 -16.57 31.05 -38.54
C PRO D 224 -15.41 30.09 -38.79
N LYS D 225 -15.16 29.76 -40.07
CA LYS D 225 -14.07 28.87 -40.45
C LYS D 225 -12.71 29.41 -40.00
N GLU D 226 -12.62 30.74 -39.82
CA GLU D 226 -11.38 31.38 -39.38
C GLU D 226 -11.04 31.04 -37.93
N ASN D 227 -12.00 30.45 -37.21
CA ASN D 227 -11.81 30.01 -35.81
C ASN D 227 -11.39 28.55 -35.69
N VAL D 228 -11.08 27.89 -36.81
CA VAL D 228 -10.63 26.50 -36.79
C VAL D 228 -9.13 26.48 -36.48
N LEU D 229 -8.72 25.60 -35.56
CA LEU D 229 -7.30 25.44 -35.25
C LEU D 229 -6.65 24.47 -36.23
N ILE D 230 -5.69 24.98 -37.04
CA ILE D 230 -4.93 24.25 -38.07
C ILE D 230 -5.79 23.92 -39.28
N GLY D 231 -6.84 23.13 -39.09
CA GLY D 231 -7.72 22.74 -40.18
C GLY D 231 -8.66 21.64 -39.79
N ASP D 232 -9.57 21.30 -40.72
CA ASP D 232 -10.54 20.20 -40.54
C ASP D 232 -9.78 18.91 -40.26
N GLY D 233 -10.14 18.21 -39.19
CA GLY D 233 -9.52 16.93 -38.85
C GLY D 233 -8.29 16.96 -37.98
N ALA D 234 -7.76 18.16 -37.68
CA ALA D 234 -6.57 18.28 -36.84
C ALA D 234 -6.87 18.39 -35.34
N GLY D 235 -8.14 18.30 -34.97
CA GLY D 235 -8.57 18.50 -33.58
C GLY D 235 -7.95 17.58 -32.56
N PHE D 236 -7.91 16.29 -32.87
CA PHE D 236 -7.40 15.32 -31.91
C PHE D 236 -5.94 15.61 -31.52
N LYS D 237 -5.07 15.88 -32.51
CA LYS D 237 -3.66 16.18 -32.23
C LYS D 237 -3.47 17.48 -31.46
N VAL D 238 -4.30 18.49 -31.76
CA VAL D 238 -4.26 19.77 -31.04
C VAL D 238 -4.61 19.56 -29.57
N ALA D 239 -5.76 18.91 -29.31
CA ALA D 239 -6.21 18.68 -27.94
C ALA D 239 -5.21 17.84 -27.15
N MET D 240 -4.69 16.76 -27.76
CA MET D 240 -3.70 15.87 -27.11
C MET D 240 -2.37 16.57 -26.85
N GLY D 241 -1.95 17.39 -27.82
CA GLY D 241 -0.70 18.15 -27.72
C GLY D 241 -0.69 19.14 -26.57
N ALA D 242 -1.85 19.75 -26.31
CA ALA D 242 -1.99 20.74 -25.22
C ALA D 242 -1.67 20.15 -23.83
N PHE D 243 -1.90 18.86 -23.63
CA PHE D 243 -1.57 18.20 -22.33
C PHE D 243 -0.09 18.25 -21.94
N ASP D 244 0.81 18.31 -22.92
CA ASP D 244 2.25 18.37 -22.64
C ASP D 244 2.58 19.58 -21.79
N LYS D 245 1.88 20.70 -22.06
CA LYS D 245 2.14 21.90 -21.31
C LYS D 245 1.26 22.06 -20.11
N THR D 246 0.07 21.45 -20.09
CA THR D 246 -0.86 21.66 -18.97
C THR D 246 -0.74 20.61 -17.88
N ARG D 247 -0.49 19.36 -18.26
CA ARG D 247 -0.38 18.28 -17.27
C ARG D 247 0.62 18.54 -16.12
N PRO D 248 1.86 19.05 -16.38
CA PRO D 248 2.75 19.35 -15.24
C PRO D 248 2.16 20.41 -14.30
N VAL D 249 1.38 21.36 -14.84
CA VAL D 249 0.76 22.44 -14.06
C VAL D 249 -0.31 21.87 -13.12
N VAL D 250 -1.10 20.91 -13.62
CA VAL D 250 -2.12 20.24 -12.80
C VAL D 250 -1.44 19.45 -11.67
N ALA D 251 -0.34 18.73 -12.00
CA ALA D 251 0.43 17.99 -11.01
C ALA D 251 0.97 18.97 -9.95
N ALA D 252 1.40 20.19 -10.38
CA ALA D 252 1.93 21.19 -9.43
C ALA D 252 0.84 21.64 -8.44
N GLY D 253 -0.39 21.70 -8.92
CA GLY D 253 -1.56 22.02 -8.08
C GLY D 253 -1.73 20.97 -6.98
N ALA D 254 -1.65 19.69 -7.37
CA ALA D 254 -1.76 18.58 -6.41
C ALA D 254 -0.65 18.69 -5.36
N VAL D 255 0.58 19.06 -5.82
CA VAL D 255 1.70 19.21 -4.91
C VAL D 255 1.46 20.34 -3.89
N GLY D 256 0.90 21.45 -4.36
CA GLY D 256 0.60 22.57 -3.46
C GLY D 256 -0.39 22.18 -2.38
N LEU D 257 -1.45 21.44 -2.76
CA LEU D 257 -2.44 20.95 -1.79
C LEU D 257 -1.72 20.00 -0.80
N ALA D 258 -0.89 19.08 -1.33
CA ALA D 258 -0.16 18.11 -0.49
C ALA D 258 0.75 18.84 0.49
N GLN D 259 1.44 19.91 0.02
CA GLN D 259 2.34 20.67 0.91
C GLN D 259 1.50 21.35 2.03
N ARG D 260 0.34 21.88 1.68
CA ARG D 260 -0.56 22.49 2.68
C ARG D 260 -0.96 21.45 3.73
N ALA D 261 -1.39 20.27 3.29
CA ALA D 261 -1.78 19.19 4.22
C ALA D 261 -0.60 18.84 5.15
N LEU D 262 0.61 18.70 4.58
CA LEU D 262 1.78 18.39 5.37
C LEU D 262 2.05 19.48 6.39
N ASP D 263 1.99 20.75 5.96
CA ASP D 263 2.24 21.85 6.90
C ASP D 263 1.22 21.89 8.05
N GLU D 264 -0.07 21.74 7.73
CA GLU D 264 -1.12 21.78 8.75
C GLU D 264 -0.93 20.66 9.76
N ALA D 265 -0.58 19.46 9.26
CA ALA D 265 -0.40 18.28 10.12
C ALA D 265 0.82 18.43 10.99
N THR D 266 1.93 18.94 10.43
CA THR D 266 3.17 19.10 11.21
C THR D 266 2.98 20.10 12.33
N LYS D 267 2.39 21.26 12.00
CA LYS D 267 2.19 22.33 12.98
C LYS D 267 1.31 21.81 14.11
N TYR D 268 0.25 21.06 13.77
CA TYR D 268 -0.65 20.50 14.79
C TYR D 268 0.05 19.49 15.68
N ALA D 269 0.89 18.64 15.08
CA ALA D 269 1.63 17.59 15.78
C ALA D 269 2.68 18.21 16.73
N LEU D 270 3.09 19.48 16.51
CA LEU D 270 4.01 20.18 17.41
C LEU D 270 3.30 20.93 18.54
N GLU D 271 1.97 20.87 18.56
CA GLU D 271 1.19 21.58 19.60
C GLU D 271 0.34 20.64 20.45
N ARG D 272 -0.22 19.61 19.83
CA ARG D 272 -1.11 18.70 20.52
C ARG D 272 -0.34 17.67 21.32
N LYS D 273 -0.71 17.49 22.59
CA LYS D 273 -0.09 16.51 23.45
C LYS D 273 -1.07 15.39 23.76
N THR D 274 -0.59 14.14 23.73
CA THR D 274 -1.39 12.99 24.18
C THR D 274 -0.43 12.07 24.94
N PHE D 275 -0.93 11.40 25.97
CA PHE D 275 -0.12 10.46 26.78
C PHE D 275 1.17 11.13 27.28
N GLY D 276 1.06 12.43 27.60
CA GLY D 276 2.18 13.21 28.15
C GLY D 276 3.23 13.68 27.18
N LYS D 277 3.03 13.48 25.88
CA LYS D 277 4.01 13.88 24.86
C LYS D 277 3.36 14.60 23.70
N LEU D 278 4.13 15.45 22.98
CA LEU D 278 3.64 16.05 21.74
C LEU D 278 3.43 14.93 20.74
N LEU D 279 2.48 15.10 19.79
CA LEU D 279 2.26 14.03 18.79
C LEU D 279 3.53 13.66 18.05
N VAL D 280 4.41 14.63 17.75
CA VAL D 280 5.66 14.34 17.03
C VAL D 280 6.55 13.35 17.78
N GLU D 281 6.35 13.24 19.12
CA GLU D 281 7.15 12.34 19.94
C GLU D 281 6.66 10.89 19.89
N HIS D 282 5.48 10.65 19.28
CA HIS D 282 4.97 9.28 19.10
C HIS D 282 5.52 8.83 17.76
N GLN D 283 6.39 7.80 17.79
CA GLN D 283 7.07 7.37 16.59
C GLN D 283 6.17 7.11 15.39
N ALA D 284 4.96 6.56 15.58
CA ALA D 284 4.05 6.32 14.47
C ALA D 284 3.68 7.63 13.76
N ILE D 285 3.53 8.73 14.50
CA ILE D 285 3.19 10.03 13.94
C ILE D 285 4.41 10.61 13.23
N SER D 286 5.61 10.55 13.86
CA SER D 286 6.82 11.07 13.19
CA SER D 286 6.82 11.06 13.20
C SER D 286 7.08 10.30 11.90
N PHE D 287 6.86 8.97 11.90
CA PHE D 287 7.05 8.14 10.67
C PHE D 287 6.05 8.54 9.60
N MET D 288 4.78 8.79 9.93
N MET D 288 4.80 8.79 9.94
CA MET D 288 3.82 9.34 8.98
CA MET D 288 3.81 9.33 9.01
C MET D 288 4.27 10.65 8.37
C MET D 288 4.24 10.66 8.39
N LEU D 289 4.70 11.58 9.22
CA LEU D 289 5.15 12.88 8.69
C LEU D 289 6.37 12.71 7.79
N ALA D 290 7.30 11.78 8.13
CA ALA D 290 8.49 11.55 7.32
C ALA D 290 8.06 11.03 5.95
N GLU D 291 7.12 10.07 5.94
CA GLU D 291 6.66 9.49 4.67
C GLU D 291 5.91 10.53 3.82
N MET D 292 5.12 11.38 4.48
CA MET D 292 4.40 12.47 3.81
C MET D 292 5.42 13.44 3.20
N ALA D 293 6.48 13.82 3.95
CA ALA D 293 7.52 14.71 3.41
C ALA D 293 8.22 14.07 2.20
N MET D 294 8.51 12.76 2.27
CA MET D 294 9.16 12.05 1.15
C MET D 294 8.28 12.18 -0.09
N GLU D 295 6.98 11.91 0.05
CA GLU D 295 6.04 11.93 -1.07
C GLU D 295 5.92 13.28 -1.70
N VAL D 296 5.85 14.34 -0.89
CA VAL D 296 5.74 15.70 -1.45
C VAL D 296 7.00 16.05 -2.22
N GLU D 297 8.16 15.77 -1.65
CA GLU D 297 9.43 16.11 -2.33
C GLU D 297 9.54 15.42 -3.68
N LEU D 298 9.22 14.15 -3.73
CA LEU D 298 9.31 13.35 -4.96
C LEU D 298 8.28 13.83 -5.99
N ALA D 299 7.06 14.13 -5.51
CA ALA D 299 6.01 14.60 -6.43
C ALA D 299 6.41 15.97 -7.01
N ARG D 300 7.02 16.84 -6.19
CA ARG D 300 7.44 18.16 -6.71
C ARG D 300 8.52 17.97 -7.79
N MET D 301 9.52 17.09 -7.54
CA MET D 301 10.54 16.88 -8.58
C MET D 301 9.93 16.27 -9.84
N SER D 302 8.86 15.46 -9.69
N SER D 302 8.88 15.45 -9.69
CA SER D 302 8.25 14.85 -10.87
CA SER D 302 8.22 14.82 -10.83
C SER D 302 7.68 15.90 -11.80
C SER D 302 7.62 15.86 -11.79
N TYR D 303 6.97 16.92 -11.24
CA TYR D 303 6.40 17.95 -12.14
C TYR D 303 7.49 18.87 -12.69
N GLN D 304 8.52 19.14 -11.87
CA GLN D 304 9.67 19.98 -12.28
C GLN D 304 10.35 19.34 -13.48
N ARG D 305 10.52 18.01 -13.43
CA ARG D 305 11.14 17.29 -14.56
C ARG D 305 10.26 17.40 -15.80
N ALA D 306 8.94 17.13 -15.66
CA ALA D 306 8.05 17.17 -16.83
C ALA D 306 8.02 18.58 -17.44
N ALA D 307 8.04 19.60 -16.59
CA ALA D 307 8.03 21.00 -17.07
C ALA D 307 9.33 21.37 -17.77
N TRP D 308 10.47 20.93 -17.21
CA TRP D 308 11.76 21.23 -17.83
C TRP D 308 11.87 20.54 -19.19
N GLU D 309 11.35 19.29 -19.30
CA GLU D 309 11.39 18.54 -20.57
C GLU D 309 10.71 19.32 -21.67
N VAL D 310 9.46 19.73 -21.44
CA VAL D 310 8.73 20.46 -22.48
C VAL D 310 9.35 21.83 -22.77
N ASP D 311 9.83 22.54 -21.73
CA ASP D 311 10.51 23.83 -21.93
C ASP D 311 11.81 23.70 -22.72
N SER D 312 12.42 22.50 -22.67
CA SER D 312 13.65 22.19 -23.41
C SER D 312 13.40 21.83 -24.86
N GLY D 313 12.13 21.78 -25.25
CA GLY D 313 11.69 21.46 -26.61
C GLY D 313 11.53 19.98 -26.89
N ARG D 314 11.36 19.16 -25.84
CA ARG D 314 11.15 17.73 -26.05
C ARG D 314 9.71 17.36 -25.73
N ARG D 315 9.17 16.30 -26.37
CA ARG D 315 7.85 15.78 -26.01
C ARG D 315 8.03 15.27 -24.57
N ASN D 316 7.09 15.56 -23.66
CA ASN D 316 7.30 15.15 -22.25
C ASN D 316 6.21 14.21 -21.76
N THR D 317 5.45 13.59 -22.68
CA THR D 317 4.29 12.75 -22.35
C THR D 317 4.51 11.78 -21.20
N TYR D 318 5.60 11.02 -21.27
CA TYR D 318 5.95 10.03 -20.25
C TYR D 318 6.17 10.73 -18.87
N TYR D 319 7.02 11.77 -18.83
CA TYR D 319 7.25 12.42 -17.54
C TYR D 319 6.02 13.14 -17.01
N ALA D 320 5.23 13.77 -17.89
CA ALA D 320 4.03 14.51 -17.47
C ALA D 320 3.00 13.56 -16.87
N SER D 321 2.82 12.36 -17.46
CA SER D 321 1.87 11.39 -16.91
C SER D 321 2.37 10.74 -15.64
N ILE D 322 3.70 10.56 -15.51
CA ILE D 322 4.22 10.07 -14.22
C ILE D 322 3.90 11.11 -13.14
N ALA D 323 4.15 12.40 -13.44
CA ALA D 323 3.91 13.47 -12.46
C ALA D 323 2.45 13.56 -12.07
N LYS D 324 1.53 13.55 -13.05
CA LYS D 324 0.10 13.65 -12.75
C LYS D 324 -0.36 12.45 -11.93
N ALA D 325 0.08 11.24 -12.31
CA ALA D 325 -0.33 10.03 -11.59
C ALA D 325 0.19 10.06 -10.14
N PHE D 326 1.49 10.32 -9.96
CA PHE D 326 2.10 10.28 -8.63
C PHE D 326 1.63 11.45 -7.78
N ALA D 327 1.61 12.68 -8.31
CA ALA D 327 1.19 13.84 -7.48
C ALA D 327 -0.28 13.71 -7.10
N GLY D 328 -1.12 13.23 -8.02
CA GLY D 328 -2.55 13.00 -7.74
C GLY D 328 -2.74 12.01 -6.61
N ASP D 329 -2.00 10.88 -6.65
CA ASP D 329 -2.11 9.86 -5.60
C ASP D 329 -1.62 10.42 -4.25
N ILE D 330 -0.47 11.08 -4.26
CA ILE D 330 0.05 11.54 -2.95
C ILE D 330 -0.75 12.70 -2.35
N ALA D 331 -1.36 13.56 -3.19
CA ALA D 331 -2.20 14.64 -2.62
C ALA D 331 -3.35 13.98 -1.84
N ASN D 332 -3.91 12.87 -2.39
CA ASN D 332 -4.99 12.16 -1.69
C ASN D 332 -4.51 11.49 -0.42
N GLN D 333 -3.35 10.85 -0.49
CA GLN D 333 -2.83 10.20 0.70
C GLN D 333 -2.53 11.25 1.80
N LEU D 334 -1.87 12.34 1.43
CA LEU D 334 -1.48 13.36 2.41
C LEU D 334 -2.68 14.03 3.03
N ALA D 335 -3.74 14.27 2.24
CA ALA D 335 -4.91 14.95 2.78
C ALA D 335 -5.60 14.08 3.83
N THR D 336 -5.73 12.77 3.57
CA THR D 336 -6.37 11.90 4.58
C THR D 336 -5.48 11.71 5.80
N ASP D 337 -4.15 11.66 5.62
CA ASP D 337 -3.21 11.59 6.76
C ASP D 337 -3.28 12.88 7.59
N ALA D 338 -3.47 14.06 6.95
CA ALA D 338 -3.56 15.32 7.72
C ALA D 338 -4.85 15.34 8.54
N VAL D 339 -5.97 14.87 7.97
CA VAL D 339 -7.24 14.75 8.73
C VAL D 339 -6.98 13.80 9.91
N GLN D 340 -6.31 12.69 9.64
CA GLN D 340 -6.01 11.68 10.69
C GLN D 340 -5.21 12.27 11.85
N ILE D 341 -4.14 13.00 11.53
CA ILE D 341 -3.27 13.60 12.56
C ILE D 341 -4.05 14.58 13.45
N LEU D 342 -5.00 15.31 12.86
CA LEU D 342 -5.80 16.25 13.67
C LEU D 342 -6.92 15.58 14.46
N GLY D 343 -7.17 14.29 14.22
CA GLY D 343 -8.19 13.53 14.94
C GLY D 343 -9.58 14.09 14.75
N GLY D 344 -10.35 14.17 15.84
CA GLY D 344 -11.71 14.70 15.83
C GLY D 344 -11.77 16.09 15.20
N ASN D 345 -10.80 16.96 15.59
CA ASN D 345 -10.70 18.29 15.01
C ASN D 345 -10.52 18.23 13.46
N GLY D 346 -9.75 17.25 12.99
CA GLY D 346 -9.51 17.06 11.56
C GLY D 346 -10.78 16.79 10.76
N PHE D 347 -11.76 16.13 11.39
CA PHE D 347 -13.04 15.80 10.72
C PHE D 347 -13.99 17.00 10.69
N ASN D 348 -13.65 18.04 11.46
CA ASN D 348 -14.50 19.20 11.64
C ASN D 348 -14.22 20.35 10.65
N THR D 349 -15.31 21.03 10.23
CA THR D 349 -15.20 22.10 9.20
C THR D 349 -14.53 23.38 9.70
N GLU D 350 -14.28 23.54 11.01
CA GLU D 350 -13.62 24.75 11.54
C GLU D 350 -12.10 24.61 11.39
N TYR D 351 -11.62 23.39 11.12
CA TYR D 351 -10.21 23.15 10.87
C TYR D 351 -10.02 23.06 9.36
N PRO D 352 -8.79 23.32 8.85
CA PRO D 352 -8.61 23.43 7.38
C PRO D 352 -8.41 22.15 6.58
N VAL D 353 -8.23 21.03 7.26
CA VAL D 353 -7.86 19.79 6.58
C VAL D 353 -8.94 19.02 5.87
N GLU D 354 -10.17 19.01 6.40
CA GLU D 354 -11.23 18.23 5.70
C GLU D 354 -11.48 18.82 4.31
N LYS D 355 -11.32 20.16 4.15
CA LYS D 355 -11.47 20.76 2.81
C LYS D 355 -10.40 20.19 1.87
N LEU D 356 -9.18 20.01 2.38
CA LEU D 356 -8.09 19.43 1.56
C LEU D 356 -8.41 18.03 1.10
N MET D 357 -9.03 17.21 1.97
CA MET D 357 -9.41 15.87 1.60
C MET D 357 -10.48 15.88 0.50
N ARG D 358 -11.46 16.79 0.62
CA ARG D 358 -12.52 16.88 -0.40
C ARG D 358 -11.94 17.39 -1.72
N ASP D 359 -11.06 18.42 -1.65
CA ASP D 359 -10.44 18.95 -2.86
C ASP D 359 -9.52 17.98 -3.57
N ALA D 360 -8.75 17.16 -2.81
CA ALA D 360 -7.71 16.32 -3.40
C ALA D 360 -8.22 15.27 -4.37
N LYS D 361 -9.44 14.81 -4.14
CA LYS D 361 -9.92 13.68 -4.95
C LYS D 361 -9.99 14.00 -6.45
N ILE D 362 -10.23 15.26 -6.80
CA ILE D 362 -10.30 15.65 -8.22
C ILE D 362 -8.98 15.38 -8.97
N TYR D 363 -7.86 15.41 -8.27
CA TYR D 363 -6.55 15.15 -8.91
C TYR D 363 -6.36 13.71 -9.42
N GLN D 364 -7.22 12.80 -9.00
CA GLN D 364 -7.17 11.43 -9.53
C GLN D 364 -8.16 11.28 -10.69
N ILE D 365 -8.92 12.35 -10.99
CA ILE D 365 -9.99 12.28 -11.98
C ILE D 365 -9.83 13.23 -13.15
N TYR D 366 -9.80 14.52 -12.90
CA TYR D 366 -9.76 15.44 -14.05
C TYR D 366 -8.44 15.55 -14.71
N GLU D 367 -8.43 16.01 -15.98
CA GLU D 367 -7.18 16.14 -16.75
C GLU D 367 -6.48 14.79 -16.90
N GLY D 368 -7.27 13.75 -17.11
CA GLY D 368 -6.76 12.39 -17.28
C GLY D 368 -6.74 11.66 -15.96
N THR D 369 -7.68 10.70 -15.79
CA THR D 369 -7.74 9.96 -14.52
C THR D 369 -6.45 9.20 -14.20
N SER D 370 -6.34 8.73 -12.96
CA SER D 370 -5.21 7.87 -12.51
C SER D 370 -5.03 6.68 -13.49
N GLN D 371 -6.12 6.06 -13.92
CA GLN D 371 -6.05 4.91 -14.84
C GLN D 371 -5.53 5.33 -16.19
N ILE D 372 -6.05 6.45 -16.72
CA ILE D 372 -5.60 6.92 -18.03
C ILE D 372 -4.11 7.29 -17.98
N GLN D 373 -3.64 7.86 -16.84
CA GLN D 373 -2.23 8.21 -16.75
C GLN D 373 -1.38 6.95 -16.81
N ARG D 374 -1.84 5.87 -16.16
CA ARG D 374 -1.12 4.61 -16.20
C ARG D 374 -1.11 4.01 -17.61
N LEU D 375 -2.23 4.15 -18.34
CA LEU D 375 -2.29 3.66 -19.73
C LEU D 375 -1.25 4.43 -20.59
N ILE D 376 -1.13 5.75 -20.38
CA ILE D 376 -0.15 6.59 -21.11
C ILE D 376 1.28 6.19 -20.75
N VAL D 377 1.59 6.13 -19.44
CA VAL D 377 2.93 5.74 -19.01
C VAL D 377 3.29 4.37 -19.57
N ALA D 378 2.38 3.38 -19.47
CA ALA D 378 2.68 2.04 -20.00
C ALA D 378 3.02 2.09 -21.51
N ARG D 379 2.21 2.83 -22.29
CA ARG D 379 2.43 2.93 -23.75
C ARG D 379 3.79 3.56 -24.04
N GLU D 380 4.11 4.67 -23.37
CA GLU D 380 5.41 5.35 -23.56
C GLU D 380 6.56 4.50 -23.10
N HIS D 381 6.35 3.76 -21.98
CA HIS D 381 7.38 2.88 -21.44
C HIS D 381 7.67 1.71 -22.41
N ILE D 382 6.63 1.00 -22.82
CA ILE D 382 6.74 -0.16 -23.69
C ILE D 382 7.33 0.18 -25.03
N ASP D 383 7.03 1.38 -25.55
CA ASP D 383 7.53 1.86 -26.83
C ASP D 383 9.06 1.90 -26.90
N LYS D 384 9.73 2.08 -25.76
CA LYS D 384 11.19 2.10 -25.68
C LYS D 384 11.82 0.72 -25.94
N TYR D 385 11.03 -0.38 -25.81
CA TYR D 385 11.55 -1.76 -25.91
C TYR D 385 11.19 -2.50 -27.18
N LYS D 386 10.34 -1.91 -28.02
CA LYS D 386 9.96 -2.57 -29.27
C LYS D 386 10.29 -1.73 -30.51
PA FAD E . 19.06 -3.39 14.66
O1A FAD E . 19.70 -2.09 14.90
O2A FAD E . 19.09 -4.47 15.69
O5B FAD E . 17.52 -3.16 14.32
C5B FAD E . 16.63 -4.25 14.08
C4B FAD E . 15.35 -3.67 13.49
O4B FAD E . 14.77 -2.69 14.38
C3B FAD E . 15.49 -2.97 12.13
O3B FAD E . 14.30 -3.15 11.37
C2B FAD E . 15.59 -1.49 12.54
O2B FAD E . 15.17 -0.61 11.50
C1B FAD E . 14.63 -1.45 13.73
N9A FAD E . 14.93 -0.38 14.68
C8A FAD E . 16.07 -0.23 15.41
N7A FAD E . 16.07 0.83 16.20
C5A FAD E . 14.84 1.41 15.95
C6A FAD E . 14.22 2.57 16.46
N6A FAD E . 14.82 3.42 17.32
N1A FAD E . 12.96 2.86 16.04
C2A FAD E . 12.38 2.03 15.15
N3A FAD E . 12.87 0.92 14.57
C4A FAD E . 14.12 0.68 15.02
N1 FAD E . 28.01 -2.11 8.95
C2 FAD E . 29.29 -1.59 8.96
O2 FAD E . 29.74 -0.99 9.95
N3 FAD E . 30.07 -1.73 7.83
C4 FAD E . 29.68 -2.37 6.64
O4 FAD E . 30.48 -2.48 5.73
C4X FAD E . 28.35 -2.89 6.64
N5 FAD E . 27.96 -3.62 5.60
C5X FAD E . 26.83 -4.42 5.76
C6 FAD E . 26.59 -5.45 4.84
C7 FAD E . 25.56 -6.37 5.03
C7M FAD E . 25.35 -7.48 4.03
C8 FAD E . 24.69 -6.21 6.14
C8M FAD E . 23.59 -7.19 6.44
C9 FAD E . 24.91 -5.18 7.05
C9A FAD E . 25.99 -4.30 6.89
N10 FAD E . 26.38 -3.41 7.92
C10 FAD E . 27.56 -2.73 7.85
C1' FAD E . 25.52 -3.36 9.12
C2' FAD E . 24.22 -2.61 8.86
O2' FAD E . 24.47 -1.21 8.81
C3' FAD E . 23.25 -2.97 9.99
O3' FAD E . 22.76 -4.28 9.73
C4' FAD E . 22.09 -1.97 10.05
O4' FAD E . 22.63 -0.67 10.37
C5' FAD E . 21.01 -2.34 11.03
O5' FAD E . 21.59 -2.63 12.32
P FAD E . 21.31 -4.00 12.97
O1P FAD E . 21.37 -5.12 11.97
O2P FAD E . 22.07 -4.07 14.25
O3P FAD E . 19.75 -4.00 13.32
PA FAD F . 1.97 -17.19 -16.93
O1A FAD F . 0.66 -17.83 -17.09
O2A FAD F . 2.93 -17.03 -18.08
O5B FAD F . 1.72 -15.69 -16.33
C5B FAD F . 2.84 -14.79 -16.21
C4B FAD F . 2.34 -13.59 -15.44
O4B FAD F . 1.25 -12.94 -16.14
C3B FAD F . 1.80 -13.89 -14.03
O3B FAD F . 2.06 -12.78 -13.18
C2B FAD F . 0.28 -14.00 -14.27
O2B FAD F . -0.47 -13.68 -13.10
C1B FAD F . 0.10 -12.91 -15.33
N9A FAD F . -1.08 -13.15 -16.18
C8A FAD F . -1.29 -14.21 -17.01
N7A FAD F . -2.43 -14.16 -17.66
C5A FAD F . -3.00 -12.98 -17.22
C6A FAD F . -4.23 -12.34 -17.52
N6A FAD F . -5.15 -12.86 -18.35
N1A FAD F . -4.48 -11.15 -16.95
C2A FAD F . -3.58 -10.64 -16.09
N3A FAD F . -2.42 -11.17 -15.69
C4A FAD F . -2.18 -12.34 -16.30
N1 FAD F . 1.56 -26.77 -12.16
C2 FAD F . 1.10 -28.06 -12.27
O2 FAD F . 0.38 -28.41 -13.22
N3 FAD F . 1.41 -28.95 -11.27
C4 FAD F . 2.16 -28.68 -10.13
O4 FAD F . 2.42 -29.58 -9.35
C4X FAD F . 2.63 -27.30 -10.02
N5 FAD F . 3.47 -27.00 -9.04
C5X FAD F . 4.21 -25.82 -9.16
C6 FAD F . 5.34 -25.64 -8.35
C7 FAD F . 6.19 -24.56 -8.52
C7M FAD F . 7.42 -24.42 -7.66
C8 FAD F . 5.89 -23.60 -9.52
C8M FAD F . 6.82 -22.43 -9.79
C9 FAD F . 4.76 -23.76 -10.30
C9A FAD F . 3.94 -24.89 -10.17
N10 FAD F . 2.92 -25.19 -11.12
C10 FAD F . 2.29 -26.41 -11.10
C1' FAD F . 2.70 -24.23 -12.22
C2' FAD F . 1.98 -22.98 -11.75
O2' FAD F . 0.60 -23.24 -11.56
C3' FAD F . 2.20 -21.86 -12.78
O3' FAD F . 3.54 -21.39 -12.60
C4' FAD F . 1.17 -20.73 -12.60
O4' FAD F . -0.12 -21.27 -12.86
C5' FAD F . 1.43 -19.54 -13.49
O5' FAD F . 1.59 -20.01 -14.85
P FAD F . 2.90 -19.55 -15.61
O1P FAD F . 4.10 -19.74 -14.77
O2P FAD F . 2.80 -20.21 -16.99
O3P FAD F . 2.79 -17.99 -15.79
PA FAD G . -6.07 12.93 19.63
O1A FAD G . -6.18 11.99 20.74
O2A FAD G . -5.59 14.35 19.83
O5B FAD G . -5.12 12.26 18.54
C5B FAD G . -4.66 13.01 17.38
C4B FAD G . -3.97 12.01 16.47
O4B FAD G . -2.81 11.45 17.13
C3B FAD G . -4.80 10.80 16.00
O3B FAD G . -4.41 10.44 14.68
C2B FAD G . -4.38 9.71 16.99
O2B FAD G . -4.55 8.39 16.44
C1B FAD G . -2.90 10.04 17.17
N9A FAD G . -2.35 9.60 18.44
C8A FAD G . -2.73 10.00 19.70
N7A FAD G . -2.06 9.42 20.67
C5A FAD G . -1.18 8.59 20.01
C6A FAD G . -0.18 7.69 20.47
N6A FAD G . 0.05 7.48 21.78
N1A FAD G . 0.53 7.01 19.54
C2A FAD G . 0.27 7.21 18.24
N3A FAD G . -0.64 8.03 17.68
C4A FAD G . -1.33 8.69 18.63
N1 FAD G . -16.28 10.79 22.12
C2 FAD G . -17.16 10.57 23.16
O2 FAD G . -16.78 10.54 24.34
N3 FAD G . -18.50 10.35 22.85
C4 FAD G . -19.04 10.30 21.57
O4 FAD G . -20.26 10.17 21.43
C4X FAD G . -18.11 10.51 20.49
N5 FAD G . -18.57 10.62 19.25
C5X FAD G . -17.74 11.18 18.29
C6 FAD G . -18.30 11.64 17.10
C7 FAD G . -17.54 12.32 16.16
C7M FAD G . -18.20 12.82 14.89
C8 FAD G . -16.16 12.56 16.42
C8M FAD G . -15.29 13.37 15.48
C9 FAD G . -15.61 12.10 17.60
C9A FAD G . -16.38 11.44 18.56
N10 FAD G . -15.88 11.17 19.86
C10 FAD G . -16.73 10.76 20.87
C1' FAD G . -14.48 11.51 20.14
C2' FAD G . -13.51 10.53 19.49
O2' FAD G . -13.49 9.32 20.24
C3' FAD G . -12.12 11.16 19.44
O3' FAD G . -12.15 12.12 18.38
C4' FAD G . -11.02 10.12 19.22
O4' FAD G . -10.98 9.23 20.34
C5' FAD G . -9.64 10.73 18.98
O5' FAD G . -9.34 11.66 20.04
P FAD G . -8.94 13.11 19.63
O1P FAD G . -9.81 13.66 18.57
O2P FAD G . -8.71 13.87 20.95
O3P FAD G . -7.55 12.98 18.91
PA FAD H . -15.11 7.76 -17.44
O1A FAD H . -14.33 8.03 -18.65
O2A FAD H . -16.55 7.32 -17.46
O5B FAD H . -14.33 6.67 -16.57
C5B FAD H . -14.89 6.16 -15.36
C4B FAD H . -13.82 5.38 -14.64
O4B FAD H . -13.35 4.31 -15.49
C3B FAD H . -12.58 6.16 -14.22
O3B FAD H . -12.08 5.60 -13.00
C2B FAD H . -11.59 5.87 -15.35
O2B FAD H . -10.24 6.01 -14.94
C1B FAD H . -11.94 4.42 -15.66
N9A FAD H . -11.64 4.02 -17.03
C8A FAD H . -12.20 4.54 -18.18
N7A FAD H . -11.72 4.00 -19.28
C5A FAD H . -10.78 3.08 -18.82
C6A FAD H . -9.95 2.16 -19.49
N6A FAD H . -9.83 2.10 -20.83
N1A FAD H . -9.18 1.34 -18.75
C2A FAD H . -9.24 1.44 -17.41
N3A FAD H . -9.97 2.29 -16.67
C4A FAD H . -10.73 3.07 -17.44
N1 FAD H . -13.33 18.23 -19.03
C2 FAD H . -13.25 19.24 -19.96
O2 FAD H . -13.37 18.99 -21.17
N3 FAD H . -13.00 20.53 -19.54
C4 FAD H . -12.81 20.94 -18.22
O4 FAD H . -12.63 22.12 -17.94
C4X FAD H . -12.88 19.86 -17.24
N5 FAD H . -12.87 20.19 -15.96
C5X FAD H . -13.30 19.24 -15.05
C6 FAD H . -13.64 19.65 -13.75
C7 FAD H . -14.22 18.78 -12.84
C7M FAD H . -14.60 19.27 -11.47
C8 FAD H . -14.46 17.43 -13.23
C8M FAD H . -15.13 16.46 -12.29
C9 FAD H . -14.11 17.03 -14.50
C9A FAD H . -13.57 17.92 -15.43
N10 FAD H . -13.46 17.58 -16.80
C10 FAD H . -13.16 18.54 -17.74
C1' FAD H . -13.81 16.21 -17.22
C2' FAD H . -12.78 15.17 -16.76
O2' FAD H . -11.66 15.22 -17.63
C3' FAD H . -13.42 13.78 -16.78
O3' FAD H . -14.25 13.67 -15.62
C4' FAD H . -12.36 12.68 -16.79
O4' FAD H . -11.61 12.81 -18.00
C5' FAD H . -12.90 11.28 -16.64
O5' FAD H . -13.95 11.08 -17.62
P FAD H . -15.35 10.61 -17.08
O1P FAD H . -15.75 11.36 -15.87
O2P FAD H . -16.23 10.55 -18.29
O3P FAD H . -15.10 9.13 -16.54
#